data_5HB0
#
_entry.id   5HB0
#
_cell.length_a   75.590
_cell.length_b   111.470
_cell.length_c   111.750
_cell.angle_alpha   91.82
_cell.angle_beta   92.47
_cell.angle_gamma   91.36
#
_symmetry.space_group_name_H-M   'P 1'
#
loop_
_entity.id
_entity.type
_entity.pdbx_description
1 polymer 'Nucleoporin NUP170'
2 polymer 'Nucleoporin NUP145'
#
loop_
_entity_poly.entity_id
_entity_poly.type
_entity_poly.pdbx_seq_one_letter_code
_entity_poly.pdbx_strand_id
1 'polypeptide(L)'
;DDVVTFKAQEQLQRASEQAHNSPVLRALLAESLRLFEQVAGSLTPANLTTAVEQYISLKYYAGAIQLCLTVAQQKDRGNT
ALSWVNDGKPANDSRKKAFDERKICYNLIHQVLDKLESDFAGEPELVDGRPTLAATKRMEAYNVVNDSSDEVFHFDLYEW
YIEKGWTDRILSIDSPHVITYLQRLAETDFRHAELLCRFYTTRSRFFEAAQVQTNLAKSDLNISLKDRIILLSRAKGNAS
VNTIGISRQQQQQLNHEASELLEIAHIQDDLLERLVADPRIPEERKAEIEEFLDGPIRTLTDLFNDYADQANYYDLCLLI
FHAADFHNPRTILDTWNNLINQSHFEAEQRREYWEIVQAGGDLPAGVIAPIAEPPLPYVYVSQQIQLIAHRTSLDSLIFP
VNSLLPVVCAYAINNGQDASIGADPCWPIQLFLNLGVPHALVVQVLENVLDTQEAPFTGRRRKLVVQWIAMAVDMWVREV
ERRGAMAAAAASGASGSEAVMGSWVSELLGRADQVLTQIAGTGAGGAASDAEEIASLRRTVKGLKRSVD
;
B,A,C,D
2 'polypeptide(L)' SHKKLVINKDMRTDLFSPPNKD E,F,G,H
#
# COMPACT_ATOMS: atom_id res chain seq x y z
N ASP A 1 14.04 -21.48 98.08
CA ASP A 1 15.44 -21.29 97.69
C ASP A 1 15.62 -21.08 96.19
N ASP A 2 14.57 -20.63 95.50
CA ASP A 2 14.70 -20.34 94.08
C ASP A 2 15.55 -19.10 93.82
N VAL A 3 15.65 -18.21 94.82
CA VAL A 3 16.44 -16.99 94.66
C VAL A 3 17.93 -17.32 94.63
N VAL A 4 18.38 -18.18 95.56
CA VAL A 4 19.79 -18.56 95.60
C VAL A 4 20.16 -19.34 94.36
N THR A 5 19.19 -20.07 93.79
CA THR A 5 19.46 -20.86 92.59
C THR A 5 19.67 -19.96 91.38
N PHE A 6 18.81 -18.94 91.22
CA PHE A 6 18.96 -18.03 90.09
C PHE A 6 20.32 -17.36 90.10
N LYS A 7 20.79 -16.96 91.28
CA LYS A 7 22.12 -16.37 91.36
C LYS A 7 23.20 -17.37 91.02
N ALA A 8 22.94 -18.66 91.25
CA ALA A 8 23.90 -19.69 90.86
C ALA A 8 23.93 -19.87 89.35
N GLN A 9 22.75 -19.98 88.72
CA GLN A 9 22.68 -20.04 87.27
C GLN A 9 23.19 -18.76 86.62
N GLU A 10 23.04 -17.63 87.32
CA GLU A 10 23.49 -16.34 86.80
C GLU A 10 25.01 -16.30 86.68
N GLN A 11 25.71 -16.70 87.73
CA GLN A 11 27.17 -16.67 87.72
C GLN A 11 27.73 -17.60 86.64
N LEU A 12 27.11 -18.78 86.48
CA LEU A 12 27.58 -19.70 85.45
C LEU A 12 27.30 -19.14 84.07
N GLN A 13 26.08 -18.68 83.82
CA GLN A 13 25.76 -18.04 82.55
C GLN A 13 26.67 -16.86 82.30
N ARG A 14 27.10 -16.17 83.36
CA ARG A 14 28.04 -15.08 83.20
C ARG A 14 29.44 -15.59 82.94
N ALA A 15 29.78 -16.76 83.47
CA ALA A 15 31.11 -17.33 83.27
C ALA A 15 31.31 -17.73 81.81
N SER A 16 30.29 -18.30 81.18
CA SER A 16 30.39 -18.64 79.77
C SER A 16 30.50 -17.38 78.90
N GLU A 17 29.61 -16.41 79.13
CA GLU A 17 29.68 -15.13 78.43
C GLU A 17 30.98 -14.37 78.71
N GLN A 18 31.70 -14.76 79.78
CA GLN A 18 32.85 -13.98 80.24
C GLN A 18 33.89 -13.84 79.14
N ALA A 19 34.31 -14.95 78.54
CA ALA A 19 35.41 -14.91 77.59
C ALA A 19 35.21 -13.85 76.52
N HIS A 20 33.95 -13.49 76.23
CA HIS A 20 33.65 -12.50 75.21
C HIS A 20 33.49 -11.09 75.78
N ASN A 21 32.97 -10.97 77.00
CA ASN A 21 32.89 -9.67 77.67
C ASN A 21 34.28 -9.14 78.04
N SER A 22 35.28 -10.01 78.10
CA SER A 22 36.59 -9.63 78.61
C SER A 22 37.25 -8.61 77.68
N PRO A 23 37.70 -7.47 78.20
CA PRO A 23 38.45 -6.52 77.36
C PRO A 23 39.92 -6.91 77.19
N VAL A 24 40.42 -7.86 77.99
CA VAL A 24 41.80 -8.28 77.85
C VAL A 24 41.98 -9.08 76.57
N LEU A 25 41.12 -10.06 76.36
CA LEU A 25 41.17 -10.83 75.12
C LEU A 25 41.02 -9.91 73.92
N ARG A 26 39.91 -9.19 73.86
CA ARG A 26 39.65 -8.22 72.81
C ARG A 26 40.91 -7.40 72.54
N ALA A 27 41.69 -7.11 73.60
CA ALA A 27 42.93 -6.37 73.45
C ALA A 27 44.09 -7.26 73.02
N LEU A 28 44.19 -8.47 73.59
CA LEU A 28 45.23 -9.41 73.19
C LEU A 28 45.04 -9.87 71.75
N LEU A 29 43.83 -10.34 71.42
CA LEU A 29 43.56 -10.82 70.07
C LEU A 29 43.79 -9.71 69.05
N ALA A 30 43.28 -8.50 69.33
CA ALA A 30 43.47 -7.39 68.41
C ALA A 30 44.95 -7.04 68.25
N GLU A 31 45.75 -7.32 69.28
CA GLU A 31 47.19 -7.06 69.21
C GLU A 31 47.91 -8.10 68.39
N SER A 32 47.54 -9.38 68.56
CA SER A 32 48.13 -10.44 67.76
C SER A 32 47.82 -10.27 66.28
N LEU A 33 46.58 -9.88 65.97
CA LEU A 33 46.21 -9.59 64.59
C LEU A 33 47.04 -8.44 64.04
N ARG A 34 47.24 -7.38 64.83
CA ARG A 34 48.01 -6.25 64.34
C ARG A 34 49.44 -6.68 64.01
N LEU A 35 50.00 -7.60 64.80
CA LEU A 35 51.36 -8.05 64.56
C LEU A 35 51.45 -8.96 63.32
N PHE A 36 50.44 -9.81 63.11
CA PHE A 36 50.42 -10.66 61.92
C PHE A 36 50.32 -9.81 60.66
N GLU A 37 49.41 -8.83 60.66
CA GLU A 37 49.22 -7.99 59.49
C GLU A 37 50.48 -7.19 59.15
N GLN A 38 51.40 -7.05 60.11
CA GLN A 38 52.68 -6.42 59.80
C GLN A 38 53.51 -7.28 58.85
N VAL A 39 53.78 -8.52 59.24
CA VAL A 39 54.58 -9.44 58.43
C VAL A 39 53.67 -10.25 57.53
N ALA A 40 52.50 -9.70 57.16
CA ALA A 40 51.56 -10.44 56.33
C ALA A 40 52.22 -10.97 55.06
N GLY A 41 52.91 -10.09 54.34
CA GLY A 41 53.48 -10.46 53.05
C GLY A 41 54.68 -11.40 53.13
N SER A 42 54.96 -11.92 54.32
CA SER A 42 56.07 -12.85 54.50
C SER A 42 55.68 -14.03 55.37
N LEU A 43 54.38 -14.26 55.52
CA LEU A 43 53.87 -15.35 56.34
C LEU A 43 53.90 -16.65 55.55
N THR A 44 54.37 -17.72 56.19
CA THR A 44 54.30 -19.01 55.53
C THR A 44 52.87 -19.55 55.64
N PRO A 45 52.42 -20.30 54.62
CA PRO A 45 51.11 -20.97 54.71
C PRO A 45 50.93 -21.83 55.96
N ALA A 46 52.01 -22.38 56.52
CA ALA A 46 51.90 -23.15 57.75
C ALA A 46 51.51 -22.27 58.93
N ASN A 47 52.08 -21.06 59.01
CA ASN A 47 51.77 -20.16 60.11
C ASN A 47 50.38 -19.54 59.95
N LEU A 48 50.06 -19.08 58.75
CA LEU A 48 48.73 -18.51 58.53
C LEU A 48 47.65 -19.52 58.89
N THR A 49 47.89 -20.80 58.61
CA THR A 49 46.92 -21.82 58.99
C THR A 49 46.80 -21.91 60.51
N THR A 50 47.92 -22.17 61.19
CA THR A 50 47.90 -22.31 62.65
C THR A 50 47.18 -21.12 63.29
N ALA A 51 47.44 -19.92 62.76
CA ALA A 51 46.84 -18.72 63.33
C ALA A 51 45.33 -18.74 63.18
N VAL A 52 44.82 -19.04 61.98
CA VAL A 52 43.39 -19.06 61.76
C VAL A 52 42.74 -20.14 62.62
N GLU A 53 43.42 -21.27 62.78
CA GLU A 53 42.88 -22.31 63.66
C GLU A 53 42.72 -21.80 65.08
N GLN A 54 43.72 -21.09 65.60
CA GLN A 54 43.62 -20.58 66.96
C GLN A 54 42.57 -19.49 67.06
N TYR A 55 42.50 -18.59 66.07
CA TYR A 55 41.49 -17.53 66.10
C TYR A 55 40.08 -18.11 66.16
N ILE A 56 39.86 -19.21 65.45
CA ILE A 56 38.55 -19.83 65.45
C ILE A 56 38.25 -20.43 66.83
N SER A 57 39.26 -21.05 67.45
CA SER A 57 39.07 -21.61 68.78
C SER A 57 38.53 -20.56 69.73
N LEU A 58 38.98 -19.32 69.56
CA LEU A 58 38.63 -18.19 70.42
C LEU A 58 37.49 -17.37 69.82
N LYS A 59 36.79 -17.92 68.84
CA LYS A 59 35.62 -17.27 68.26
C LYS A 59 35.98 -15.93 67.62
N TYR A 60 37.21 -15.80 67.12
CA TYR A 60 37.68 -14.58 66.50
C TYR A 60 37.56 -14.65 64.97
N TYR A 61 36.32 -14.78 64.52
CA TYR A 61 36.04 -15.09 63.12
C TYR A 61 36.38 -13.92 62.20
N ALA A 62 35.68 -12.80 62.39
CA ALA A 62 35.83 -11.66 61.49
C ALA A 62 37.28 -11.20 61.40
N GLY A 63 38.02 -11.28 62.50
CA GLY A 63 39.41 -10.85 62.47
C GLY A 63 40.28 -11.79 61.66
N ALA A 64 40.08 -13.10 61.81
CA ALA A 64 40.87 -14.08 61.06
C ALA A 64 40.68 -13.89 59.57
N ILE A 65 39.45 -13.58 59.14
CA ILE A 65 39.20 -13.28 57.74
C ILE A 65 40.05 -12.10 57.28
N GLN A 66 40.11 -11.04 58.10
CA GLN A 66 40.86 -9.84 57.75
C GLN A 66 42.36 -10.12 57.66
N LEU A 67 42.85 -11.12 58.39
CA LEU A 67 44.25 -11.50 58.24
C LEU A 67 44.49 -12.18 56.90
N CYS A 68 43.60 -13.12 56.53
CA CYS A 68 43.79 -13.87 55.28
C CYS A 68 43.67 -12.96 54.06
N LEU A 69 42.69 -12.06 54.07
CA LEU A 69 42.60 -11.05 53.02
C LEU A 69 43.86 -10.21 52.95
N THR A 70 44.43 -9.84 54.11
CA THR A 70 45.62 -9.01 54.15
C THR A 70 46.84 -9.78 53.64
N VAL A 71 47.01 -11.03 54.07
CA VAL A 71 48.10 -11.84 53.55
C VAL A 71 47.94 -12.04 52.06
N ALA A 72 46.70 -12.12 51.57
CA ALA A 72 46.48 -12.25 50.14
C ALA A 72 46.99 -11.03 49.39
N GLN A 73 46.48 -9.85 49.75
CA GLN A 73 46.84 -8.62 49.03
C GLN A 73 48.33 -8.33 49.10
N GLN A 74 48.99 -8.70 50.20
CA GLN A 74 50.40 -8.38 50.40
C GLN A 74 51.33 -9.40 49.76
N LYS A 75 50.80 -10.53 49.28
CA LYS A 75 51.59 -11.47 48.50
C LYS A 75 51.60 -11.13 47.02
N ASP A 76 50.63 -10.34 46.56
CA ASP A 76 50.58 -9.85 45.19
C ASP A 76 49.90 -8.47 45.26
N ARG A 77 50.72 -7.44 45.51
CA ARG A 77 50.17 -6.09 45.61
C ARG A 77 49.89 -5.50 44.24
N GLY A 78 50.74 -5.82 43.25
CA GLY A 78 50.51 -5.38 41.89
C GLY A 78 49.22 -5.90 41.27
N ASN A 79 48.52 -6.83 41.96
CA ASN A 79 47.24 -7.36 41.51
C ASN A 79 47.39 -8.04 40.14
N THR A 80 48.17 -9.12 40.14
CA THR A 80 48.34 -9.94 38.95
C THR A 80 47.28 -11.04 38.83
N ALA A 81 46.74 -11.50 39.96
CA ALA A 81 45.66 -12.48 39.90
C ALA A 81 44.42 -11.89 39.24
N LEU A 82 44.24 -10.58 39.33
CA LEU A 82 43.19 -9.93 38.55
C LEU A 82 43.53 -9.99 37.05
N SER A 83 44.73 -9.53 36.68
CA SER A 83 45.19 -9.62 35.30
C SER A 83 45.25 -11.05 34.80
N TRP A 84 45.27 -12.02 35.70
CA TRP A 84 45.25 -13.42 35.29
C TRP A 84 43.82 -13.89 34.98
N VAL A 85 42.92 -13.72 35.94
CA VAL A 85 41.54 -14.18 35.76
C VAL A 85 40.81 -13.28 34.77
N ASN A 86 41.11 -11.99 34.77
CA ASN A 86 40.43 -11.07 33.86
C ASN A 86 40.75 -11.42 32.42
N ASP A 87 42.02 -11.71 32.11
CA ASP A 87 42.37 -12.26 30.81
C ASP A 87 41.86 -13.68 30.63
N GLY A 88 41.57 -14.38 31.74
CA GLY A 88 40.88 -15.66 31.67
C GLY A 88 41.77 -16.86 31.48
N LYS A 89 42.26 -17.42 32.59
CA LYS A 89 42.94 -18.71 32.61
C LYS A 89 44.09 -18.82 31.61
N PRO A 90 45.04 -17.86 31.63
CA PRO A 90 46.25 -18.07 30.82
C PRO A 90 47.09 -19.21 31.36
N ALA A 91 46.99 -20.38 30.76
CA ALA A 91 47.77 -21.53 31.21
C ALA A 91 49.24 -21.35 30.83
N ASN A 92 50.10 -22.10 31.52
CA ASN A 92 51.55 -21.98 31.36
C ASN A 92 51.99 -20.53 31.61
N ASP A 93 51.88 -20.14 32.88
CA ASP A 93 52.05 -18.75 33.26
C ASP A 93 52.69 -18.65 34.64
N SER A 94 53.46 -17.58 34.84
CA SER A 94 54.04 -17.30 36.14
C SER A 94 53.02 -16.75 37.12
N ARG A 95 51.95 -16.12 36.64
CA ARG A 95 50.92 -15.57 37.51
C ARG A 95 50.07 -16.65 38.17
N LYS A 96 50.38 -17.92 37.94
CA LYS A 96 49.76 -18.98 38.73
C LYS A 96 50.21 -18.89 40.19
N LYS A 97 51.40 -18.36 40.44
CA LYS A 97 51.85 -18.14 41.81
C LYS A 97 50.87 -17.23 42.55
N ALA A 98 50.54 -16.08 41.95
CA ALA A 98 49.65 -15.13 42.61
C ALA A 98 48.34 -15.79 43.02
N PHE A 99 47.69 -16.46 42.08
CA PHE A 99 46.39 -17.07 42.38
C PHE A 99 46.53 -18.22 43.36
N ASP A 100 47.51 -19.10 43.13
CA ASP A 100 47.69 -20.24 44.01
C ASP A 100 47.97 -19.81 45.44
N GLU A 101 48.82 -18.80 45.62
CA GLU A 101 49.11 -18.28 46.95
C GLU A 101 47.91 -17.56 47.56
N ARG A 102 47.25 -16.73 46.77
CA ARG A 102 46.06 -16.04 47.28
C ARG A 102 44.99 -17.03 47.70
N LYS A 103 44.92 -18.18 47.03
CA LYS A 103 43.84 -19.11 47.31
C LYS A 103 44.06 -19.88 48.60
N ILE A 104 45.32 -20.19 48.94
CA ILE A 104 45.61 -20.81 50.23
C ILE A 104 44.98 -19.99 51.34
N CYS A 105 45.04 -18.65 51.19
CA CYS A 105 44.40 -17.77 52.15
C CYS A 105 42.88 -17.81 52.01
N TYR A 106 42.38 -17.83 50.77
CA TYR A 106 40.94 -17.85 50.57
C TYR A 106 40.32 -19.13 51.12
N ASN A 107 41.01 -20.27 50.93
CA ASN A 107 40.52 -21.53 51.46
C ASN A 107 40.34 -21.46 52.97
N LEU A 108 41.20 -20.69 53.64
CA LEU A 108 41.08 -20.54 55.08
C LEU A 108 39.87 -19.67 55.44
N ILE A 109 39.60 -18.65 54.63
CA ILE A 109 38.40 -17.84 54.85
C ILE A 109 37.16 -18.71 54.76
N HIS A 110 37.11 -19.60 53.77
CA HIS A 110 36.01 -20.56 53.68
C HIS A 110 35.93 -21.39 54.96
N GLN A 111 37.07 -21.84 55.46
CA GLN A 111 37.09 -22.61 56.70
C GLN A 111 36.44 -21.84 57.83
N VAL A 112 36.74 -20.54 57.95
CA VAL A 112 36.16 -19.71 59.00
C VAL A 112 34.65 -19.60 58.82
N LEU A 113 34.22 -19.15 57.63
CA LEU A 113 32.80 -18.95 57.38
C LEU A 113 32.00 -20.24 57.51
N ASP A 114 32.66 -21.39 57.43
CA ASP A 114 32.01 -22.67 57.69
C ASP A 114 31.88 -22.90 59.20
N LYS A 115 33.01 -22.87 59.91
CA LYS A 115 32.99 -23.02 61.36
C LYS A 115 32.19 -21.93 62.03
N LEU A 116 32.03 -20.77 61.38
CA LEU A 116 31.17 -19.73 61.91
C LEU A 116 29.74 -20.25 62.04
N GLU A 117 29.19 -20.76 60.95
CA GLU A 117 27.82 -21.27 60.97
C GLU A 117 27.70 -22.46 61.92
N SER A 118 28.72 -23.33 61.94
CA SER A 118 28.65 -24.55 62.76
C SER A 118 28.51 -24.23 64.23
N ASP A 119 29.40 -23.39 64.76
CA ASP A 119 29.37 -23.07 66.18
C ASP A 119 28.05 -22.39 66.56
N PHE A 120 27.62 -21.41 65.76
CA PHE A 120 26.36 -20.71 65.96
C PHE A 120 25.29 -21.22 65.00
N ALA A 121 25.20 -22.55 64.87
CA ALA A 121 24.22 -23.16 63.98
C ALA A 121 22.86 -23.23 64.66
N GLY A 122 21.84 -22.68 64.00
CA GLY A 122 20.48 -22.71 64.51
C GLY A 122 20.30 -21.91 65.78
N GLU A 123 21.36 -21.27 66.26
CA GLU A 123 21.24 -20.46 67.46
C GLU A 123 20.39 -19.24 67.16
N PRO A 124 19.82 -18.60 68.18
CA PRO A 124 18.83 -17.55 67.92
C PRO A 124 19.46 -16.32 67.29
N GLU A 125 18.65 -15.59 66.54
CA GLU A 125 19.09 -14.36 65.89
C GLU A 125 18.81 -13.11 66.71
N LEU A 126 18.02 -13.21 67.77
CA LEU A 126 17.66 -12.00 68.52
C LEU A 126 17.35 -12.35 69.97
N VAL A 127 18.24 -11.94 70.88
CA VAL A 127 17.95 -11.98 72.32
C VAL A 127 16.74 -11.08 72.56
N ASP A 128 15.94 -11.42 73.57
CA ASP A 128 14.75 -10.61 73.79
C ASP A 128 15.11 -9.12 73.86
N GLY A 129 14.82 -8.41 72.76
CA GLY A 129 15.11 -7.00 72.65
C GLY A 129 16.48 -6.62 72.13
N ARG A 130 17.34 -7.59 71.80
CA ARG A 130 18.74 -7.30 71.49
C ARG A 130 19.33 -8.45 70.68
N PRO A 131 20.31 -8.19 69.81
CA PRO A 131 20.93 -9.28 69.05
C PRO A 131 21.76 -10.18 69.94
N THR A 132 21.88 -11.44 69.53
CA THR A 132 22.75 -12.36 70.25
C THR A 132 24.20 -12.03 69.97
N LEU A 133 25.07 -12.44 70.89
CA LEU A 133 26.50 -12.31 70.66
C LEU A 133 26.96 -13.26 69.57
N ALA A 134 26.25 -14.38 69.41
CA ALA A 134 26.47 -15.23 68.25
C ALA A 134 26.19 -14.47 66.95
N ALA A 135 25.07 -13.74 66.91
CA ALA A 135 24.72 -12.95 65.74
C ALA A 135 25.64 -11.76 65.54
N THR A 136 26.26 -11.25 66.61
CA THR A 136 27.19 -10.13 66.48
C THR A 136 28.47 -10.57 65.79
N LYS A 137 29.08 -11.66 66.28
CA LYS A 137 30.26 -12.22 65.63
C LYS A 137 29.96 -12.67 64.21
N ARG A 138 28.71 -13.00 63.92
CA ARG A 138 28.29 -13.30 62.55
C ARG A 138 28.24 -12.03 61.72
N MET A 139 27.62 -10.99 62.26
CA MET A 139 27.55 -9.71 61.56
C MET A 139 28.96 -9.15 61.32
N GLU A 140 29.82 -9.22 62.34
CA GLU A 140 31.19 -8.76 62.19
C GLU A 140 31.91 -9.50 61.08
N ALA A 141 31.61 -10.79 60.91
CA ALA A 141 32.34 -11.60 59.96
C ALA A 141 31.96 -11.26 58.52
N TYR A 142 30.65 -11.26 58.23
CA TYR A 142 30.20 -11.01 56.86
C TYR A 142 30.28 -9.54 56.46
N ASN A 143 30.69 -8.65 57.37
CA ASN A 143 31.02 -7.29 56.98
C ASN A 143 32.43 -7.23 56.39
N VAL A 144 33.35 -8.01 56.95
CA VAL A 144 34.71 -8.09 56.41
C VAL A 144 34.68 -8.62 54.98
N VAL A 145 33.80 -9.60 54.72
CA VAL A 145 33.80 -10.29 53.44
C VAL A 145 33.23 -9.40 52.36
N ASN A 146 32.06 -8.81 52.61
CA ASN A 146 31.35 -8.10 51.56
C ASN A 146 31.98 -6.75 51.23
N ASP A 147 32.76 -6.19 52.15
CA ASP A 147 33.34 -4.86 51.94
C ASP A 147 34.71 -4.90 51.28
N SER A 148 35.34 -6.06 51.21
CA SER A 148 36.71 -6.14 50.71
C SER A 148 36.80 -5.63 49.28
N SER A 149 37.97 -5.08 48.94
CA SER A 149 38.26 -4.60 47.60
C SER A 149 38.95 -5.64 46.73
N ASP A 150 39.51 -6.68 47.35
CA ASP A 150 40.03 -7.83 46.64
C ASP A 150 38.86 -8.57 46.00
N GLU A 151 38.63 -8.33 44.70
CA GLU A 151 37.50 -8.95 44.02
C GLU A 151 37.85 -10.33 43.44
N VAL A 152 39.12 -10.59 43.17
CA VAL A 152 39.52 -11.97 42.89
C VAL A 152 39.09 -12.87 44.02
N PHE A 153 39.19 -12.37 45.26
CA PHE A 153 38.65 -13.09 46.41
C PHE A 153 37.13 -13.21 46.31
N HIS A 154 36.46 -12.13 45.87
CA HIS A 154 35.01 -12.19 45.70
C HIS A 154 34.62 -13.21 44.65
N PHE A 155 35.36 -13.26 43.53
CA PHE A 155 35.10 -14.27 42.52
C PHE A 155 35.27 -15.67 43.10
N ASP A 156 36.42 -15.94 43.72
CA ASP A 156 36.65 -17.22 44.37
C ASP A 156 35.60 -17.50 45.44
N LEU A 157 35.09 -16.45 46.07
CA LEU A 157 34.02 -16.60 47.05
C LEU A 157 32.68 -16.87 46.36
N TYR A 158 32.40 -16.18 45.26
CA TYR A 158 31.15 -16.43 44.54
C TYR A 158 31.15 -17.82 43.92
N GLU A 159 32.30 -18.25 43.39
CA GLU A 159 32.43 -19.61 42.88
C GLU A 159 32.14 -20.63 43.97
N TRP A 160 32.54 -20.31 45.21
CA TRP A 160 32.37 -21.22 46.33
C TRP A 160 30.97 -21.13 46.93
N TYR A 161 30.31 -19.96 46.86
CA TYR A 161 28.91 -19.86 47.22
C TYR A 161 28.05 -20.73 46.32
N ILE A 162 28.30 -20.65 45.01
CA ILE A 162 27.57 -21.45 44.03
C ILE A 162 27.86 -22.94 44.26
N GLU A 163 29.14 -23.28 44.37
CA GLU A 163 29.55 -24.66 44.63
C GLU A 163 28.92 -25.21 45.91
N LYS A 164 28.49 -24.34 46.82
CA LYS A 164 27.77 -24.75 48.02
C LYS A 164 26.26 -24.64 47.87
N GLY A 165 25.77 -24.18 46.72
CA GLY A 165 24.34 -24.08 46.51
C GLY A 165 23.67 -22.96 47.26
N TRP A 166 24.44 -21.99 47.76
CA TRP A 166 23.87 -20.84 48.47
C TRP A 166 23.42 -19.82 47.42
N THR A 167 22.28 -20.14 46.80
CA THR A 167 21.74 -19.30 45.73
C THR A 167 21.30 -17.96 46.25
N ASP A 168 20.39 -17.95 47.23
CA ASP A 168 19.81 -16.71 47.73
C ASP A 168 20.86 -15.76 48.28
N ARG A 169 22.08 -16.24 48.52
CA ARG A 169 23.16 -15.37 48.97
C ARG A 169 23.64 -14.47 47.83
N ILE A 170 23.86 -15.05 46.65
CA ILE A 170 24.33 -14.28 45.49
C ILE A 170 23.33 -13.15 45.18
N LEU A 171 22.05 -13.48 45.15
CA LEU A 171 21.05 -12.47 44.82
C LEU A 171 21.03 -11.35 45.85
N SER A 172 21.16 -11.69 47.13
CA SER A 172 21.08 -10.69 48.19
C SER A 172 22.28 -9.76 48.21
N ILE A 173 23.42 -10.16 47.63
CA ILE A 173 24.60 -9.32 47.63
C ILE A 173 24.33 -8.03 46.89
N ASP A 174 24.67 -6.90 47.52
CA ASP A 174 24.49 -5.58 46.95
C ASP A 174 25.74 -5.04 46.29
N SER A 175 26.83 -5.82 46.28
CA SER A 175 28.05 -5.40 45.62
C SER A 175 27.83 -5.36 44.10
N PRO A 176 28.56 -4.51 43.38
CA PRO A 176 28.55 -4.55 41.92
C PRO A 176 29.67 -5.38 41.32
N HIS A 177 30.51 -6.01 42.17
CA HIS A 177 31.54 -6.92 41.68
C HIS A 177 30.97 -8.28 41.30
N VAL A 178 29.77 -8.61 41.78
CA VAL A 178 29.17 -9.91 41.51
C VAL A 178 28.63 -9.95 40.09
N ILE A 179 28.12 -8.83 39.58
CA ILE A 179 27.54 -8.83 38.24
C ILE A 179 28.62 -9.14 37.21
N THR A 180 29.84 -8.66 37.44
CA THR A 180 30.92 -8.95 36.51
C THR A 180 31.24 -10.44 36.49
N TYR A 181 31.15 -11.10 37.64
CA TYR A 181 31.38 -12.54 37.69
C TYR A 181 30.34 -13.29 36.88
N LEU A 182 29.05 -13.01 37.13
CA LEU A 182 27.99 -13.76 36.48
C LEU A 182 28.03 -13.61 34.96
N GLN A 183 28.39 -12.43 34.47
CA GLN A 183 28.43 -12.21 33.03
C GLN A 183 29.47 -13.11 32.36
N ARG A 184 30.68 -13.18 32.93
CA ARG A 184 31.72 -14.03 32.37
C ARG A 184 31.33 -15.51 32.41
N LEU A 185 30.40 -15.88 33.29
CA LEU A 185 29.98 -17.26 33.45
C LEU A 185 28.67 -17.58 32.76
N ALA A 186 27.77 -16.60 32.68
CA ALA A 186 26.48 -16.85 32.03
C ALA A 186 26.65 -17.18 30.56
N GLU A 187 27.70 -16.66 29.93
CA GLU A 187 27.91 -16.89 28.50
C GLU A 187 28.34 -18.30 28.16
N THR A 188 28.68 -19.13 29.16
CA THR A 188 29.17 -20.48 28.92
C THR A 188 28.53 -21.53 29.81
N ASP A 189 27.61 -21.15 30.70
CA ASP A 189 26.92 -22.11 31.55
C ASP A 189 25.49 -21.60 31.76
N PHE A 190 24.51 -22.42 31.35
CA PHE A 190 23.12 -22.01 31.49
C PHE A 190 22.74 -21.83 32.96
N ARG A 191 23.30 -22.66 33.84
CA ARG A 191 22.98 -22.57 35.25
C ARG A 191 23.32 -21.21 35.85
N HIS A 192 24.26 -20.49 35.23
CA HIS A 192 24.67 -19.17 35.70
C HIS A 192 23.87 -18.04 35.06
N ALA A 193 23.56 -18.17 33.77
CA ALA A 193 22.67 -17.21 33.12
C ALA A 193 21.34 -17.11 33.87
N GLU A 194 20.96 -18.18 34.58
CA GLU A 194 19.76 -18.13 35.40
C GLU A 194 19.89 -17.08 36.50
N LEU A 195 21.04 -17.07 37.19
CA LEU A 195 21.24 -16.09 38.26
C LEU A 195 21.28 -14.68 37.70
N LEU A 196 22.12 -14.46 36.68
CA LEU A 196 22.25 -13.12 36.11
C LEU A 196 20.89 -12.55 35.76
N CYS A 197 19.98 -13.39 35.24
CA CYS A 197 18.64 -12.94 34.92
C CYS A 197 17.77 -12.75 36.15
N ARG A 198 18.00 -13.56 37.19
CA ARG A 198 17.27 -13.42 38.44
C ARG A 198 17.78 -12.26 39.28
N PHE A 199 19.06 -11.94 39.14
CA PHE A 199 19.64 -10.76 39.78
C PHE A 199 19.05 -9.48 39.20
N TYR A 200 18.97 -9.39 37.87
CA TYR A 200 18.49 -8.19 37.20
C TYR A 200 17.02 -7.93 37.54
N THR A 201 16.22 -8.99 37.67
CA THR A 201 14.76 -8.83 37.81
C THR A 201 14.35 -8.45 39.22
N THR A 202 15.15 -8.81 40.24
CA THR A 202 14.90 -8.30 41.58
C THR A 202 15.22 -6.81 41.67
N ARG A 203 16.24 -6.36 40.92
CA ARG A 203 16.53 -4.94 40.77
C ARG A 203 15.54 -4.24 39.85
N SER A 204 14.69 -4.99 39.15
CA SER A 204 13.74 -4.46 38.19
C SER A 204 14.41 -3.94 36.93
N ARG A 205 15.64 -4.42 36.64
CA ARG A 205 16.30 -4.13 35.37
C ARG A 205 15.81 -5.15 34.33
N PHE A 206 14.54 -5.03 33.99
CA PHE A 206 13.88 -6.01 33.14
C PHE A 206 14.51 -6.05 31.75
N PHE A 207 14.80 -4.88 31.17
CA PHE A 207 15.44 -4.86 29.86
C PHE A 207 16.75 -5.64 29.91
N GLU A 208 17.56 -5.44 30.95
CA GLU A 208 18.82 -6.17 31.08
C GLU A 208 18.58 -7.67 31.23
N ALA A 209 17.40 -8.06 31.74
CA ALA A 209 17.06 -9.47 31.83
C ALA A 209 16.65 -10.02 30.46
N ALA A 210 15.66 -9.39 29.82
CA ALA A 210 15.28 -9.76 28.47
C ALA A 210 16.47 -9.69 27.52
N GLN A 211 17.40 -8.77 27.78
CA GLN A 211 18.61 -8.68 26.96
C GLN A 211 19.41 -9.97 27.02
N VAL A 212 19.44 -10.63 28.18
CA VAL A 212 20.16 -11.87 28.34
C VAL A 212 19.29 -13.07 27.97
N GLN A 213 18.01 -13.05 28.36
CA GLN A 213 17.10 -14.13 28.02
C GLN A 213 17.03 -14.33 26.51
N THR A 214 16.95 -13.23 25.75
CA THR A 214 16.95 -13.34 24.30
C THR A 214 18.28 -13.86 23.77
N ASN A 215 19.39 -13.27 24.22
CA ASN A 215 20.70 -13.71 23.75
C ASN A 215 20.98 -15.16 24.10
N LEU A 216 20.24 -15.74 25.03
CA LEU A 216 20.44 -17.13 25.42
C LEU A 216 19.75 -18.08 24.46
N ALA A 217 18.54 -17.74 23.99
CA ALA A 217 17.88 -18.55 22.98
C ALA A 217 18.66 -18.55 21.67
N LYS A 218 19.37 -17.46 21.37
CA LYS A 218 20.21 -17.37 20.18
C LYS A 218 21.57 -18.02 20.37
N SER A 219 21.79 -18.71 21.49
CA SER A 219 23.12 -19.15 21.87
C SER A 219 23.51 -20.45 21.18
N ASP A 220 24.76 -20.85 21.40
CA ASP A 220 25.28 -22.15 20.99
C ASP A 220 25.25 -23.15 22.14
N LEU A 221 24.50 -22.85 23.20
CA LEU A 221 24.44 -23.71 24.38
C LEU A 221 23.39 -24.79 24.21
N ASN A 222 23.56 -25.87 24.96
CA ASN A 222 22.70 -27.05 24.85
C ASN A 222 21.41 -26.77 25.61
N ILE A 223 20.44 -26.14 24.93
CA ILE A 223 19.16 -25.76 25.52
C ILE A 223 18.04 -26.27 24.64
N SER A 224 17.03 -26.87 25.25
CA SER A 224 15.92 -27.42 24.48
C SER A 224 15.16 -26.30 23.77
N LEU A 225 14.51 -26.66 22.67
CA LEU A 225 13.75 -25.67 21.90
C LEU A 225 12.58 -25.13 22.72
N LYS A 226 11.87 -26.01 23.42
CA LYS A 226 10.71 -25.56 24.19
C LYS A 226 11.15 -24.66 25.35
N ASP A 227 12.34 -24.88 25.90
CA ASP A 227 12.89 -23.94 26.87
C ASP A 227 13.24 -22.62 26.20
N ARG A 228 13.85 -22.67 25.02
CA ARG A 228 14.14 -21.46 24.26
C ARG A 228 12.88 -20.67 23.97
N ILE A 229 11.75 -21.36 23.78
CA ILE A 229 10.49 -20.66 23.60
C ILE A 229 10.10 -19.93 24.88
N ILE A 230 10.33 -20.57 26.04
CA ILE A 230 10.03 -19.92 27.31
C ILE A 230 10.90 -18.68 27.47
N LEU A 231 12.21 -18.82 27.22
CA LEU A 231 13.12 -17.69 27.34
C LEU A 231 12.64 -16.51 26.51
N LEU A 232 12.36 -16.75 25.22
CA LEU A 232 11.89 -15.69 24.36
C LEU A 232 10.50 -15.20 24.74
N SER A 233 9.71 -16.03 25.42
CA SER A 233 8.39 -15.59 25.87
C SER A 233 8.48 -14.75 27.14
N ARG A 234 9.42 -15.08 28.03
CA ARG A 234 9.66 -14.23 29.20
C ARG A 234 10.32 -12.93 28.80
N ALA A 235 11.32 -13.00 27.90
CA ALA A 235 12.00 -11.79 27.45
C ALA A 235 11.01 -10.80 26.87
N LYS A 236 10.07 -11.27 26.04
CA LYS A 236 9.03 -10.39 25.51
C LYS A 236 8.21 -9.78 26.64
N GLY A 237 8.05 -10.49 27.76
CA GLY A 237 7.37 -9.91 28.90
C GLY A 237 8.24 -8.90 29.63
N ASN A 238 9.50 -9.25 29.87
CA ASN A 238 10.41 -8.32 30.53
C ASN A 238 10.69 -7.08 29.68
N ALA A 239 10.61 -7.22 28.36
CA ALA A 239 10.82 -6.10 27.46
C ALA A 239 9.53 -5.39 27.09
N SER A 240 8.41 -5.77 27.71
CA SER A 240 7.13 -5.11 27.46
C SER A 240 6.91 -3.92 28.38
N VAL A 241 7.50 -3.94 29.58
CA VAL A 241 7.27 -2.91 30.59
C VAL A 241 8.50 -2.02 30.68
N ASN A 242 8.26 -0.75 31.01
CA ASN A 242 9.35 0.21 31.14
C ASN A 242 10.26 -0.18 32.29
N THR A 243 11.56 0.06 32.10
CA THR A 243 12.55 -0.07 33.15
C THR A 243 13.31 1.25 33.24
N ILE A 244 13.67 1.63 34.47
CA ILE A 244 14.26 2.94 34.71
C ILE A 244 15.52 3.09 33.85
N GLY A 245 15.52 4.10 32.98
CA GLY A 245 16.70 4.50 32.24
C GLY A 245 16.64 4.20 30.75
N ILE A 246 15.88 3.16 30.34
CA ILE A 246 15.98 2.65 28.97
C ILE A 246 14.92 3.31 28.11
N SER A 247 15.28 3.50 26.84
CA SER A 247 14.47 4.21 25.87
C SER A 247 13.27 3.36 25.43
N ARG A 248 12.38 4.00 24.67
CA ARG A 248 11.27 3.32 24.04
C ARG A 248 11.71 2.59 22.78
N GLN A 249 12.55 3.22 21.95
CA GLN A 249 12.93 2.62 20.69
C GLN A 249 13.78 1.36 20.89
N GLN A 250 14.74 1.41 21.83
CA GLN A 250 15.54 0.21 22.08
C GLN A 250 14.74 -0.83 22.84
N GLN A 251 13.71 -0.41 23.58
CA GLN A 251 12.82 -1.37 24.22
C GLN A 251 12.02 -2.15 23.18
N GLN A 252 11.38 -1.44 22.24
CA GLN A 252 10.64 -2.10 21.17
C GLN A 252 11.57 -2.85 20.24
N GLN A 253 12.79 -2.36 20.07
CA GLN A 253 13.77 -3.04 19.22
C GLN A 253 14.06 -4.45 19.71
N LEU A 254 14.00 -4.67 21.03
CA LEU A 254 14.24 -5.99 21.62
C LEU A 254 12.97 -6.82 21.69
N ASN A 255 11.84 -6.18 22.00
CA ASN A 255 10.57 -6.89 21.97
C ASN A 255 10.27 -7.43 20.57
N HIS A 256 10.62 -6.66 19.54
CA HIS A 256 10.39 -7.11 18.18
C HIS A 256 11.27 -8.29 17.82
N GLU A 257 12.55 -8.25 18.21
CA GLU A 257 13.45 -9.37 17.94
C GLU A 257 12.97 -10.63 18.65
N ALA A 258 12.59 -10.52 19.92
CA ALA A 258 12.08 -11.68 20.64
C ALA A 258 10.82 -12.22 19.97
N SER A 259 9.91 -11.33 19.56
CA SER A 259 8.67 -11.77 18.92
C SER A 259 8.96 -12.46 17.59
N GLU A 260 9.92 -11.94 16.82
CA GLU A 260 10.30 -12.59 15.57
C GLU A 260 10.74 -14.02 15.82
N LEU A 261 11.72 -14.21 16.70
CA LEU A 261 12.23 -15.54 16.97
C LEU A 261 11.15 -16.45 17.55
N LEU A 262 10.30 -15.92 18.43
CA LEU A 262 9.25 -16.73 19.04
C LEU A 262 8.29 -17.26 17.98
N GLU A 263 7.98 -16.45 16.97
CA GLU A 263 7.08 -16.89 15.91
C GLU A 263 7.67 -18.06 15.14
N ILE A 264 8.95 -17.98 14.79
CA ILE A 264 9.64 -19.10 14.15
C ILE A 264 9.65 -20.31 15.09
N ALA A 265 10.09 -20.10 16.33
CA ALA A 265 10.25 -21.20 17.27
C ALA A 265 8.95 -21.96 17.48
N HIS A 266 7.81 -21.27 17.43
CA HIS A 266 6.53 -21.98 17.52
C HIS A 266 6.27 -22.80 16.26
N ILE A 267 6.57 -22.23 15.09
CA ILE A 267 6.47 -22.98 13.84
C ILE A 267 7.37 -24.22 13.91
N GLN A 268 8.65 -24.00 14.20
CA GLN A 268 9.60 -25.11 14.30
C GLN A 268 9.11 -26.17 15.26
N ASP A 269 8.58 -25.75 16.41
CA ASP A 269 8.07 -26.71 17.39
C ASP A 269 6.87 -27.47 16.81
N ASP A 270 5.87 -26.75 16.29
CA ASP A 270 4.70 -27.41 15.73
C ASP A 270 5.06 -28.29 14.54
N LEU A 271 6.13 -27.95 13.82
CA LEU A 271 6.62 -28.81 12.76
C LEU A 271 7.22 -30.09 13.33
N LEU A 272 8.22 -29.94 14.19
CA LEU A 272 8.82 -31.08 14.87
C LEU A 272 7.76 -31.93 15.57
N GLU A 273 6.78 -31.27 16.19
CA GLU A 273 5.71 -31.98 16.89
C GLU A 273 4.92 -32.88 15.93
N ARG A 274 4.68 -32.40 14.72
CA ARG A 274 3.90 -33.17 13.75
C ARG A 274 4.76 -34.19 13.03
N LEU A 275 6.02 -33.84 12.72
CA LEU A 275 6.88 -34.73 11.94
C LEU A 275 7.07 -36.07 12.64
N VAL A 276 7.36 -36.04 13.94
CA VAL A 276 7.63 -37.27 14.67
C VAL A 276 6.37 -38.14 14.74
N ALA A 277 5.22 -37.51 14.94
CA ALA A 277 3.96 -38.25 15.07
C ALA A 277 3.32 -38.54 13.72
N ASP A 278 4.05 -38.36 12.62
CA ASP A 278 3.50 -38.57 11.28
C ASP A 278 3.80 -40.00 10.85
N PRO A 279 2.78 -40.84 10.60
CA PRO A 279 3.06 -42.24 10.24
C PRO A 279 3.75 -42.41 8.90
N ARG A 280 3.66 -41.42 8.02
CA ARG A 280 4.25 -41.53 6.68
C ARG A 280 5.77 -41.47 6.69
N ILE A 281 6.39 -41.03 7.78
CA ILE A 281 7.83 -40.81 7.83
C ILE A 281 8.48 -42.08 8.37
N PRO A 282 9.66 -42.49 7.88
CA PRO A 282 10.33 -43.65 8.45
C PRO A 282 10.85 -43.38 9.85
N GLU A 283 10.81 -44.42 10.69
CA GLU A 283 11.20 -44.28 12.09
C GLU A 283 12.69 -44.01 12.24
N GLU A 284 13.48 -44.30 11.21
CA GLU A 284 14.92 -44.07 11.27
C GLU A 284 15.25 -42.60 11.04
N ARG A 285 14.53 -41.96 10.11
CA ARG A 285 14.75 -40.54 9.85
C ARG A 285 14.31 -39.69 11.04
N LYS A 286 13.23 -40.09 11.72
CA LYS A 286 12.67 -39.28 12.80
C LYS A 286 13.68 -39.02 13.90
N ALA A 287 14.61 -39.95 14.15
CA ALA A 287 15.66 -39.70 15.13
C ALA A 287 16.59 -38.59 14.64
N GLU A 288 16.93 -38.61 13.36
CA GLU A 288 17.79 -37.58 12.80
C GLU A 288 17.09 -36.22 12.78
N ILE A 289 15.76 -36.21 12.70
CA ILE A 289 15.02 -34.95 12.69
C ILE A 289 15.12 -34.28 14.05
N GLU A 290 14.65 -34.94 15.11
CA GLU A 290 14.55 -34.27 16.40
C GLU A 290 15.90 -33.73 16.86
N GLU A 291 16.99 -34.44 16.54
CA GLU A 291 18.31 -33.93 16.91
C GLU A 291 18.61 -32.62 16.17
N PHE A 292 18.13 -32.48 14.94
CA PHE A 292 18.38 -31.27 14.17
C PHE A 292 17.43 -30.15 14.56
N LEU A 293 16.16 -30.47 14.85
CA LEU A 293 15.18 -29.43 15.17
C LEU A 293 15.26 -29.02 16.64
N ASP A 294 15.13 -29.98 17.55
CA ASP A 294 15.27 -29.66 18.96
C ASP A 294 16.67 -29.09 19.23
N GLY A 295 16.70 -27.97 19.95
CA GLY A 295 17.93 -27.24 20.15
C GLY A 295 17.81 -25.82 19.63
N PRO A 296 18.82 -25.34 18.89
CA PRO A 296 18.78 -23.98 18.40
C PRO A 296 17.71 -23.80 17.33
N ILE A 297 17.29 -22.54 17.16
CA ILE A 297 16.25 -22.21 16.19
C ILE A 297 16.88 -22.06 14.82
N ARG A 298 16.36 -22.79 13.85
CA ARG A 298 16.91 -22.83 12.50
C ARG A 298 16.24 -21.79 11.61
N THR A 299 16.81 -21.63 10.41
CA THR A 299 16.28 -20.68 9.44
C THR A 299 14.93 -21.16 8.89
N LEU A 300 14.09 -20.21 8.48
CA LEU A 300 12.86 -20.57 7.78
C LEU A 300 13.14 -21.34 6.50
N THR A 301 14.32 -21.11 5.90
CA THR A 301 14.75 -21.93 4.77
C THR A 301 14.90 -23.39 5.16
N ASP A 302 15.53 -23.67 6.30
CA ASP A 302 15.70 -25.05 6.74
C ASP A 302 14.36 -25.68 7.12
N LEU A 303 13.49 -24.90 7.78
CA LEU A 303 12.20 -25.42 8.19
C LEU A 303 11.34 -25.77 6.99
N PHE A 304 11.45 -24.99 5.91
CA PHE A 304 10.56 -25.13 4.76
C PHE A 304 10.96 -26.31 3.88
N ASN A 305 12.19 -26.30 3.37
CA ASN A 305 12.57 -27.22 2.31
C ASN A 305 12.60 -28.67 2.78
N ASP A 306 13.59 -29.05 3.59
CA ASP A 306 13.80 -30.46 3.90
C ASP A 306 12.65 -31.09 4.67
N TYR A 307 11.62 -30.31 5.04
CA TYR A 307 10.58 -30.82 5.93
C TYR A 307 9.18 -30.37 5.53
N ALA A 308 8.85 -29.10 5.74
CA ALA A 308 7.46 -28.67 5.62
C ALA A 308 6.92 -28.87 4.22
N ASP A 309 7.71 -28.51 3.20
CA ASP A 309 7.25 -28.57 1.81
C ASP A 309 7.22 -30.01 1.30
N GLN A 310 8.19 -30.82 1.71
CA GLN A 310 8.17 -32.24 1.34
C GLN A 310 6.93 -32.92 1.86
N ALA A 311 6.73 -32.86 3.18
CA ALA A 311 5.60 -33.53 3.80
C ALA A 311 4.26 -32.96 3.36
N ASN A 312 4.25 -31.91 2.54
CA ASN A 312 3.01 -31.29 2.09
C ASN A 312 2.18 -30.81 3.28
N TYR A 313 2.86 -30.27 4.29
CA TYR A 313 2.22 -29.58 5.41
C TYR A 313 1.84 -28.18 4.94
N TYR A 314 0.74 -28.10 4.21
CA TYR A 314 0.40 -26.84 3.54
C TYR A 314 0.08 -25.74 4.54
N ASP A 315 -0.49 -26.09 5.70
CA ASP A 315 -0.83 -25.08 6.70
C ASP A 315 0.44 -24.42 7.26
N LEU A 316 1.42 -25.23 7.67
CA LEU A 316 2.67 -24.66 8.17
C LEU A 316 3.44 -23.97 7.07
N CYS A 317 3.29 -24.42 5.82
CA CYS A 317 3.91 -23.73 4.70
C CYS A 317 3.40 -22.28 4.61
N LEU A 318 2.11 -22.08 4.85
CA LEU A 318 1.55 -20.73 4.88
C LEU A 318 2.08 -19.95 6.08
N LEU A 319 2.12 -20.58 7.25
CA LEU A 319 2.66 -19.91 8.42
C LEU A 319 4.11 -19.49 8.20
N ILE A 320 4.88 -20.29 7.45
CA ILE A 320 6.23 -19.90 7.09
C ILE A 320 6.20 -18.68 6.18
N PHE A 321 5.29 -18.68 5.20
CA PHE A 321 5.20 -17.55 4.30
C PHE A 321 4.93 -16.26 5.05
N HIS A 322 3.99 -16.29 5.99
CA HIS A 322 3.69 -15.11 6.79
C HIS A 322 4.90 -14.64 7.59
N ALA A 323 5.56 -15.58 8.27
CA ALA A 323 6.74 -15.24 9.05
C ALA A 323 7.90 -14.77 8.19
N ALA A 324 7.88 -15.09 6.90
CA ALA A 324 8.95 -14.68 5.98
C ALA A 324 8.55 -13.50 5.10
N ASP A 325 7.38 -12.91 5.33
CA ASP A 325 6.86 -11.82 4.49
C ASP A 325 7.01 -12.16 3.02
N PHE A 326 6.51 -13.35 2.65
CA PHE A 326 6.69 -13.94 1.32
C PHE A 326 5.65 -13.39 0.37
N HIS A 327 6.08 -12.53 -0.55
CA HIS A 327 5.19 -11.85 -1.48
C HIS A 327 5.09 -12.69 -2.75
N ASN A 328 4.00 -13.42 -2.89
CA ASN A 328 3.70 -14.12 -4.14
C ASN A 328 2.26 -14.61 -4.11
N PRO A 329 1.34 -13.95 -4.82
CA PRO A 329 -0.07 -14.31 -4.70
C PRO A 329 -0.39 -15.69 -5.22
N ARG A 330 0.38 -16.18 -6.20
CA ARG A 330 0.08 -17.47 -6.80
C ARG A 330 0.43 -18.62 -5.87
N THR A 331 1.71 -18.72 -5.48
CA THR A 331 2.14 -19.81 -4.60
C THR A 331 1.38 -19.78 -3.28
N ILE A 332 1.04 -18.59 -2.78
CA ILE A 332 0.21 -18.50 -1.59
C ILE A 332 -1.15 -19.14 -1.83
N LEU A 333 -1.74 -18.87 -3.01
CA LEU A 333 -3.06 -19.39 -3.31
C LEU A 333 -3.01 -20.88 -3.65
N ASP A 334 -2.04 -21.28 -4.47
CA ASP A 334 -1.88 -22.69 -4.78
C ASP A 334 -1.82 -23.53 -3.52
N THR A 335 -1.11 -23.05 -2.50
CA THR A 335 -1.02 -23.78 -1.25
C THR A 335 -2.35 -23.81 -0.51
N TRP A 336 -3.15 -22.75 -0.62
CA TRP A 336 -4.45 -22.75 0.02
C TRP A 336 -5.37 -23.78 -0.62
N ASN A 337 -5.29 -23.93 -1.94
CA ASN A 337 -6.13 -24.92 -2.61
C ASN A 337 -5.73 -26.34 -2.21
N ASN A 338 -4.42 -26.63 -2.20
CA ASN A 338 -3.96 -27.94 -1.74
C ASN A 338 -4.32 -28.17 -0.28
N LEU A 339 -4.20 -27.13 0.54
CA LEU A 339 -4.56 -27.26 1.96
C LEU A 339 -6.02 -27.65 2.11
N ILE A 340 -6.91 -27.06 1.30
CA ILE A 340 -8.32 -27.35 1.42
C ILE A 340 -8.63 -28.75 0.92
N ASN A 341 -8.04 -29.13 -0.22
CA ASN A 341 -8.33 -30.43 -0.81
C ASN A 341 -7.83 -31.56 0.08
N GLN A 342 -6.56 -31.49 0.51
CA GLN A 342 -6.02 -32.48 1.43
C GLN A 342 -6.84 -32.54 2.71
N SER A 343 -7.37 -31.40 3.17
CA SER A 343 -8.21 -31.39 4.37
C SER A 343 -9.54 -32.07 4.10
N HIS A 344 -10.17 -31.75 2.97
CA HIS A 344 -11.41 -32.44 2.59
C HIS A 344 -11.17 -33.93 2.48
N PHE A 345 -10.01 -34.33 1.97
CA PHE A 345 -9.72 -35.74 1.74
C PHE A 345 -9.64 -36.50 3.06
N GLU A 346 -8.85 -35.99 4.01
CA GLU A 346 -8.74 -36.67 5.30
C GLU A 346 -10.09 -36.76 5.98
N ALA A 347 -10.91 -35.71 5.88
CA ALA A 347 -12.19 -35.70 6.60
C ALA A 347 -13.21 -36.65 5.99
N GLU A 348 -13.16 -36.86 4.67
CA GLU A 348 -13.99 -37.90 4.06
C GLU A 348 -13.45 -39.29 4.37
N GLN A 349 -12.14 -39.38 4.63
CA GLN A 349 -11.52 -40.65 5.03
C GLN A 349 -12.07 -41.10 6.38
N ARG A 350 -12.09 -40.20 7.36
CA ARG A 350 -12.51 -40.56 8.71
C ARG A 350 -13.99 -40.92 8.76
N ARG A 351 -14.84 -40.15 8.08
CA ARG A 351 -16.27 -40.43 8.06
C ARG A 351 -16.55 -41.79 7.42
N GLU A 352 -15.78 -42.15 6.38
CA GLU A 352 -15.97 -43.44 5.74
C GLU A 352 -15.60 -44.58 6.68
N TYR A 353 -14.56 -44.39 7.50
CA TYR A 353 -14.16 -45.44 8.44
C TYR A 353 -15.13 -45.55 9.59
N TRP A 354 -15.74 -44.44 10.01
CA TRP A 354 -16.75 -44.47 11.06
C TRP A 354 -18.06 -45.08 10.57
N GLU A 355 -18.24 -45.21 9.26
CA GLU A 355 -19.37 -45.95 8.70
C GLU A 355 -19.12 -47.46 8.79
N ALA A 369 -8.64 -45.90 13.60
CA ALA A 369 -10.09 -45.98 13.74
C ALA A 369 -10.67 -44.64 14.18
N PRO A 370 -11.91 -44.34 13.77
CA PRO A 370 -12.60 -43.17 14.33
C PRO A 370 -13.12 -43.44 15.73
N ILE A 371 -12.80 -42.52 16.64
CA ILE A 371 -13.12 -42.68 18.06
C ILE A 371 -14.52 -42.17 18.37
N ALA A 372 -14.85 -40.97 17.91
CA ALA A 372 -16.16 -40.36 18.03
C ALA A 372 -16.61 -39.99 16.64
N GLU A 373 -17.89 -39.60 16.50
CA GLU A 373 -18.40 -39.20 15.20
C GLU A 373 -17.48 -38.13 14.62
N PRO A 374 -16.69 -38.43 13.59
CA PRO A 374 -15.77 -37.44 13.05
C PRO A 374 -16.53 -36.31 12.36
N PRO A 375 -15.86 -35.18 12.11
CA PRO A 375 -16.56 -34.04 11.54
C PRO A 375 -16.75 -34.18 10.04
N LEU A 376 -17.83 -33.56 9.55
CA LEU A 376 -18.05 -33.49 8.13
C LEU A 376 -16.90 -32.74 7.46
N PRO A 377 -16.68 -32.95 6.16
CA PRO A 377 -15.52 -32.32 5.51
C PRO A 377 -15.43 -30.81 5.70
N TYR A 378 -16.52 -30.09 5.43
CA TYR A 378 -16.47 -28.63 5.51
C TYR A 378 -16.15 -28.16 6.92
N VAL A 379 -16.60 -28.90 7.93
CA VAL A 379 -16.27 -28.53 9.30
C VAL A 379 -14.76 -28.61 9.50
N TYR A 380 -14.15 -29.71 9.07
CA TYR A 380 -12.71 -29.88 9.28
C TYR A 380 -11.92 -28.89 8.44
N VAL A 381 -12.38 -28.61 7.23
CA VAL A 381 -11.74 -27.58 6.42
C VAL A 381 -11.89 -26.21 7.08
N SER A 382 -13.07 -25.94 7.66
CA SER A 382 -13.29 -24.66 8.33
C SER A 382 -12.36 -24.48 9.53
N GLN A 383 -12.13 -25.54 10.29
CA GLN A 383 -11.18 -25.49 11.39
C GLN A 383 -9.79 -25.11 10.88
N GLN A 384 -9.34 -25.77 9.82
CA GLN A 384 -7.98 -25.54 9.32
C GLN A 384 -7.77 -24.11 8.86
N ILE A 385 -8.85 -23.41 8.47
CA ILE A 385 -8.74 -22.02 8.07
C ILE A 385 -8.71 -21.12 9.31
N GLN A 386 -9.63 -21.35 10.26
CA GLN A 386 -9.66 -20.55 11.47
C GLN A 386 -8.31 -20.58 12.18
N LEU A 387 -7.63 -21.74 12.15
CA LEU A 387 -6.34 -21.86 12.82
C LEU A 387 -5.28 -20.96 12.16
N ILE A 388 -5.34 -20.79 10.85
CA ILE A 388 -4.40 -19.90 10.18
C ILE A 388 -4.85 -18.45 10.30
N ALA A 389 -6.16 -18.21 10.36
CA ALA A 389 -6.64 -16.84 10.52
C ALA A 389 -6.29 -16.30 11.90
N HIS A 390 -6.50 -17.10 12.95
CA HIS A 390 -6.21 -16.63 14.30
C HIS A 390 -4.72 -16.54 14.56
N ARG A 391 -3.93 -17.40 13.90
CA ARG A 391 -2.50 -17.45 14.18
C ARG A 391 -1.73 -16.32 13.49
N THR A 392 -2.23 -15.83 12.35
CA THR A 392 -1.51 -14.83 11.57
C THR A 392 -2.22 -13.49 11.50
N SER A 393 -3.39 -13.36 12.14
CA SER A 393 -4.08 -12.08 12.25
C SER A 393 -4.55 -11.56 10.89
N LEU A 394 -5.20 -12.43 10.12
CA LEU A 394 -5.98 -12.03 8.94
C LEU A 394 -5.16 -11.15 8.00
N ASP A 395 -3.91 -11.55 7.76
CA ASP A 395 -3.03 -10.85 6.84
C ASP A 395 -3.74 -10.59 5.51
N SER A 396 -3.31 -9.53 4.83
CA SER A 396 -3.80 -9.24 3.48
C SER A 396 -3.07 -10.05 2.42
N LEU A 397 -2.04 -10.81 2.80
CA LEU A 397 -1.20 -11.56 1.86
C LEU A 397 -1.50 -13.05 1.88
N ILE A 398 -1.32 -13.71 3.02
CA ILE A 398 -1.57 -15.15 3.12
C ILE A 398 -3.02 -15.45 3.43
N PHE A 399 -3.85 -14.43 3.66
CA PHE A 399 -5.29 -14.61 3.82
C PHE A 399 -6.04 -13.68 2.87
N PRO A 400 -5.76 -13.77 1.57
CA PRO A 400 -6.37 -12.84 0.63
C PRO A 400 -7.83 -13.15 0.36
N VAL A 401 -8.74 -12.47 1.06
CA VAL A 401 -10.17 -12.68 0.87
C VAL A 401 -10.56 -12.47 -0.59
N ASN A 402 -9.80 -11.66 -1.32
CA ASN A 402 -10.11 -11.39 -2.72
C ASN A 402 -10.09 -12.66 -3.57
N SER A 403 -9.31 -13.65 -3.16
CA SER A 403 -9.16 -14.90 -3.91
C SER A 403 -9.56 -16.13 -3.12
N LEU A 404 -9.28 -16.14 -1.81
CA LEU A 404 -9.49 -17.34 -1.02
C LEU A 404 -10.98 -17.62 -0.81
N LEU A 405 -11.77 -16.59 -0.50
CA LEU A 405 -13.19 -16.82 -0.26
C LEU A 405 -13.86 -17.47 -1.48
N PRO A 406 -13.64 -17.00 -2.71
CA PRO A 406 -14.20 -17.73 -3.86
C PRO A 406 -13.82 -19.18 -3.88
N VAL A 407 -12.55 -19.50 -3.58
CA VAL A 407 -12.11 -20.88 -3.62
C VAL A 407 -12.93 -21.72 -2.64
N VAL A 408 -13.09 -21.22 -1.41
CA VAL A 408 -13.89 -21.94 -0.43
C VAL A 408 -15.31 -22.09 -0.91
N CYS A 409 -15.86 -21.04 -1.51
CA CYS A 409 -17.21 -21.13 -2.05
C CYS A 409 -17.31 -22.10 -3.21
N ALA A 410 -16.22 -22.24 -3.99
CA ALA A 410 -16.19 -23.21 -5.07
C ALA A 410 -16.13 -24.63 -4.52
N TYR A 411 -15.27 -24.86 -3.53
CA TYR A 411 -15.20 -26.16 -2.89
C TYR A 411 -16.53 -26.53 -2.23
N ALA A 412 -17.25 -25.55 -1.68
CA ALA A 412 -18.54 -25.84 -1.06
C ALA A 412 -19.58 -26.32 -2.07
N ILE A 413 -19.30 -26.15 -3.36
CA ILE A 413 -20.18 -26.63 -4.42
C ILE A 413 -19.64 -27.91 -5.04
N ASN A 414 -18.39 -27.86 -5.49
CA ASN A 414 -17.80 -28.97 -6.22
C ASN A 414 -17.69 -30.24 -5.38
N ASN A 415 -17.73 -30.10 -4.05
CA ASN A 415 -17.72 -31.23 -3.14
C ASN A 415 -19.00 -31.31 -2.31
N GLY A 416 -20.05 -30.60 -2.74
CA GLY A 416 -21.39 -30.80 -2.19
C GLY A 416 -21.52 -30.63 -0.69
N GLN A 417 -20.89 -29.62 -0.12
CA GLN A 417 -21.01 -29.34 1.31
C GLN A 417 -22.14 -28.34 1.49
N ASP A 418 -23.37 -28.84 1.52
CA ASP A 418 -24.54 -27.96 1.54
C ASP A 418 -25.66 -28.63 2.32
N ALA A 419 -26.91 -28.18 2.09
CA ALA A 419 -28.07 -28.73 2.75
C ALA A 419 -28.23 -30.24 2.51
N SER A 420 -27.66 -30.75 1.42
CA SER A 420 -27.79 -32.18 1.11
C SER A 420 -27.27 -33.04 2.25
N ILE A 421 -26.20 -32.60 2.91
CA ILE A 421 -25.62 -33.34 4.03
C ILE A 421 -25.99 -32.68 5.36
N GLY A 422 -27.00 -31.80 5.37
CA GLY A 422 -27.40 -31.12 6.57
C GLY A 422 -26.52 -29.96 6.99
N ALA A 423 -25.67 -29.48 6.10
CA ALA A 423 -24.80 -28.34 6.40
C ALA A 423 -25.51 -27.04 6.07
N ASP A 424 -25.12 -25.98 6.79
CA ASP A 424 -25.62 -24.64 6.51
C ASP A 424 -25.15 -24.24 5.12
N PRO A 425 -26.05 -24.06 4.14
CA PRO A 425 -25.59 -23.71 2.78
C PRO A 425 -24.73 -22.46 2.76
N CYS A 426 -24.91 -21.55 3.72
CA CYS A 426 -24.14 -20.31 3.82
C CYS A 426 -22.98 -20.44 4.79
N TRP A 427 -22.38 -21.62 4.89
CA TRP A 427 -21.27 -21.84 5.83
C TRP A 427 -19.99 -21.15 5.38
N PRO A 428 -19.74 -20.97 4.07
CA PRO A 428 -18.53 -20.24 3.67
C PRO A 428 -18.59 -18.77 4.00
N ILE A 429 -19.78 -18.16 3.95
CA ILE A 429 -19.94 -16.76 4.37
C ILE A 429 -19.80 -16.65 5.89
N GLN A 430 -20.55 -17.49 6.61
CA GLN A 430 -20.48 -17.49 8.07
C GLN A 430 -19.05 -17.68 8.55
N LEU A 431 -18.25 -18.45 7.82
CA LEU A 431 -16.87 -18.68 8.24
C LEU A 431 -16.06 -17.39 8.23
N PHE A 432 -16.11 -16.65 7.13
CA PHE A 432 -15.28 -15.45 6.99
C PHE A 432 -15.81 -14.29 7.81
N LEU A 433 -17.13 -14.09 7.84
CA LEU A 433 -17.70 -13.05 8.69
C LEU A 433 -17.26 -13.24 10.14
N ASN A 434 -17.54 -14.42 10.70
CA ASN A 434 -17.22 -14.69 12.10
C ASN A 434 -15.72 -14.62 12.37
N LEU A 435 -14.89 -14.72 11.33
CA LEU A 435 -13.45 -14.62 11.51
C LEU A 435 -12.98 -13.19 11.70
N GLY A 436 -13.86 -12.21 11.56
CA GLY A 436 -13.50 -10.81 11.64
C GLY A 436 -13.39 -10.10 10.31
N VAL A 437 -13.77 -10.75 9.22
CA VAL A 437 -13.69 -10.10 7.90
C VAL A 437 -14.74 -9.00 7.83
N PRO A 438 -14.43 -7.84 7.26
CA PRO A 438 -15.43 -6.77 7.17
C PRO A 438 -16.57 -7.13 6.24
N HIS A 439 -17.80 -6.87 6.72
CA HIS A 439 -19.00 -7.14 5.92
C HIS A 439 -18.89 -6.52 4.54
N ALA A 440 -18.47 -5.25 4.48
CA ALA A 440 -18.40 -4.55 3.20
C ALA A 440 -17.52 -5.28 2.20
N LEU A 441 -16.55 -6.07 2.67
CA LEU A 441 -15.63 -6.75 1.78
C LEU A 441 -16.22 -8.07 1.27
N VAL A 442 -16.84 -8.86 2.13
CA VAL A 442 -17.45 -10.12 1.69
C VAL A 442 -18.46 -9.86 0.58
N VAL A 443 -19.33 -8.87 0.77
CA VAL A 443 -20.32 -8.55 -0.26
C VAL A 443 -19.64 -8.05 -1.51
N GLN A 444 -18.51 -7.34 -1.36
CA GLN A 444 -17.76 -6.86 -2.51
C GLN A 444 -17.19 -8.02 -3.33
N VAL A 445 -16.98 -9.18 -2.71
CA VAL A 445 -16.52 -10.37 -3.41
C VAL A 445 -17.67 -11.11 -4.05
N LEU A 446 -18.74 -11.37 -3.28
CA LEU A 446 -19.89 -12.05 -3.85
C LEU A 446 -20.45 -11.28 -5.04
N GLU A 447 -20.34 -9.95 -5.02
CA GLU A 447 -20.69 -9.15 -6.19
C GLU A 447 -19.89 -9.60 -7.41
N ASN A 448 -18.58 -9.75 -7.24
CA ASN A 448 -17.70 -10.15 -8.33
C ASN A 448 -17.99 -11.59 -8.76
N VAL A 449 -18.49 -12.42 -7.84
CA VAL A 449 -18.80 -13.82 -8.14
C VAL A 449 -20.11 -13.93 -8.92
N LEU A 450 -21.08 -13.06 -8.61
CA LEU A 450 -22.42 -13.19 -9.18
C LEU A 450 -22.45 -12.79 -10.65
N ASP A 451 -21.59 -11.86 -11.06
CA ASP A 451 -21.60 -11.35 -12.44
C ASP A 451 -20.73 -12.15 -13.39
N THR A 452 -19.46 -12.35 -13.03
CA THR A 452 -18.52 -13.03 -13.90
C THR A 452 -19.06 -14.37 -14.37
N GLN A 453 -19.72 -15.12 -13.47
CA GLN A 453 -20.29 -16.42 -13.81
C GLN A 453 -19.21 -17.35 -14.37
N GLU A 454 -18.07 -17.38 -13.70
CA GLU A 454 -17.04 -18.37 -13.96
C GLU A 454 -17.37 -19.63 -13.14
N ALA A 455 -17.22 -20.79 -13.77
CA ALA A 455 -17.57 -22.04 -13.11
C ALA A 455 -16.72 -22.21 -11.86
N PRO A 456 -17.29 -22.85 -10.81
CA PRO A 456 -18.59 -23.53 -10.77
C PRO A 456 -19.77 -22.60 -10.54
N PHE A 457 -19.51 -21.30 -10.48
CA PHE A 457 -20.54 -20.33 -10.14
C PHE A 457 -21.41 -20.00 -11.34
N THR A 458 -21.97 -21.02 -12.00
CA THR A 458 -22.73 -20.89 -13.23
C THR A 458 -24.10 -21.52 -13.08
N GLY A 459 -25.00 -21.14 -14.00
CA GLY A 459 -26.29 -21.80 -14.10
C GLY A 459 -27.15 -21.60 -12.88
N ARG A 460 -27.93 -22.63 -12.54
CA ARG A 460 -28.87 -22.57 -11.43
C ARG A 460 -28.19 -22.66 -10.07
N ARG A 461 -26.90 -22.98 -10.03
CA ARG A 461 -26.17 -22.95 -8.77
C ARG A 461 -25.99 -21.53 -8.27
N ARG A 462 -26.07 -20.53 -9.15
CA ARG A 462 -26.03 -19.15 -8.71
C ARG A 462 -27.15 -18.84 -7.73
N LYS A 463 -28.22 -19.65 -7.72
CA LYS A 463 -29.22 -19.56 -6.67
C LYS A 463 -28.57 -19.57 -5.30
N LEU A 464 -27.51 -20.36 -5.14
CA LEU A 464 -26.77 -20.40 -3.88
C LEU A 464 -25.89 -19.17 -3.71
N VAL A 465 -25.41 -18.58 -4.81
CA VAL A 465 -24.65 -17.33 -4.70
C VAL A 465 -25.53 -16.24 -4.12
N VAL A 466 -26.80 -16.19 -4.54
CA VAL A 466 -27.71 -15.19 -3.99
C VAL A 466 -27.90 -15.41 -2.50
N GLN A 467 -28.15 -16.66 -2.11
CA GLN A 467 -28.29 -16.99 -0.69
C GLN A 467 -27.12 -16.44 0.11
N TRP A 468 -25.90 -16.63 -0.39
CA TRP A 468 -24.72 -16.06 0.26
C TRP A 468 -24.84 -14.55 0.37
N ILE A 469 -25.28 -13.88 -0.70
CA ILE A 469 -25.41 -12.42 -0.66
C ILE A 469 -26.54 -12.02 0.27
N ALA A 470 -27.65 -12.75 0.25
CA ALA A 470 -28.80 -12.36 1.05
C ALA A 470 -28.45 -12.34 2.53
N MET A 471 -27.74 -13.38 3.00
CA MET A 471 -27.37 -13.42 4.41
C MET A 471 -26.21 -12.48 4.69
N ALA A 472 -25.23 -12.40 3.78
CA ALA A 472 -24.11 -11.49 3.95
C ALA A 472 -24.60 -10.06 4.18
N VAL A 473 -25.38 -9.54 3.23
CA VAL A 473 -25.98 -8.21 3.38
C VAL A 473 -26.89 -8.17 4.59
N ASP A 474 -27.64 -9.25 4.83
CA ASP A 474 -28.49 -9.31 6.02
C ASP A 474 -27.66 -9.14 7.29
N MET A 475 -26.56 -9.88 7.40
CA MET A 475 -25.68 -9.75 8.55
C MET A 475 -25.04 -8.37 8.63
N TRP A 476 -25.06 -7.61 7.54
CA TRP A 476 -24.48 -6.28 7.50
C TRP A 476 -25.47 -5.21 7.96
N VAL A 477 -26.73 -5.30 7.52
CA VAL A 477 -27.73 -4.36 7.99
C VAL A 477 -28.00 -4.55 9.49
N ARG A 478 -27.89 -5.80 9.97
CA ARG A 478 -28.00 -6.02 11.41
C ARG A 478 -26.91 -5.28 12.18
N GLU A 479 -25.71 -5.21 11.61
CA GLU A 479 -24.58 -4.60 12.31
C GLU A 479 -24.63 -3.09 12.29
N VAL A 480 -25.28 -2.49 11.28
CA VAL A 480 -25.31 -1.03 11.18
C VAL A 480 -26.45 -0.44 12.01
N GLU A 481 -27.61 -1.10 12.05
CA GLU A 481 -28.66 -0.65 12.97
C GLU A 481 -28.12 -0.57 14.39
N ARG A 482 -27.44 -1.63 14.84
CA ARG A 482 -26.80 -1.60 16.16
C ARG A 482 -25.67 -0.60 16.22
N ARG A 483 -24.88 -0.50 15.15
CA ARG A 483 -23.72 0.39 15.15
C ARG A 483 -24.15 1.84 15.36
N GLY A 484 -25.21 2.27 14.68
CA GLY A 484 -25.70 3.64 14.77
C GLY A 484 -25.22 4.54 13.65
N ALA A 485 -25.20 4.01 12.42
CA ALA A 485 -24.70 4.74 11.25
C ALA A 485 -25.67 4.59 10.09
N MET A 486 -25.65 5.56 9.19
CA MET A 486 -26.49 5.55 8.00
C MET A 486 -26.29 6.82 7.17
N VAL A 500 -18.08 1.21 1.70
CA VAL A 500 -19.20 1.70 2.48
C VAL A 500 -20.50 1.39 1.77
N MET A 501 -21.52 1.04 2.56
CA MET A 501 -22.83 0.74 2.01
C MET A 501 -23.40 1.98 1.32
N GLY A 502 -23.99 1.76 0.15
CA GLY A 502 -24.55 2.85 -0.62
C GLY A 502 -25.47 2.37 -1.72
N SER A 503 -25.42 3.06 -2.87
CA SER A 503 -26.21 2.62 -4.01
C SER A 503 -25.73 1.28 -4.55
N TRP A 504 -24.42 1.02 -4.48
CA TRP A 504 -23.86 -0.14 -5.17
C TRP A 504 -24.38 -1.44 -4.58
N VAL A 505 -24.74 -1.46 -3.30
CA VAL A 505 -25.30 -2.67 -2.72
C VAL A 505 -26.72 -2.88 -3.20
N SER A 506 -27.50 -1.80 -3.33
CA SER A 506 -28.84 -1.90 -3.90
C SER A 506 -28.77 -2.30 -5.38
N GLU A 507 -27.81 -1.74 -6.11
CA GLU A 507 -27.60 -2.15 -7.49
C GLU A 507 -27.36 -3.65 -7.60
N LEU A 508 -26.72 -4.24 -6.60
CA LEU A 508 -26.44 -5.67 -6.62
C LEU A 508 -27.69 -6.49 -6.33
N LEU A 509 -28.42 -6.14 -5.27
CA LEU A 509 -29.62 -6.89 -4.90
C LEU A 509 -30.64 -6.90 -6.03
N GLY A 510 -30.84 -5.75 -6.68
CA GLY A 510 -31.75 -5.71 -7.82
C GLY A 510 -31.23 -6.50 -9.01
N ARG A 511 -29.92 -6.43 -9.24
CA ARG A 511 -29.29 -7.26 -10.26
C ARG A 511 -29.31 -8.73 -9.85
N ALA A 512 -29.24 -9.02 -8.55
CA ALA A 512 -29.38 -10.39 -8.06
C ALA A 512 -30.81 -10.89 -8.16
N ASP A 513 -31.79 -9.99 -8.24
CA ASP A 513 -33.17 -10.40 -8.39
C ASP A 513 -33.42 -10.98 -9.78
N GLN A 514 -32.84 -10.35 -10.81
CA GLN A 514 -32.92 -10.88 -12.17
C GLN A 514 -32.41 -12.32 -12.22
N VAL A 515 -31.38 -12.62 -11.43
CA VAL A 515 -30.82 -13.96 -11.44
C VAL A 515 -31.83 -14.98 -10.94
N LEU A 516 -32.65 -14.59 -9.95
CA LEU A 516 -33.62 -15.53 -9.40
C LEU A 516 -34.77 -15.80 -10.35
N THR A 517 -35.14 -14.81 -11.16
CA THR A 517 -36.20 -15.03 -12.15
C THR A 517 -35.67 -15.75 -13.38
N GLN A 518 -34.46 -15.40 -13.82
CA GLN A 518 -33.85 -16.13 -14.92
C GLN A 518 -33.63 -17.60 -14.56
N ILE A 519 -33.44 -17.89 -13.27
CA ILE A 519 -33.30 -19.27 -12.80
C ILE A 519 -34.66 -19.90 -12.52
N ALA A 520 -35.67 -19.09 -12.19
CA ALA A 520 -37.00 -19.63 -11.97
C ALA A 520 -37.64 -20.12 -13.27
N GLY A 521 -37.23 -19.55 -14.41
CA GLY A 521 -37.78 -19.93 -15.70
C GLY A 521 -37.11 -21.16 -16.29
N THR A 522 -35.78 -21.11 -16.42
CA THR A 522 -35.04 -22.26 -16.95
C THR A 522 -35.17 -23.49 -16.06
N GLY A 523 -35.51 -23.31 -14.78
CA GLY A 523 -35.75 -24.44 -13.90
C GLY A 523 -36.98 -25.25 -14.26
N ALA A 524 -37.94 -24.63 -14.94
CA ALA A 524 -39.14 -25.33 -15.38
C ALA A 524 -38.81 -26.30 -16.52
N ALA A 528 -37.86 -27.26 -11.95
CA ALA A 528 -37.29 -27.77 -10.71
C ALA A 528 -38.30 -27.67 -9.55
N SER A 529 -38.06 -28.49 -8.52
CA SER A 529 -38.99 -28.56 -7.39
C SER A 529 -38.77 -27.45 -6.38
N ASP A 530 -37.64 -26.74 -6.44
CA ASP A 530 -37.37 -25.59 -5.58
C ASP A 530 -38.06 -24.33 -6.08
N ALA A 531 -39.01 -24.46 -7.02
CA ALA A 531 -39.68 -23.30 -7.60
C ALA A 531 -40.31 -22.41 -6.52
N GLU A 532 -40.64 -22.98 -5.37
CA GLU A 532 -41.20 -22.21 -4.26
C GLU A 532 -40.12 -21.69 -3.32
N GLU A 533 -39.01 -22.41 -3.18
CA GLU A 533 -37.89 -21.90 -2.40
C GLU A 533 -37.33 -20.63 -3.03
N ILE A 534 -37.14 -20.64 -4.35
CA ILE A 534 -36.67 -19.46 -5.08
C ILE A 534 -37.62 -18.29 -4.86
N ALA A 535 -38.92 -18.54 -5.02
CA ALA A 535 -39.91 -17.50 -4.82
C ALA A 535 -39.80 -16.90 -3.41
N SER A 536 -39.53 -17.74 -2.41
CA SER A 536 -39.42 -17.25 -1.04
C SER A 536 -38.15 -16.40 -0.85
N LEU A 537 -37.10 -16.70 -1.59
CA LEU A 537 -35.87 -15.92 -1.47
C LEU A 537 -36.06 -14.52 -2.04
N ARG A 538 -36.76 -14.41 -3.17
CA ARG A 538 -37.04 -13.10 -3.76
C ARG A 538 -37.71 -12.18 -2.75
N ARG A 539 -38.61 -12.73 -1.92
CA ARG A 539 -39.28 -11.93 -0.92
C ARG A 539 -38.33 -11.51 0.20
N THR A 540 -37.21 -12.19 0.35
CA THR A 540 -36.17 -11.77 1.30
C THR A 540 -35.23 -10.75 0.68
N VAL A 541 -34.92 -10.91 -0.61
CA VAL A 541 -34.02 -10.00 -1.29
C VAL A 541 -34.67 -8.61 -1.41
N LYS A 542 -35.84 -8.55 -2.03
CA LYS A 542 -36.55 -7.28 -2.20
C LYS A 542 -36.77 -6.57 -0.87
N GLY A 543 -36.76 -7.30 0.24
CA GLY A 543 -36.87 -6.70 1.56
C GLY A 543 -35.57 -6.04 1.99
N LEU A 544 -34.44 -6.70 1.69
CA LEU A 544 -33.14 -6.12 2.02
C LEU A 544 -32.86 -4.88 1.20
N LYS A 545 -33.30 -4.87 -0.07
CA LYS A 545 -33.12 -3.69 -0.91
C LYS A 545 -33.78 -2.48 -0.29
N ARG A 546 -34.97 -2.66 0.29
CA ARG A 546 -35.65 -1.56 0.98
C ARG A 546 -34.81 -1.03 2.13
N SER A 547 -34.21 -1.92 2.91
CA SER A 547 -33.43 -1.50 4.07
C SER A 547 -32.24 -0.64 3.68
N VAL A 548 -31.75 -0.77 2.45
CA VAL A 548 -30.57 -0.01 2.01
C VAL A 548 -30.97 1.31 1.35
N ASP A 549 -32.00 1.31 0.52
CA ASP A 549 -32.41 2.50 -0.22
C ASP A 549 -32.89 3.61 0.71
N ASP B 1 23.09 16.91 40.86
CA ASP B 1 23.31 16.74 39.43
C ASP B 1 22.01 16.43 38.68
N ASP B 2 21.07 15.77 39.35
CA ASP B 2 19.76 15.50 38.78
C ASP B 2 18.84 16.72 38.81
N VAL B 3 19.19 17.76 39.58
CA VAL B 3 18.41 19.00 39.57
C VAL B 3 18.62 19.76 38.27
N VAL B 4 19.86 19.78 37.77
CA VAL B 4 20.15 20.48 36.53
C VAL B 4 19.44 19.81 35.37
N THR B 5 19.20 18.51 35.47
CA THR B 5 18.47 17.79 34.43
C THR B 5 17.02 18.24 34.37
N PHE B 6 16.37 18.32 35.54
CA PHE B 6 14.97 18.75 35.57
C PHE B 6 14.80 20.14 34.97
N LYS B 7 15.73 21.05 35.29
CA LYS B 7 15.67 22.39 34.71
C LYS B 7 15.85 22.36 33.20
N ALA B 8 16.63 21.42 32.67
CA ALA B 8 16.81 21.34 31.23
C ALA B 8 15.52 20.91 30.54
N GLN B 9 14.87 19.88 31.08
CA GLN B 9 13.56 19.46 30.56
C GLN B 9 12.51 20.54 30.75
N GLU B 10 12.64 21.37 31.79
CA GLU B 10 11.68 22.43 32.02
C GLU B 10 11.74 23.49 30.92
N GLN B 11 12.95 23.93 30.59
CA GLN B 11 13.11 24.94 29.54
C GLN B 11 12.64 24.41 28.20
N LEU B 12 13.02 23.18 27.89
CA LEU B 12 12.65 22.57 26.62
C LEU B 12 11.14 22.57 26.45
N GLN B 13 10.43 21.90 27.36
CA GLN B 13 8.98 21.81 27.26
C GLN B 13 8.37 23.20 27.09
N ARG B 14 8.99 24.22 27.67
CA ARG B 14 8.56 25.59 27.44
C ARG B 14 8.82 26.02 26.01
N ALA B 15 9.88 25.51 25.39
CA ALA B 15 10.17 25.85 23.99
C ALA B 15 9.03 25.41 23.08
N SER B 16 8.51 24.20 23.28
CA SER B 16 7.37 23.77 22.49
C SER B 16 6.16 24.64 22.77
N GLU B 17 5.84 24.83 24.06
CA GLU B 17 4.73 25.68 24.48
C GLU B 17 4.87 27.10 23.99
N GLN B 18 6.09 27.56 23.68
CA GLN B 18 6.28 28.95 23.26
C GLN B 18 5.52 29.26 21.99
N ALA B 19 5.69 28.46 20.94
CA ALA B 19 5.03 28.78 19.67
C ALA B 19 3.53 28.93 19.85
N HIS B 20 2.96 28.24 20.85
CA HIS B 20 1.54 28.30 21.15
C HIS B 20 1.19 29.41 22.15
N ASN B 21 2.18 29.89 22.91
CA ASN B 21 1.99 30.95 23.88
C ASN B 21 2.60 32.28 23.44
N SER B 22 3.05 32.38 22.19
CA SER B 22 3.82 33.55 21.80
C SER B 22 2.94 34.78 21.84
N PRO B 23 3.38 35.88 22.45
CA PRO B 23 2.57 37.12 22.40
C PRO B 23 2.68 37.83 21.08
N VAL B 24 3.78 37.61 20.35
CA VAL B 24 4.01 38.27 19.06
C VAL B 24 3.25 37.54 17.96
N LEU B 25 3.41 36.21 17.91
CA LEU B 25 2.73 35.42 16.89
C LEU B 25 1.23 35.68 16.92
N ARG B 26 0.58 35.42 18.06
CA ARG B 26 -0.86 35.67 18.15
C ARG B 26 -1.26 37.03 17.65
N ALA B 27 -0.39 38.04 17.83
CA ALA B 27 -0.72 39.41 17.42
C ALA B 27 -0.52 39.57 15.91
N LEU B 28 0.62 39.09 15.40
CA LEU B 28 0.84 39.11 13.96
C LEU B 28 -0.28 38.37 13.23
N LEU B 29 -0.54 37.12 13.63
CA LEU B 29 -1.59 36.35 12.99
C LEU B 29 -2.93 37.06 13.12
N ALA B 30 -3.23 37.60 14.29
CA ALA B 30 -4.47 38.35 14.45
C ALA B 30 -4.52 39.53 13.51
N GLU B 31 -3.36 40.12 13.20
CA GLU B 31 -3.32 41.30 12.33
C GLU B 31 -3.52 40.92 10.87
N SER B 32 -2.83 39.88 10.41
CA SER B 32 -3.05 39.42 9.04
C SER B 32 -4.52 39.10 8.81
N LEU B 33 -5.16 38.45 9.79
CA LEU B 33 -6.58 38.14 9.69
C LEU B 33 -7.43 39.42 9.60
N ARG B 34 -7.03 40.46 10.34
CA ARG B 34 -7.75 41.73 10.27
C ARG B 34 -7.68 42.31 8.86
N LEU B 35 -6.54 42.14 8.19
CA LEU B 35 -6.38 42.70 6.85
C LEU B 35 -7.16 41.89 5.82
N PHE B 36 -7.15 40.55 5.96
CA PHE B 36 -7.88 39.72 5.00
C PHE B 36 -9.37 39.99 5.08
N GLU B 37 -9.91 40.13 6.29
CA GLU B 37 -11.34 40.38 6.45
C GLU B 37 -11.74 41.73 5.90
N GLN B 38 -10.77 42.63 5.68
CA GLN B 38 -11.05 43.91 5.05
C GLN B 38 -11.43 43.72 3.58
N VAL B 39 -10.55 43.09 2.81
CA VAL B 39 -10.75 42.85 1.39
C VAL B 39 -11.38 41.48 1.20
N ALA B 40 -12.16 41.03 2.19
CA ALA B 40 -12.74 39.69 2.14
C ALA B 40 -13.54 39.47 0.87
N GLY B 41 -14.48 40.36 0.57
CA GLY B 41 -15.38 40.16 -0.54
C GLY B 41 -14.73 40.39 -1.89
N SER B 42 -13.40 40.40 -1.93
CA SER B 42 -12.66 40.59 -3.17
C SER B 42 -11.41 39.71 -3.21
N LEU B 43 -11.37 38.66 -2.39
CA LEU B 43 -10.23 37.74 -2.38
C LEU B 43 -10.44 36.65 -3.41
N THR B 44 -9.39 36.33 -4.14
CA THR B 44 -9.52 35.25 -5.12
C THR B 44 -9.35 33.90 -4.42
N PRO B 45 -10.10 32.88 -4.86
CA PRO B 45 -9.91 31.53 -4.28
C PRO B 45 -8.48 31.06 -4.24
N ALA B 46 -7.63 31.52 -5.17
CA ALA B 46 -6.24 31.09 -5.13
C ALA B 46 -5.50 31.68 -3.94
N ASN B 47 -5.78 32.94 -3.60
CA ASN B 47 -5.14 33.57 -2.45
C ASN B 47 -5.71 33.01 -1.14
N LEU B 48 -7.04 32.97 -1.04
CA LEU B 48 -7.70 32.46 0.16
C LEU B 48 -7.18 31.09 0.53
N THR B 49 -6.93 30.24 -0.47
CA THR B 49 -6.36 28.93 -0.19
C THR B 49 -4.96 29.07 0.40
N THR B 50 -4.08 29.80 -0.29
CA THR B 50 -2.71 29.96 0.20
C THR B 50 -2.69 30.49 1.62
N ALA B 51 -3.67 31.32 1.97
CA ALA B 51 -3.77 31.83 3.33
C ALA B 51 -4.11 30.71 4.31
N VAL B 52 -5.15 29.94 4.00
CA VAL B 52 -5.58 28.87 4.92
C VAL B 52 -4.50 27.80 5.02
N GLU B 53 -3.82 27.50 3.90
CA GLU B 53 -2.74 26.53 3.95
C GLU B 53 -1.67 26.95 4.96
N GLN B 54 -1.32 28.24 4.97
CA GLN B 54 -0.32 28.71 5.91
C GLN B 54 -0.83 28.72 7.33
N TYR B 55 -2.09 29.13 7.53
CA TYR B 55 -2.67 29.15 8.87
C TYR B 55 -2.61 27.79 9.53
N ILE B 56 -2.77 26.72 8.76
CA ILE B 56 -2.75 25.38 9.34
C ILE B 56 -1.33 25.02 9.77
N SER B 57 -0.32 25.44 8.99
CA SER B 57 1.06 25.19 9.37
C SER B 57 1.39 25.80 10.71
N LEU B 58 0.74 26.92 11.03
CA LEU B 58 0.96 27.64 12.27
C LEU B 58 -0.13 27.34 13.29
N LYS B 59 -0.86 26.24 13.11
CA LYS B 59 -1.86 25.78 14.08
C LYS B 59 -2.92 26.86 14.35
N TYR B 60 -3.11 27.77 13.40
CA TYR B 60 -4.08 28.86 13.55
C TYR B 60 -5.44 28.44 13.00
N TYR B 61 -5.95 27.36 13.58
CA TYR B 61 -7.15 26.70 13.05
C TYR B 61 -8.37 27.61 13.15
N ALA B 62 -8.73 27.99 14.37
CA ALA B 62 -9.94 28.77 14.59
C ALA B 62 -9.94 30.04 13.76
N GLY B 63 -8.77 30.66 13.58
CA GLY B 63 -8.73 31.90 12.83
C GLY B 63 -9.03 31.70 11.35
N ALA B 64 -8.38 30.70 10.74
CA ALA B 64 -8.57 30.45 9.31
C ALA B 64 -10.03 30.16 9.01
N ILE B 65 -10.71 29.46 9.91
CA ILE B 65 -12.13 29.18 9.71
C ILE B 65 -12.92 30.49 9.66
N GLN B 66 -12.56 31.45 10.53
CA GLN B 66 -13.27 32.72 10.60
C GLN B 66 -13.06 33.55 9.34
N LEU B 67 -11.90 33.42 8.69
CA LEU B 67 -11.67 34.14 7.44
C LEU B 67 -12.58 33.60 6.34
N CYS B 68 -12.62 32.28 6.17
CA CYS B 68 -13.44 31.68 5.12
C CYS B 68 -14.91 32.00 5.32
N LEU B 69 -15.37 31.96 6.57
CA LEU B 69 -16.75 32.33 6.86
C LEU B 69 -17.00 33.80 6.49
N THR B 70 -16.02 34.67 6.77
CA THR B 70 -16.17 36.08 6.47
C THR B 70 -16.16 36.33 4.98
N VAL B 71 -15.24 35.68 4.26
CA VAL B 71 -15.20 35.79 2.80
C VAL B 71 -16.53 35.36 2.20
N ALA B 72 -17.18 34.37 2.80
CA ALA B 72 -18.46 33.92 2.28
C ALA B 72 -19.48 35.04 2.33
N GLN B 73 -19.69 35.61 3.51
CA GLN B 73 -20.75 36.61 3.68
C GLN B 73 -20.54 37.82 2.77
N GLN B 74 -19.29 38.18 2.51
CA GLN B 74 -18.98 39.38 1.73
C GLN B 74 -19.05 39.14 0.23
N LYS B 75 -19.12 37.89 -0.21
CA LYS B 75 -19.41 37.60 -1.61
C LYS B 75 -20.89 37.62 -1.90
N ASP B 76 -21.72 37.43 -0.86
CA ASP B 76 -23.18 37.37 -0.98
C ASP B 76 -23.76 37.99 0.32
N ARG B 77 -23.86 39.32 0.31
CA ARG B 77 -24.41 40.01 1.47
C ARG B 77 -25.92 39.83 1.55
N GLY B 78 -26.62 39.91 0.41
CA GLY B 78 -28.06 39.74 0.39
C GLY B 78 -28.53 38.36 0.80
N ASN B 79 -27.61 37.40 0.96
CA ASN B 79 -27.95 36.03 1.36
C ASN B 79 -28.86 35.38 0.33
N THR B 80 -28.32 35.22 -0.89
CA THR B 80 -29.02 34.52 -1.96
C THR B 80 -28.86 33.01 -1.88
N ALA B 81 -27.74 32.51 -1.37
CA ALA B 81 -27.64 31.07 -1.15
C ALA B 81 -28.66 30.57 -0.13
N LEU B 82 -29.14 31.46 0.75
CA LEU B 82 -30.25 31.10 1.61
C LEU B 82 -31.56 31.06 0.83
N SER B 83 -31.89 32.16 0.14
CA SER B 83 -33.10 32.20 -0.67
C SER B 83 -33.09 31.17 -1.79
N TRP B 84 -31.92 30.62 -2.10
CA TRP B 84 -31.80 29.56 -3.10
C TRP B 84 -32.11 28.20 -2.48
N VAL B 85 -31.44 27.87 -1.37
CA VAL B 85 -31.66 26.58 -0.70
C VAL B 85 -33.00 26.56 0.02
N ASN B 86 -33.45 27.70 0.56
CA ASN B 86 -34.73 27.73 1.24
C ASN B 86 -35.87 27.38 0.28
N ASP B 87 -35.84 27.93 -0.94
CA ASP B 87 -36.77 27.51 -1.97
C ASP B 87 -36.54 26.06 -2.39
N GLY B 88 -35.34 25.54 -2.19
CA GLY B 88 -35.07 24.13 -2.44
C GLY B 88 -34.63 23.80 -3.84
N LYS B 89 -33.32 23.85 -4.10
CA LYS B 89 -32.75 23.31 -5.34
C LYS B 89 -33.32 23.95 -6.61
N PRO B 90 -33.38 25.27 -6.72
CA PRO B 90 -33.69 25.85 -8.04
C PRO B 90 -32.56 25.64 -9.02
N ALA B 91 -32.62 24.59 -9.82
CA ALA B 91 -31.57 24.32 -10.79
C ALA B 91 -31.66 25.31 -11.97
N ASN B 92 -30.55 25.43 -12.69
CA ASN B 92 -30.43 26.38 -13.79
C ASN B 92 -30.78 27.79 -13.31
N ASP B 93 -29.86 28.34 -12.49
CA ASP B 93 -30.09 29.60 -11.81
C ASP B 93 -28.79 30.38 -11.70
N SER B 94 -28.93 31.72 -11.64
CA SER B 94 -27.78 32.60 -11.45
C SER B 94 -27.26 32.55 -10.03
N ARG B 95 -28.12 32.22 -9.06
CA ARG B 95 -27.71 32.07 -7.68
C ARG B 95 -26.79 30.89 -7.44
N LYS B 96 -26.54 30.05 -8.47
CA LYS B 96 -25.56 29.00 -8.33
C LYS B 96 -24.18 29.59 -8.01
N LYS B 97 -23.88 30.77 -8.56
CA LYS B 97 -22.63 31.44 -8.24
C LYS B 97 -22.50 31.63 -6.72
N ALA B 98 -23.56 32.14 -6.09
CA ALA B 98 -23.52 32.42 -4.66
C ALA B 98 -23.16 31.16 -3.88
N PHE B 99 -23.86 30.06 -4.14
CA PHE B 99 -23.59 28.83 -3.40
C PHE B 99 -22.21 28.29 -3.73
N ASP B 100 -21.85 28.26 -5.01
CA ASP B 100 -20.57 27.69 -5.42
C ASP B 100 -19.40 28.47 -4.83
N GLU B 101 -19.45 29.80 -4.91
CA GLU B 101 -18.39 30.61 -4.33
C GLU B 101 -18.34 30.46 -2.82
N ARG B 102 -19.52 30.46 -2.17
CA ARG B 102 -19.57 30.25 -0.73
C ARG B 102 -18.98 28.89 -0.36
N LYS B 103 -19.17 27.89 -1.21
CA LYS B 103 -18.71 26.54 -0.89
C LYS B 103 -17.19 26.44 -0.99
N ILE B 104 -16.56 27.18 -1.90
CA ILE B 104 -15.11 27.16 -1.98
C ILE B 104 -14.52 27.49 -0.63
N CYS B 105 -15.14 28.44 0.07
CA CYS B 105 -14.72 28.77 1.42
C CYS B 105 -15.14 27.67 2.38
N TYR B 106 -16.36 27.14 2.23
CA TYR B 106 -16.81 26.07 3.13
C TYR B 106 -15.94 24.84 2.99
N ASN B 107 -15.57 24.47 1.77
CA ASN B 107 -14.70 23.31 1.57
C ASN B 107 -13.34 23.52 2.22
N LEU B 108 -12.89 24.76 2.32
CA LEU B 108 -11.65 25.03 3.03
C LEU B 108 -11.84 24.89 4.54
N ILE B 109 -13.00 25.29 5.06
CA ILE B 109 -13.29 25.07 6.47
C ILE B 109 -13.21 23.58 6.78
N HIS B 110 -13.83 22.77 5.91
CA HIS B 110 -13.74 21.32 6.05
C HIS B 110 -12.28 20.88 6.00
N GLN B 111 -11.49 21.49 5.11
CA GLN B 111 -10.08 21.17 4.98
C GLN B 111 -9.32 21.45 6.27
N VAL B 112 -9.62 22.55 6.94
CA VAL B 112 -8.96 22.87 8.21
C VAL B 112 -9.33 21.83 9.26
N LEU B 113 -10.63 21.59 9.44
CA LEU B 113 -11.11 20.70 10.49
C LEU B 113 -10.53 19.29 10.37
N ASP B 114 -10.04 18.90 9.19
CA ASP B 114 -9.40 17.60 9.03
C ASP B 114 -8.01 17.59 9.63
N LYS B 115 -7.15 18.54 9.23
CA LYS B 115 -5.82 18.63 9.80
C LYS B 115 -5.85 18.98 11.28
N LEU B 116 -6.98 19.52 11.77
CA LEU B 116 -7.11 19.76 13.19
C LEU B 116 -7.04 18.45 13.95
N GLU B 117 -7.91 17.50 13.57
CA GLU B 117 -7.93 16.21 14.24
C GLU B 117 -6.64 15.44 13.97
N SER B 118 -6.12 15.52 12.73
CA SER B 118 -4.90 14.81 12.37
C SER B 118 -3.75 15.19 13.30
N ASP B 119 -3.50 16.49 13.46
CA ASP B 119 -2.39 16.94 14.28
C ASP B 119 -2.60 16.55 15.74
N PHE B 120 -3.82 16.71 16.24
CA PHE B 120 -4.20 16.37 17.61
C PHE B 120 -4.99 15.05 17.62
N ALA B 121 -4.47 14.06 16.90
CA ALA B 121 -5.16 12.79 16.72
C ALA B 121 -5.05 11.93 17.97
N GLY B 122 -6.20 11.55 18.51
CA GLY B 122 -6.28 10.64 19.65
C GLY B 122 -5.69 11.20 20.92
N GLU B 123 -5.24 12.47 20.89
CA GLU B 123 -4.59 13.06 22.04
C GLU B 123 -5.64 13.47 23.08
N PRO B 124 -5.36 13.31 24.36
CA PRO B 124 -6.36 13.62 25.38
C PRO B 124 -6.51 15.12 25.56
N GLU B 125 -7.70 15.53 26.01
CA GLU B 125 -7.99 16.94 26.20
C GLU B 125 -7.47 17.50 27.52
N LEU B 126 -6.73 16.70 28.30
CA LEU B 126 -6.21 17.23 29.56
C LEU B 126 -5.07 16.36 30.07
N VAL B 127 -4.02 17.04 30.57
CA VAL B 127 -3.32 16.53 31.74
C VAL B 127 -4.22 16.74 32.96
N ASP B 128 -3.96 15.99 34.03
CA ASP B 128 -4.80 16.14 35.21
C ASP B 128 -4.90 17.60 35.61
N GLY B 129 -6.13 18.09 35.72
CA GLY B 129 -6.38 19.50 36.02
C GLY B 129 -6.34 20.46 34.85
N ARG B 130 -5.26 20.42 34.03
CA ARG B 130 -4.99 21.44 33.02
C ARG B 130 -5.38 20.95 31.64
N PRO B 131 -6.15 21.71 30.85
CA PRO B 131 -6.38 21.31 29.46
C PRO B 131 -5.12 21.55 28.63
N THR B 132 -4.94 20.71 27.61
CA THR B 132 -3.85 20.92 26.68
C THR B 132 -4.11 22.17 25.82
N LEU B 133 -3.03 22.74 25.29
CA LEU B 133 -3.20 23.80 24.30
C LEU B 133 -3.67 23.20 22.98
N ALA B 134 -3.36 21.93 22.74
CA ALA B 134 -3.97 21.22 21.63
C ALA B 134 -5.49 21.18 21.80
N ALA B 135 -5.97 20.88 23.00
CA ALA B 135 -7.41 20.86 23.26
C ALA B 135 -8.01 22.26 23.25
N THR B 136 -7.20 23.29 23.55
CA THR B 136 -7.69 24.66 23.48
C THR B 136 -7.94 25.06 22.03
N LYS B 137 -6.95 24.86 21.15
CA LYS B 137 -7.12 25.16 19.74
C LYS B 137 -8.27 24.37 19.13
N ARG B 138 -8.64 23.25 19.76
CA ARG B 138 -9.81 22.50 19.31
C ARG B 138 -11.09 23.24 19.66
N MET B 139 -11.22 23.65 20.92
CA MET B 139 -12.43 24.35 21.37
C MET B 139 -12.55 25.72 20.69
N GLU B 140 -11.42 26.42 20.51
CA GLU B 140 -11.44 27.69 19.79
C GLU B 140 -11.96 27.51 18.37
N ALA B 141 -11.61 26.39 17.74
CA ALA B 141 -12.01 26.15 16.36
C ALA B 141 -13.51 25.84 16.27
N TYR B 142 -14.00 24.94 17.12
CA TYR B 142 -15.40 24.52 17.04
C TYR B 142 -16.36 25.53 17.66
N ASN B 143 -15.87 26.61 18.25
CA ASN B 143 -16.74 27.69 18.68
C ASN B 143 -17.06 28.63 17.52
N VAL B 144 -16.05 28.90 16.68
CA VAL B 144 -16.28 29.67 15.47
C VAL B 144 -17.34 28.99 14.61
N VAL B 145 -17.30 27.65 14.56
CA VAL B 145 -18.16 26.89 13.67
C VAL B 145 -19.59 26.84 14.22
N ASN B 146 -19.73 26.49 15.50
CA ASN B 146 -21.05 26.26 16.07
C ASN B 146 -21.81 27.55 16.35
N ASP B 147 -21.13 28.67 16.49
CA ASP B 147 -21.77 29.92 16.84
C ASP B 147 -22.14 30.76 15.62
N SER B 148 -21.59 30.45 14.45
CA SER B 148 -21.80 31.28 13.27
C SER B 148 -23.30 31.44 12.97
N SER B 149 -23.64 32.57 12.37
CA SER B 149 -25.02 32.87 11.96
C SER B 149 -25.31 32.47 10.53
N ASP B 150 -24.30 32.12 9.75
CA ASP B 150 -24.47 31.57 8.41
C ASP B 150 -24.99 30.15 8.55
N GLU B 151 -26.29 29.96 8.32
CA GLU B 151 -26.87 28.62 8.42
C GLU B 151 -26.76 27.83 7.11
N VAL B 152 -26.61 28.51 5.98
CA VAL B 152 -26.27 27.81 4.75
C VAL B 152 -24.91 27.11 4.92
N PHE B 153 -24.01 27.72 5.69
CA PHE B 153 -22.76 27.06 6.02
C PHE B 153 -22.99 25.88 6.94
N HIS B 154 -23.89 26.04 7.91
CA HIS B 154 -24.20 24.94 8.82
C HIS B 154 -24.78 23.74 8.07
N PHE B 155 -25.70 23.99 7.15
CA PHE B 155 -26.29 22.89 6.38
C PHE B 155 -25.20 22.14 5.61
N ASP B 156 -24.37 22.87 4.86
CA ASP B 156 -23.27 22.24 4.14
C ASP B 156 -22.29 21.56 5.09
N LEU B 157 -22.21 22.04 6.34
CA LEU B 157 -21.35 21.40 7.32
C LEU B 157 -21.97 20.11 7.86
N TYR B 158 -23.28 20.13 8.13
CA TYR B 158 -23.96 18.93 8.60
C TYR B 158 -23.98 17.85 7.52
N GLU B 159 -24.19 18.26 6.27
CA GLU B 159 -24.14 17.33 5.14
C GLU B 159 -22.77 16.66 5.03
N TRP B 160 -21.71 17.40 5.35
CA TRP B 160 -20.36 16.86 5.26
C TRP B 160 -19.99 16.02 6.47
N TYR B 161 -20.58 16.29 7.64
CA TYR B 161 -20.32 15.47 8.82
C TYR B 161 -20.83 14.05 8.61
N ILE B 162 -22.01 13.91 7.99
CA ILE B 162 -22.55 12.59 7.71
C ILE B 162 -21.64 11.82 6.75
N GLU B 163 -21.24 12.47 5.66
CA GLU B 163 -20.38 11.81 4.68
C GLU B 163 -19.08 11.31 5.30
N LYS B 164 -18.71 11.82 6.47
CA LYS B 164 -17.55 11.32 7.21
C LYS B 164 -17.93 10.35 8.31
N GLY B 165 -19.22 10.09 8.51
CA GLY B 165 -19.65 9.16 9.53
C GLY B 165 -19.53 9.71 10.93
N TRP B 166 -19.35 11.02 11.08
CA TRP B 166 -19.30 11.64 12.39
C TRP B 166 -20.74 11.87 12.88
N THR B 167 -21.37 10.76 13.25
CA THR B 167 -22.76 10.80 13.69
C THR B 167 -22.89 11.53 15.02
N ASP B 168 -22.15 11.07 16.04
CA ASP B 168 -22.29 11.62 17.38
C ASP B 168 -21.95 13.11 17.42
N ARG B 169 -21.30 13.64 16.38
CA ARG B 169 -21.00 15.06 16.33
C ARG B 169 -22.26 15.87 16.09
N ILE B 170 -23.08 15.46 15.12
CA ILE B 170 -24.32 16.18 14.83
C ILE B 170 -25.21 16.23 16.06
N LEU B 171 -25.27 15.14 16.81
CA LEU B 171 -26.17 15.08 17.96
C LEU B 171 -25.77 16.11 19.02
N SER B 172 -24.47 16.29 19.26
CA SER B 172 -24.02 17.15 20.34
C SER B 172 -24.28 18.62 20.05
N ILE B 173 -24.37 19.01 18.77
CA ILE B 173 -24.56 20.40 18.41
C ILE B 173 -25.87 20.92 19.00
N ASP B 174 -25.79 22.04 19.69
CA ASP B 174 -26.95 22.65 20.33
C ASP B 174 -27.51 23.83 19.53
N SER B 175 -26.96 24.09 18.34
CA SER B 175 -27.50 25.13 17.49
C SER B 175 -28.94 24.79 17.08
N PRO B 176 -29.75 25.78 16.73
CA PRO B 176 -31.09 25.49 16.23
C PRO B 176 -31.16 25.38 14.72
N HIS B 177 -30.03 25.57 14.03
CA HIS B 177 -29.95 25.32 12.61
C HIS B 177 -29.87 23.82 12.30
N VAL B 178 -29.43 23.01 13.26
CA VAL B 178 -29.40 21.57 13.04
C VAL B 178 -30.80 21.00 13.08
N ILE B 179 -31.68 21.58 13.90
CA ILE B 179 -33.04 21.06 13.99
C ILE B 179 -33.77 21.30 12.69
N THR B 180 -33.54 22.45 12.05
CA THR B 180 -34.21 22.71 10.79
C THR B 180 -33.68 21.79 9.70
N TYR B 181 -32.37 21.53 9.70
CA TYR B 181 -31.80 20.64 8.69
C TYR B 181 -32.37 19.24 8.85
N LEU B 182 -32.30 18.69 10.05
CA LEU B 182 -32.79 17.33 10.26
C LEU B 182 -34.30 17.23 10.06
N GLN B 183 -35.06 18.26 10.43
CA GLN B 183 -36.50 18.22 10.21
C GLN B 183 -36.83 18.25 8.73
N ARG B 184 -36.16 19.12 7.96
CA ARG B 184 -36.40 19.21 6.52
C ARG B 184 -35.93 17.98 5.76
N LEU B 185 -35.03 17.19 6.33
CA LEU B 185 -34.52 16.00 5.68
C LEU B 185 -35.30 14.77 6.09
N ALA B 186 -35.83 14.76 7.31
CA ALA B 186 -36.66 13.66 7.77
C ALA B 186 -37.90 13.50 6.90
N GLU B 187 -38.34 14.58 6.24
CA GLU B 187 -39.60 14.57 5.50
C GLU B 187 -39.54 13.69 4.26
N THR B 188 -38.35 13.44 3.72
CA THR B 188 -38.18 12.67 2.51
C THR B 188 -37.10 11.60 2.60
N ASP B 189 -36.48 11.43 3.77
CA ASP B 189 -35.43 10.44 3.97
C ASP B 189 -35.69 9.77 5.31
N PHE B 190 -36.03 8.48 5.28
CA PHE B 190 -36.27 7.74 6.52
C PHE B 190 -35.02 7.73 7.41
N ARG B 191 -33.85 7.52 6.82
CA ARG B 191 -32.64 7.36 7.62
C ARG B 191 -32.11 8.68 8.17
N HIS B 192 -32.66 9.82 7.74
CA HIS B 192 -32.39 11.08 8.40
C HIS B 192 -33.39 11.38 9.51
N ALA B 193 -34.67 11.06 9.30
CA ALA B 193 -35.62 11.12 10.41
C ALA B 193 -35.15 10.26 11.57
N GLU B 194 -34.33 9.24 11.28
CA GLU B 194 -33.76 8.42 12.34
C GLU B 194 -32.91 9.25 13.30
N LEU B 195 -32.05 10.13 12.77
CA LEU B 195 -31.17 10.92 13.62
C LEU B 195 -31.96 11.93 14.44
N LEU B 196 -32.86 12.67 13.79
CA LEU B 196 -33.73 13.59 14.51
C LEU B 196 -34.39 12.93 15.71
N CYS B 197 -34.80 11.67 15.56
CA CYS B 197 -35.33 10.94 16.69
C CYS B 197 -34.24 10.59 17.68
N ARG B 198 -33.02 10.34 17.21
CA ARG B 198 -31.90 10.10 18.11
C ARG B 198 -31.46 11.39 18.78
N PHE B 199 -31.53 12.49 18.04
CA PHE B 199 -31.21 13.81 18.58
C PHE B 199 -32.08 14.13 19.79
N TYR B 200 -33.39 13.89 19.67
CA TYR B 200 -34.31 14.20 20.76
C TYR B 200 -34.09 13.26 21.96
N THR B 201 -33.76 11.99 21.70
CA THR B 201 -33.73 10.99 22.77
C THR B 201 -32.45 11.04 23.59
N THR B 202 -31.35 11.53 23.02
CA THR B 202 -30.16 11.77 23.83
C THR B 202 -30.36 13.00 24.71
N ARG B 203 -31.11 13.99 24.23
CA ARG B 203 -31.49 15.16 25.02
C ARG B 203 -32.65 14.90 25.96
N SER B 204 -33.28 13.73 25.90
CA SER B 204 -34.37 13.31 26.79
C SER B 204 -35.69 14.00 26.45
N ARG B 205 -35.86 14.49 25.22
CA ARG B 205 -37.16 14.96 24.72
C ARG B 205 -37.90 13.76 24.10
N PHE B 206 -38.27 12.85 24.99
CA PHE B 206 -38.81 11.55 24.58
C PHE B 206 -40.11 11.70 23.80
N PHE B 207 -41.01 12.56 24.27
CA PHE B 207 -42.27 12.76 23.55
C PHE B 207 -42.01 13.21 22.12
N GLU B 208 -41.11 14.19 21.93
CA GLU B 208 -40.86 14.71 20.60
C GLU B 208 -40.36 13.62 19.66
N ALA B 209 -39.66 12.61 20.19
CA ALA B 209 -39.18 11.52 19.36
C ALA B 209 -40.33 10.60 18.94
N ALA B 210 -41.08 10.08 19.92
CA ALA B 210 -42.27 9.29 19.61
C ALA B 210 -43.22 10.05 18.70
N GLN B 211 -43.24 11.38 18.81
CA GLN B 211 -44.08 12.20 17.94
C GLN B 211 -43.64 12.07 16.49
N VAL B 212 -42.34 11.92 16.25
CA VAL B 212 -41.83 11.75 14.89
C VAL B 212 -41.94 10.31 14.46
N GLN B 213 -41.57 9.37 15.33
CA GLN B 213 -41.65 7.95 15.02
C GLN B 213 -43.07 7.55 14.63
N THR B 214 -44.07 8.04 15.37
CA THR B 214 -45.46 7.75 15.04
C THR B 214 -45.84 8.43 13.73
N ASN B 215 -45.58 9.73 13.61
CA ASN B 215 -45.91 10.46 12.40
C ASN B 215 -45.15 9.91 11.19
N LEU B 216 -44.08 9.17 11.44
CA LEU B 216 -43.32 8.57 10.35
C LEU B 216 -43.91 7.22 9.93
N ALA B 217 -44.38 6.44 10.89
CA ALA B 217 -45.05 5.18 10.56
C ALA B 217 -46.34 5.42 9.80
N LYS B 218 -47.04 6.52 10.08
CA LYS B 218 -48.27 6.84 9.36
C LYS B 218 -47.99 7.51 8.03
N SER B 219 -46.73 7.60 7.62
CA SER B 219 -46.37 8.42 6.49
C SER B 219 -46.72 7.75 5.16
N ASP B 220 -46.42 8.48 4.09
CA ASP B 220 -46.56 7.99 2.73
C ASP B 220 -45.21 7.60 2.15
N LEU B 221 -44.21 7.43 3.01
CA LEU B 221 -42.85 7.13 2.61
C LEU B 221 -42.68 5.63 2.40
N ASN B 222 -41.70 5.28 1.58
CA ASN B 222 -41.41 3.89 1.26
C ASN B 222 -40.69 3.23 2.43
N ILE B 223 -41.47 2.74 3.40
CA ILE B 223 -40.94 2.10 4.59
C ILE B 223 -41.60 0.73 4.73
N SER B 224 -40.79 -0.29 4.98
CA SER B 224 -41.32 -1.64 5.15
C SER B 224 -42.23 -1.70 6.38
N LEU B 225 -43.15 -2.66 6.37
CA LEU B 225 -44.06 -2.84 7.49
C LEU B 225 -43.32 -3.22 8.77
N LYS B 226 -42.31 -4.08 8.65
CA LYS B 226 -41.60 -4.53 9.85
C LYS B 226 -40.78 -3.42 10.49
N ASP B 227 -40.34 -2.43 9.69
CA ASP B 227 -39.74 -1.22 10.25
C ASP B 227 -40.78 -0.37 10.95
N ARG B 228 -41.95 -0.18 10.35
CA ARG B 228 -43.02 0.55 11.00
C ARG B 228 -43.42 -0.11 12.32
N ILE B 229 -43.21 -1.42 12.45
CA ILE B 229 -43.45 -2.09 13.72
C ILE B 229 -42.41 -1.65 14.74
N ILE B 230 -41.15 -1.50 14.31
CA ILE B 230 -40.11 -0.98 15.20
C ILE B 230 -40.43 0.46 15.60
N LEU B 231 -40.76 1.29 14.60
CA LEU B 231 -41.07 2.69 14.89
C LEU B 231 -42.16 2.79 15.95
N LEU B 232 -43.29 2.13 15.72
CA LEU B 232 -44.37 2.22 16.68
C LEU B 232 -43.99 1.60 18.02
N SER B 233 -43.10 0.60 18.00
CA SER B 233 -42.68 -0.04 19.24
C SER B 233 -41.74 0.87 20.02
N ARG B 234 -40.90 1.62 19.32
CA ARG B 234 -40.07 2.65 19.98
C ARG B 234 -40.94 3.83 20.40
N ALA B 235 -41.87 4.23 19.54
CA ALA B 235 -42.75 5.35 19.88
C ALA B 235 -43.57 5.03 21.12
N LYS B 236 -44.03 3.78 21.24
CA LYS B 236 -44.79 3.40 22.44
C LYS B 236 -43.95 3.52 23.70
N GLY B 237 -42.66 3.24 23.61
CA GLY B 237 -41.77 3.34 24.76
C GLY B 237 -41.43 4.78 25.08
N ASN B 238 -41.03 5.55 24.07
CA ASN B 238 -40.69 6.95 24.28
C ASN B 238 -41.89 7.77 24.77
N ALA B 239 -43.11 7.32 24.48
CA ALA B 239 -44.31 8.00 24.94
C ALA B 239 -44.88 7.38 26.21
N SER B 240 -44.17 6.43 26.82
CA SER B 240 -44.62 5.82 28.07
C SER B 240 -44.09 6.52 29.30
N VAL B 241 -42.96 7.23 29.17
CA VAL B 241 -42.30 7.88 30.30
C VAL B 241 -42.50 9.38 30.19
N ASN B 242 -42.55 10.03 31.35
CA ASN B 242 -42.69 11.48 31.39
C ASN B 242 -41.49 12.14 30.73
N THR B 243 -41.76 13.26 30.05
CA THR B 243 -40.73 14.11 29.50
C THR B 243 -41.01 15.53 29.97
N ILE B 244 -39.93 16.24 30.34
CA ILE B 244 -40.06 17.56 30.95
C ILE B 244 -40.75 18.50 29.98
N GLY B 245 -41.85 19.12 30.43
CA GLY B 245 -42.53 20.17 29.69
C GLY B 245 -43.84 19.73 29.08
N ILE B 246 -43.92 18.46 28.66
CA ILE B 246 -45.09 17.98 27.93
C ILE B 246 -46.05 17.33 28.91
N SER B 247 -47.34 17.52 28.65
CA SER B 247 -48.40 17.18 29.58
C SER B 247 -48.43 15.67 29.81
N ARG B 248 -49.29 15.27 30.75
CA ARG B 248 -49.56 13.85 30.90
C ARG B 248 -50.57 13.39 29.87
N GLN B 249 -51.54 14.25 29.55
CA GLN B 249 -52.57 13.89 28.58
C GLN B 249 -51.99 13.74 27.18
N GLN B 250 -51.17 14.70 26.75
CA GLN B 250 -50.60 14.60 25.41
C GLN B 250 -49.61 13.45 25.34
N GLN B 251 -49.00 13.08 26.46
CA GLN B 251 -48.13 11.91 26.51
C GLN B 251 -48.93 10.63 26.26
N GLN B 252 -50.03 10.45 27.00
CA GLN B 252 -50.88 9.27 26.80
C GLN B 252 -51.64 9.36 25.48
N GLN B 253 -52.02 10.56 25.06
CA GLN B 253 -52.69 10.74 23.78
C GLN B 253 -51.87 10.18 22.63
N LEU B 254 -50.55 10.24 22.74
CA LEU B 254 -49.67 9.70 21.72
C LEU B 254 -49.36 8.24 21.96
N ASN B 255 -49.23 7.84 23.24
CA ASN B 255 -48.98 6.44 23.53
C ASN B 255 -50.15 5.57 23.10
N HIS B 256 -51.38 6.05 23.33
CA HIS B 256 -52.55 5.28 22.93
C HIS B 256 -52.62 5.13 21.42
N GLU B 257 -52.40 6.22 20.68
CA GLU B 257 -52.41 6.15 19.22
C GLU B 257 -51.35 5.19 18.70
N ALA B 258 -50.12 5.29 19.22
CA ALA B 258 -49.06 4.41 18.75
C ALA B 258 -49.33 2.97 19.11
N SER B 259 -49.82 2.71 20.32
CA SER B 259 -50.12 1.35 20.73
C SER B 259 -51.17 0.72 19.84
N GLU B 260 -52.24 1.47 19.55
CA GLU B 260 -53.28 0.98 18.65
C GLU B 260 -52.68 0.52 17.31
N LEU B 261 -51.92 1.39 16.68
CA LEU B 261 -51.36 1.07 15.37
C LEU B 261 -50.44 -0.14 15.45
N LEU B 262 -49.62 -0.23 16.51
CA LEU B 262 -48.73 -1.37 16.67
C LEU B 262 -49.50 -2.68 16.73
N GLU B 263 -50.61 -2.68 17.47
CA GLU B 263 -51.46 -3.86 17.52
C GLU B 263 -51.96 -4.22 16.13
N ILE B 264 -52.41 -3.22 15.37
CA ILE B 264 -52.88 -3.46 14.00
C ILE B 264 -51.73 -3.92 13.12
N ALA B 265 -50.62 -3.19 13.14
CA ALA B 265 -49.49 -3.57 12.30
C ALA B 265 -49.02 -4.99 12.59
N HIS B 266 -49.08 -5.42 13.86
CA HIS B 266 -48.70 -6.78 14.19
C HIS B 266 -49.65 -7.78 13.56
N ILE B 267 -50.96 -7.49 13.59
CA ILE B 267 -51.91 -8.32 12.86
C ILE B 267 -51.55 -8.37 11.39
N GLN B 268 -51.42 -7.19 10.76
CA GLN B 268 -51.11 -7.11 9.34
C GLN B 268 -49.85 -7.90 9.01
N ASP B 269 -48.82 -7.79 9.85
CA ASP B 269 -47.60 -8.56 9.60
C ASP B 269 -47.84 -10.05 9.73
N ASP B 270 -48.42 -10.49 10.85
CA ASP B 270 -48.67 -11.91 11.04
C ASP B 270 -49.63 -12.44 9.99
N LEU B 271 -50.51 -11.58 9.48
CA LEU B 271 -51.42 -11.97 8.41
C LEU B 271 -50.67 -12.22 7.11
N LEU B 272 -49.94 -11.21 6.64
CA LEU B 272 -49.13 -11.34 5.43
C LEU B 272 -48.22 -12.56 5.51
N GLU B 273 -47.56 -12.76 6.65
CA GLU B 273 -46.65 -13.89 6.80
C GLU B 273 -47.36 -15.21 6.51
N ARG B 274 -48.61 -15.33 6.96
CA ARG B 274 -49.37 -16.57 6.80
C ARG B 274 -49.98 -16.68 5.41
N LEU B 275 -50.47 -15.57 4.85
CA LEU B 275 -51.04 -15.60 3.50
C LEU B 275 -50.01 -16.04 2.47
N VAL B 276 -48.78 -15.53 2.59
CA VAL B 276 -47.74 -15.85 1.62
C VAL B 276 -47.38 -17.33 1.68
N ALA B 277 -47.38 -17.90 2.88
CA ALA B 277 -47.05 -19.31 3.08
C ALA B 277 -48.27 -20.22 2.98
N ASP B 278 -49.37 -19.71 2.43
CA ASP B 278 -50.63 -20.47 2.37
C ASP B 278 -50.72 -21.21 1.04
N PRO B 279 -50.68 -22.56 1.03
CA PRO B 279 -50.76 -23.28 -0.26
C PRO B 279 -52.07 -23.07 -0.99
N ARG B 280 -53.11 -22.65 -0.28
CA ARG B 280 -54.42 -22.50 -0.88
C ARG B 280 -54.46 -21.30 -1.83
N ILE B 281 -53.48 -20.40 -1.74
CA ILE B 281 -53.47 -19.13 -2.48
C ILE B 281 -52.62 -19.25 -3.73
N PRO B 282 -53.06 -18.69 -4.86
CA PRO B 282 -52.23 -18.73 -6.07
C PRO B 282 -51.02 -17.81 -5.97
N GLU B 283 -49.92 -18.23 -6.60
CA GLU B 283 -48.68 -17.47 -6.55
C GLU B 283 -48.82 -16.14 -7.27
N GLU B 284 -49.83 -16.00 -8.12
CA GLU B 284 -50.09 -14.74 -8.81
C GLU B 284 -50.72 -13.73 -7.86
N ARG B 285 -51.64 -14.19 -7.02
CA ARG B 285 -52.29 -13.30 -6.06
C ARG B 285 -51.34 -12.94 -4.92
N LYS B 286 -50.51 -13.89 -4.49
CA LYS B 286 -49.62 -13.62 -3.35
C LYS B 286 -48.77 -12.40 -3.59
N ALA B 287 -48.31 -12.20 -4.83
CA ALA B 287 -47.52 -11.01 -5.14
C ALA B 287 -48.39 -9.76 -5.06
N GLU B 288 -49.65 -9.87 -5.50
CA GLU B 288 -50.58 -8.74 -5.43
C GLU B 288 -50.89 -8.36 -3.99
N ILE B 289 -50.93 -9.35 -3.10
CA ILE B 289 -51.14 -9.08 -1.68
C ILE B 289 -49.90 -8.41 -1.10
N GLU B 290 -48.74 -9.03 -1.29
CA GLU B 290 -47.53 -8.60 -0.62
C GLU B 290 -47.22 -7.13 -0.91
N GLU B 291 -47.46 -6.67 -2.13
CA GLU B 291 -47.25 -5.26 -2.42
C GLU B 291 -48.20 -4.39 -1.63
N PHE B 292 -49.45 -4.83 -1.46
CA PHE B 292 -50.44 -4.02 -0.77
C PHE B 292 -50.21 -4.01 0.74
N LEU B 293 -49.84 -5.16 1.32
CA LEU B 293 -49.71 -5.24 2.78
C LEU B 293 -48.34 -4.76 3.26
N ASP B 294 -47.27 -5.10 2.53
CA ASP B 294 -45.90 -4.85 2.99
C ASP B 294 -45.56 -3.38 2.75
N GLY B 295 -46.10 -2.53 3.59
CA GLY B 295 -45.83 -1.11 3.51
C GLY B 295 -46.58 -0.36 4.59
N PRO B 296 -47.45 0.59 4.21
CA PRO B 296 -48.26 1.29 5.20
C PRO B 296 -49.30 0.38 5.83
N ILE B 297 -49.80 0.82 6.98
CA ILE B 297 -50.73 0.06 7.81
C ILE B 297 -52.16 0.33 7.37
N ARG B 298 -52.86 -0.72 6.97
CA ARG B 298 -54.22 -0.62 6.44
C ARG B 298 -55.25 -0.69 7.55
N THR B 299 -56.51 -0.45 7.16
CA THR B 299 -57.61 -0.48 8.12
C THR B 299 -57.94 -1.93 8.48
N LEU B 300 -58.45 -2.12 9.69
CA LEU B 300 -58.85 -3.46 10.09
C LEU B 300 -59.95 -3.99 9.18
N THR B 301 -60.79 -3.10 8.66
CA THR B 301 -61.81 -3.52 7.70
C THR B 301 -61.17 -4.18 6.47
N ASP B 302 -60.15 -3.53 5.90
CA ASP B 302 -59.46 -4.12 4.75
C ASP B 302 -58.79 -5.43 5.14
N LEU B 303 -58.15 -5.47 6.30
CA LEU B 303 -57.45 -6.67 6.74
C LEU B 303 -58.40 -7.83 6.99
N PHE B 304 -59.61 -7.54 7.48
CA PHE B 304 -60.54 -8.60 7.82
C PHE B 304 -61.18 -9.18 6.58
N ASN B 305 -61.82 -8.33 5.76
CA ASN B 305 -62.64 -8.80 4.66
C ASN B 305 -61.80 -9.42 3.56
N ASP B 306 -61.06 -8.61 2.82
CA ASP B 306 -60.38 -9.12 1.64
C ASP B 306 -59.32 -10.16 1.97
N TYR B 307 -59.08 -10.50 3.25
CA TYR B 307 -57.99 -11.41 3.59
C TYR B 307 -58.30 -12.36 4.74
N ALA B 308 -58.42 -11.83 5.96
CA ALA B 308 -58.41 -12.69 7.15
C ALA B 308 -59.61 -13.64 7.18
N ASP B 309 -60.80 -13.11 6.89
CA ASP B 309 -62.02 -13.90 7.00
C ASP B 309 -62.12 -14.92 5.87
N GLN B 310 -61.72 -14.51 4.65
CA GLN B 310 -61.77 -15.42 3.50
C GLN B 310 -60.92 -16.66 3.74
N ALA B 311 -59.67 -16.46 4.19
CA ALA B 311 -58.77 -17.58 4.41
C ALA B 311 -59.17 -18.43 5.61
N ASN B 312 -60.21 -18.04 6.35
CA ASN B 312 -60.63 -18.77 7.54
C ASN B 312 -59.51 -18.83 8.57
N TYR B 313 -58.76 -17.71 8.68
CA TYR B 313 -57.80 -17.50 9.76
C TYR B 313 -58.55 -17.06 11.01
N TYR B 314 -59.08 -18.04 11.74
CA TYR B 314 -59.98 -17.71 12.85
C TYR B 314 -59.24 -17.02 13.98
N ASP B 315 -57.98 -17.42 14.23
CA ASP B 315 -57.23 -16.81 15.32
C ASP B 315 -56.96 -15.35 15.05
N LEU B 316 -56.52 -15.01 13.83
CA LEU B 316 -56.29 -13.61 13.48
C LEU B 316 -57.60 -12.82 13.37
N CYS B 317 -58.72 -13.50 13.10
CA CYS B 317 -60.00 -12.81 13.10
C CYS B 317 -60.35 -12.31 14.50
N LEU B 318 -60.03 -13.10 15.52
CA LEU B 318 -60.29 -12.68 16.89
C LEU B 318 -59.40 -11.50 17.29
N LEU B 319 -58.12 -11.54 16.92
CA LEU B 319 -57.24 -10.43 17.23
C LEU B 319 -57.76 -9.13 16.63
N ILE B 320 -58.39 -9.19 15.46
CA ILE B 320 -58.97 -8.02 14.84
C ILE B 320 -60.17 -7.53 15.65
N PHE B 321 -61.00 -8.47 16.13
CA PHE B 321 -62.13 -8.07 16.96
C PHE B 321 -61.66 -7.33 18.20
N HIS B 322 -60.62 -7.86 18.86
CA HIS B 322 -60.06 -7.22 20.04
C HIS B 322 -59.48 -5.86 19.69
N ALA B 323 -58.61 -5.82 18.68
CA ALA B 323 -58.00 -4.57 18.26
C ALA B 323 -59.02 -3.56 17.75
N ALA B 324 -60.22 -4.01 17.38
CA ALA B 324 -61.28 -3.14 16.89
C ALA B 324 -62.37 -2.89 17.91
N ASP B 325 -62.19 -3.37 19.14
CA ASP B 325 -63.21 -3.27 20.18
C ASP B 325 -64.58 -3.69 19.62
N PHE B 326 -64.58 -4.88 18.99
CA PHE B 326 -65.73 -5.41 18.27
C PHE B 326 -66.75 -5.98 19.25
N HIS B 327 -67.88 -5.29 19.41
CA HIS B 327 -68.92 -5.67 20.37
C HIS B 327 -69.91 -6.59 19.66
N ASN B 328 -69.78 -7.88 19.92
CA ASN B 328 -70.80 -8.85 19.49
C ASN B 328 -70.52 -10.18 20.18
N PRO B 329 -71.33 -10.58 21.16
CA PRO B 329 -70.99 -11.80 21.90
C PRO B 329 -71.10 -13.06 21.08
N ARG B 330 -72.01 -13.12 20.09
CA ARG B 330 -72.22 -14.36 19.35
C ARG B 330 -71.08 -14.64 18.38
N THR B 331 -70.89 -13.74 17.40
CA THR B 331 -69.86 -13.96 16.39
C THR B 331 -68.50 -14.18 17.02
N ILE B 332 -68.23 -13.51 18.15
CA ILE B 332 -67.00 -13.76 18.88
C ILE B 332 -66.95 -15.22 19.32
N LEU B 333 -68.08 -15.74 19.79
CA LEU B 333 -68.14 -17.12 20.27
C LEU B 333 -68.17 -18.11 19.10
N ASP B 334 -68.91 -17.77 18.04
CA ASP B 334 -68.90 -18.60 16.84
C ASP B 334 -67.49 -18.73 16.27
N THR B 335 -66.72 -17.64 16.28
CA THR B 335 -65.37 -17.71 15.76
C THR B 335 -64.49 -18.56 16.67
N TRP B 336 -64.73 -18.52 17.97
CA TRP B 336 -63.97 -19.35 18.89
C TRP B 336 -64.23 -20.82 18.63
N ASN B 337 -65.47 -21.17 18.33
CA ASN B 337 -65.81 -22.55 18.07
C ASN B 337 -65.09 -23.06 16.82
N ASN B 338 -65.11 -22.26 15.75
CA ASN B 338 -64.41 -22.66 14.52
C ASN B 338 -62.91 -22.75 14.75
N LEU B 339 -62.35 -21.82 15.54
CA LEU B 339 -60.93 -21.85 15.84
C LEU B 339 -60.54 -23.11 16.59
N ILE B 340 -61.40 -23.56 17.51
CA ILE B 340 -61.11 -24.77 18.27
C ILE B 340 -61.17 -25.99 17.38
N ASN B 341 -62.20 -26.08 16.53
CA ASN B 341 -62.37 -27.26 15.68
C ASN B 341 -61.25 -27.34 14.66
N GLN B 342 -61.01 -26.26 13.91
CA GLN B 342 -59.92 -26.26 12.94
C GLN B 342 -58.59 -26.60 13.60
N SER B 343 -58.39 -26.19 14.87
CA SER B 343 -57.16 -26.53 15.57
C SER B 343 -57.13 -28.02 15.92
N HIS B 344 -58.25 -28.55 16.39
CA HIS B 344 -58.32 -29.97 16.72
C HIS B 344 -58.03 -30.83 15.49
N PHE B 345 -58.50 -30.40 14.32
CA PHE B 345 -58.29 -31.16 13.09
C PHE B 345 -56.82 -31.17 12.71
N GLU B 346 -56.18 -30.00 12.69
CA GLU B 346 -54.77 -29.94 12.32
C GLU B 346 -53.94 -30.83 13.23
N ALA B 347 -54.32 -30.94 14.51
CA ALA B 347 -53.54 -31.77 15.42
C ALA B 347 -53.84 -33.25 15.28
N GLU B 348 -55.09 -33.60 14.95
CA GLU B 348 -55.43 -35.02 14.77
C GLU B 348 -54.89 -35.58 13.46
N GLN B 349 -54.86 -34.75 12.41
CA GLN B 349 -54.23 -35.16 11.17
C GLN B 349 -52.74 -35.42 11.38
N ARG B 350 -52.07 -34.55 12.15
CA ARG B 350 -50.66 -34.73 12.46
C ARG B 350 -50.43 -36.03 13.25
N ARG B 351 -51.17 -36.24 14.33
CA ARG B 351 -51.02 -37.45 15.13
C ARG B 351 -51.28 -38.69 14.29
N GLU B 352 -52.21 -38.60 13.35
CA GLU B 352 -52.47 -39.73 12.46
C GLU B 352 -51.29 -39.99 11.53
N TYR B 353 -50.62 -38.92 11.09
CA TYR B 353 -49.49 -39.07 10.17
C TYR B 353 -48.25 -39.63 10.86
N TRP B 354 -47.99 -39.22 12.10
CA TRP B 354 -46.80 -39.68 12.79
C TRP B 354 -46.99 -41.12 13.28
N PRO B 370 -44.41 -34.76 9.16
CA PRO B 370 -44.37 -35.19 10.57
C PRO B 370 -42.97 -35.63 10.99
N ILE B 371 -42.17 -34.67 11.44
CA ILE B 371 -40.76 -34.92 11.73
C ILE B 371 -40.56 -35.40 13.17
N ALA B 372 -41.27 -34.79 14.12
CA ALA B 372 -41.22 -35.18 15.52
C ALA B 372 -42.62 -35.56 15.97
N GLU B 373 -42.69 -36.32 17.08
CA GLU B 373 -43.98 -36.76 17.59
C GLU B 373 -44.85 -35.54 17.86
N PRO B 374 -45.95 -35.36 17.12
CA PRO B 374 -46.75 -34.17 17.30
C PRO B 374 -47.55 -34.24 18.59
N PRO B 375 -48.12 -33.12 19.03
CA PRO B 375 -48.86 -33.10 20.30
C PRO B 375 -50.27 -33.63 20.11
N LEU B 376 -50.84 -34.13 21.22
CA LEU B 376 -52.23 -34.53 21.20
C LEU B 376 -53.11 -33.33 20.89
N PRO B 377 -54.35 -33.56 20.44
CA PRO B 377 -55.17 -32.44 19.96
C PRO B 377 -55.35 -31.30 20.97
N TYR B 378 -55.75 -31.62 22.19
CA TYR B 378 -56.02 -30.58 23.17
C TYR B 378 -54.79 -29.72 23.45
N VAL B 379 -53.59 -30.30 23.30
CA VAL B 379 -52.37 -29.52 23.51
C VAL B 379 -52.26 -28.41 22.49
N TYR B 380 -52.46 -28.73 21.21
CA TYR B 380 -52.40 -27.71 20.17
C TYR B 380 -53.55 -26.73 20.34
N VAL B 381 -54.73 -27.21 20.74
CA VAL B 381 -55.83 -26.30 21.01
C VAL B 381 -55.47 -25.38 22.17
N SER B 382 -54.85 -25.94 23.21
CA SER B 382 -54.43 -25.12 24.35
C SER B 382 -53.42 -24.06 23.92
N GLN B 383 -52.50 -24.41 23.01
CA GLN B 383 -51.53 -23.43 22.51
C GLN B 383 -52.23 -22.27 21.83
N GLN B 384 -53.24 -22.56 21.00
CA GLN B 384 -53.90 -21.51 20.24
C GLN B 384 -54.75 -20.59 21.10
N ILE B 385 -55.10 -21.01 22.32
CA ILE B 385 -55.79 -20.11 23.24
C ILE B 385 -54.77 -19.25 24.00
N GLN B 386 -53.72 -19.86 24.54
CA GLN B 386 -52.65 -19.10 25.18
C GLN B 386 -52.15 -18.01 24.26
N LEU B 387 -51.94 -18.34 22.98
CA LEU B 387 -51.44 -17.35 22.04
C LEU B 387 -52.37 -16.15 21.98
N ILE B 388 -53.68 -16.39 22.01
CA ILE B 388 -54.62 -15.27 22.05
C ILE B 388 -54.63 -14.62 23.43
N ALA B 389 -54.60 -15.43 24.48
CA ALA B 389 -54.76 -14.88 25.83
C ALA B 389 -53.67 -13.86 26.15
N HIS B 390 -52.40 -14.19 25.91
CA HIS B 390 -51.35 -13.21 26.12
C HIS B 390 -51.51 -12.04 25.17
N ARG B 391 -51.83 -12.33 23.92
CA ARG B 391 -51.92 -11.29 22.90
C ARG B 391 -53.17 -10.43 23.05
N THR B 392 -54.25 -11.00 23.56
CA THR B 392 -55.46 -10.22 23.78
C THR B 392 -55.33 -9.36 25.02
N SER B 393 -54.53 -9.82 25.99
CA SER B 393 -54.48 -9.23 27.33
C SER B 393 -55.83 -9.42 28.03
N LEU B 394 -56.49 -10.52 27.70
CA LEU B 394 -57.61 -11.06 28.47
C LEU B 394 -58.78 -10.09 28.57
N ASP B 395 -59.08 -9.44 27.46
CA ASP B 395 -60.29 -8.63 27.35
C ASP B 395 -61.52 -9.49 27.53
N SER B 396 -62.52 -8.94 28.22
CA SER B 396 -63.74 -9.69 28.49
C SER B 396 -64.60 -9.88 27.26
N LEU B 397 -64.37 -9.11 26.19
CA LEU B 397 -65.27 -9.17 25.04
C LEU B 397 -64.95 -10.37 24.16
N ILE B 398 -63.68 -10.53 23.80
CA ILE B 398 -63.28 -11.65 22.94
C ILE B 398 -62.80 -12.86 23.74
N PHE B 399 -62.73 -12.77 25.07
CA PHE B 399 -62.33 -13.90 25.91
C PHE B 399 -63.31 -14.09 27.05
N PRO B 400 -64.60 -14.26 26.73
CA PRO B 400 -65.63 -14.32 27.79
C PRO B 400 -65.69 -15.67 28.48
N VAL B 401 -65.04 -15.80 29.65
CA VAL B 401 -65.06 -17.07 30.38
C VAL B 401 -66.48 -17.52 30.64
N ASN B 402 -67.42 -16.57 30.69
CA ASN B 402 -68.82 -16.92 30.95
C ASN B 402 -69.32 -17.94 29.95
N SER B 403 -68.78 -17.90 28.72
CA SER B 403 -69.18 -18.75 27.59
C SER B 403 -68.05 -19.61 27.05
N LEU B 404 -66.83 -19.08 26.99
CA LEU B 404 -65.73 -19.83 26.36
C LEU B 404 -65.34 -21.05 27.17
N LEU B 405 -65.31 -20.94 28.50
CA LEU B 405 -64.90 -22.07 29.33
C LEU B 405 -65.85 -23.25 29.17
N PRO B 406 -67.17 -23.07 29.20
CA PRO B 406 -68.07 -24.17 28.83
C PRO B 406 -67.75 -24.76 27.47
N VAL B 407 -67.39 -23.92 26.49
CA VAL B 407 -67.09 -24.42 25.15
C VAL B 407 -65.86 -25.33 25.17
N VAL B 408 -64.80 -24.88 25.85
CA VAL B 408 -63.59 -25.71 25.94
C VAL B 408 -63.89 -26.98 26.71
N CYS B 409 -64.67 -26.87 27.80
CA CYS B 409 -65.06 -28.05 28.55
C CYS B 409 -65.96 -28.96 27.73
N ALA B 410 -66.82 -28.37 26.89
CA ALA B 410 -67.64 -29.18 26.00
C ALA B 410 -66.77 -29.88 24.97
N TYR B 411 -65.86 -29.13 24.34
CA TYR B 411 -64.94 -29.74 23.39
C TYR B 411 -64.16 -30.87 24.02
N ALA B 412 -63.77 -30.72 25.29
CA ALA B 412 -63.01 -31.77 25.96
C ALA B 412 -63.82 -33.05 26.13
N ILE B 413 -65.14 -32.97 25.98
CA ILE B 413 -66.01 -34.13 26.08
C ILE B 413 -66.43 -34.63 24.71
N ASN B 414 -66.99 -33.74 23.88
CA ASN B 414 -67.49 -34.13 22.57
C ASN B 414 -66.40 -34.68 21.66
N ASN B 415 -65.14 -34.31 21.90
CA ASN B 415 -63.99 -34.82 21.15
C ASN B 415 -63.10 -35.71 22.00
N GLY B 416 -63.56 -36.12 23.18
CA GLY B 416 -62.86 -37.12 23.97
C GLY B 416 -61.40 -36.87 24.24
N GLN B 417 -61.06 -35.64 24.66
CA GLN B 417 -59.70 -35.33 25.08
C GLN B 417 -59.63 -35.50 26.59
N ASP B 418 -59.40 -36.73 27.02
CA ASP B 418 -59.49 -37.08 28.44
C ASP B 418 -58.49 -38.19 28.75
N ALA B 419 -58.72 -38.90 29.85
CA ALA B 419 -57.83 -39.96 30.29
C ALA B 419 -57.65 -41.05 29.25
N SER B 420 -58.57 -41.16 28.29
CA SER B 420 -58.49 -42.21 27.27
C SER B 420 -57.17 -42.12 26.50
N ILE B 421 -56.72 -40.90 26.19
CA ILE B 421 -55.50 -40.67 25.43
C ILE B 421 -54.33 -40.27 26.33
N GLY B 422 -54.47 -40.45 27.65
CA GLY B 422 -53.40 -40.08 28.55
C GLY B 422 -53.36 -38.63 28.95
N ALA B 423 -54.43 -37.88 28.71
CA ALA B 423 -54.49 -36.47 29.06
C ALA B 423 -55.01 -36.28 30.48
N ASP B 424 -54.60 -35.18 31.11
CA ASP B 424 -55.14 -34.79 32.40
C ASP B 424 -56.62 -34.46 32.24
N PRO B 425 -57.54 -35.21 32.86
CA PRO B 425 -58.98 -34.92 32.66
C PRO B 425 -59.38 -33.50 33.00
N CYS B 426 -58.63 -32.83 33.88
CA CYS B 426 -58.93 -31.46 34.27
C CYS B 426 -58.09 -30.44 33.52
N TRP B 427 -57.72 -30.74 32.26
CA TRP B 427 -56.89 -29.86 31.47
C TRP B 427 -57.61 -28.59 31.05
N PRO B 428 -58.94 -28.58 30.93
CA PRO B 428 -59.63 -27.30 30.65
C PRO B 428 -59.58 -26.34 31.80
N ILE B 429 -59.68 -26.86 33.03
CA ILE B 429 -59.55 -26.01 34.21
C ILE B 429 -58.11 -25.54 34.36
N GLN B 430 -57.16 -26.49 34.31
CA GLN B 430 -55.74 -26.15 34.40
C GLN B 430 -55.36 -25.07 33.39
N LEU B 431 -55.99 -25.09 32.22
CA LEU B 431 -55.66 -24.10 31.18
C LEU B 431 -56.06 -22.69 31.62
N PHE B 432 -57.32 -22.52 32.00
CA PHE B 432 -57.83 -21.19 32.30
C PHE B 432 -57.22 -20.62 33.57
N LEU B 433 -57.08 -21.44 34.62
CA LEU B 433 -56.46 -20.96 35.86
C LEU B 433 -55.06 -20.41 35.58
N ASN B 434 -54.21 -21.22 34.96
CA ASN B 434 -52.83 -20.80 34.68
C ASN B 434 -52.78 -19.62 33.71
N LEU B 435 -53.84 -19.38 32.97
CA LEU B 435 -53.85 -18.24 32.06
C LEU B 435 -54.11 -16.92 32.78
N GLY B 436 -54.44 -16.96 34.07
CA GLY B 436 -54.73 -15.76 34.83
C GLY B 436 -56.19 -15.54 35.12
N VAL B 437 -57.05 -16.51 34.86
CA VAL B 437 -58.47 -16.35 35.18
C VAL B 437 -58.67 -16.48 36.69
N PRO B 438 -59.45 -15.61 37.33
CA PRO B 438 -59.64 -15.73 38.78
C PRO B 438 -60.32 -17.04 39.18
N HIS B 439 -59.80 -17.65 40.25
CA HIS B 439 -60.41 -18.85 40.81
C HIS B 439 -61.89 -18.65 41.11
N ALA B 440 -62.22 -17.51 41.72
CA ALA B 440 -63.59 -17.23 42.11
C ALA B 440 -64.54 -17.23 40.92
N LEU B 441 -64.04 -17.00 39.71
CA LEU B 441 -64.89 -16.99 38.52
C LEU B 441 -65.03 -18.37 37.91
N VAL B 442 -63.92 -19.12 37.85
CA VAL B 442 -63.97 -20.48 37.29
C VAL B 442 -64.98 -21.32 38.06
N VAL B 443 -64.91 -21.28 39.40
CA VAL B 443 -65.86 -22.05 40.21
C VAL B 443 -67.26 -21.51 40.04
N GLN B 444 -67.39 -20.23 39.71
CA GLN B 444 -68.71 -19.65 39.49
C GLN B 444 -69.33 -20.17 38.20
N VAL B 445 -68.49 -20.57 37.24
CA VAL B 445 -68.95 -21.10 35.96
C VAL B 445 -69.28 -22.58 36.07
N LEU B 446 -68.37 -23.36 36.66
CA LEU B 446 -68.63 -24.77 36.86
C LEU B 446 -69.89 -24.98 37.69
N GLU B 447 -70.15 -24.08 38.64
CA GLU B 447 -71.42 -24.12 39.36
C GLU B 447 -72.59 -24.04 38.39
N ASN B 448 -72.51 -23.09 37.46
CA ASN B 448 -73.59 -22.90 36.50
C ASN B 448 -73.72 -24.10 35.55
N VAL B 449 -72.62 -24.82 35.31
CA VAL B 449 -72.68 -25.97 34.42
C VAL B 449 -73.31 -27.16 35.11
N LEU B 450 -73.02 -27.33 36.40
CA LEU B 450 -73.42 -28.55 37.10
C LEU B 450 -74.93 -28.58 37.35
N ASP B 451 -75.57 -27.41 37.43
CA ASP B 451 -77.00 -27.35 37.71
C ASP B 451 -77.83 -27.47 36.43
N THR B 452 -77.53 -26.66 35.42
CA THR B 452 -78.32 -26.65 34.20
C THR B 452 -78.39 -28.04 33.57
N GLN B 453 -77.25 -28.72 33.48
CA GLN B 453 -77.16 -30.02 32.85
C GLN B 453 -77.61 -29.96 31.39
N GLU B 454 -77.09 -28.95 30.68
CA GLU B 454 -77.21 -28.91 29.23
C GLU B 454 -76.12 -29.78 28.64
N ALA B 455 -76.44 -30.49 27.57
CA ALA B 455 -75.48 -31.41 26.97
C ALA B 455 -74.26 -30.62 26.52
N PRO B 456 -73.07 -31.24 26.50
CA PRO B 456 -72.77 -32.64 26.84
C PRO B 456 -72.64 -32.92 28.33
N PHE B 457 -72.94 -31.91 29.15
CA PHE B 457 -72.76 -32.05 30.58
C PHE B 457 -73.94 -32.75 31.24
N THR B 458 -74.30 -33.94 30.75
CA THR B 458 -75.47 -34.68 31.22
C THR B 458 -75.06 -36.08 31.65
N GLY B 459 -75.96 -36.71 32.40
CA GLY B 459 -75.79 -38.11 32.76
C GLY B 459 -74.51 -38.35 33.55
N ARG B 460 -73.90 -39.51 33.31
CA ARG B 460 -72.72 -39.91 34.06
C ARG B 460 -71.49 -39.10 33.66
N ARG B 461 -71.61 -38.23 32.66
CA ARG B 461 -70.49 -37.37 32.30
C ARG B 461 -70.31 -36.26 33.32
N ARG B 462 -71.35 -35.99 34.14
CA ARG B 462 -71.21 -35.01 35.20
C ARG B 462 -70.22 -35.45 36.27
N LYS B 463 -69.87 -36.73 36.31
CA LYS B 463 -68.76 -37.18 37.16
C LYS B 463 -67.50 -36.37 36.85
N LEU B 464 -67.29 -36.04 35.58
CA LEU B 464 -66.15 -35.23 35.18
C LEU B 464 -66.32 -33.77 35.60
N VAL B 465 -67.57 -33.27 35.63
CA VAL B 465 -67.79 -31.90 36.05
C VAL B 465 -67.37 -31.73 37.51
N VAL B 466 -67.67 -32.72 38.36
CA VAL B 466 -67.28 -32.64 39.76
C VAL B 466 -65.76 -32.67 39.89
N GLN B 467 -65.10 -33.51 39.10
CA GLN B 467 -63.64 -33.54 39.12
C GLN B 467 -63.06 -32.18 38.80
N TRP B 468 -63.64 -31.48 37.82
CA TRP B 468 -63.24 -30.11 37.53
C TRP B 468 -63.45 -29.21 38.76
N ILE B 469 -64.63 -29.31 39.39
CA ILE B 469 -64.92 -28.47 40.55
C ILE B 469 -63.96 -28.77 41.70
N ALA B 470 -63.62 -30.03 41.89
CA ALA B 470 -62.66 -30.38 42.93
C ALA B 470 -61.30 -29.74 42.62
N MET B 471 -60.84 -29.87 41.38
CA MET B 471 -59.55 -29.29 41.01
C MET B 471 -59.56 -27.77 41.18
N ALA B 472 -60.63 -27.12 40.71
CA ALA B 472 -60.67 -25.67 40.76
C ALA B 472 -60.70 -25.17 42.20
N VAL B 473 -61.66 -25.66 42.99
CA VAL B 473 -61.77 -25.24 44.39
C VAL B 473 -60.52 -25.62 45.16
N ASP B 474 -59.98 -26.81 44.91
CA ASP B 474 -58.74 -27.21 45.58
C ASP B 474 -57.62 -26.23 45.28
N MET B 475 -57.47 -25.84 44.01
CA MET B 475 -56.47 -24.85 43.67
C MET B 475 -56.80 -23.48 44.26
N TRP B 476 -58.04 -23.29 44.70
CA TRP B 476 -58.46 -22.01 45.26
C TRP B 476 -58.09 -21.91 46.74
N VAL B 477 -58.41 -22.94 47.51
CA VAL B 477 -58.06 -22.94 48.93
C VAL B 477 -56.54 -23.02 49.10
N ARG B 478 -55.87 -23.77 48.22
CA ARG B 478 -54.42 -23.83 48.26
C ARG B 478 -53.79 -22.50 47.89
N GLU B 479 -54.51 -21.66 47.16
CA GLU B 479 -54.04 -20.32 46.82
C GLU B 479 -54.41 -19.28 47.88
N VAL B 480 -55.33 -19.61 48.78
CA VAL B 480 -55.66 -18.76 49.92
C VAL B 480 -54.81 -19.11 51.13
N GLU B 481 -54.67 -20.41 51.43
CA GLU B 481 -53.78 -20.85 52.49
C GLU B 481 -52.33 -20.48 52.20
N ARG B 482 -51.98 -20.34 50.91
CA ARG B 482 -50.64 -19.87 50.55
C ARG B 482 -50.49 -18.38 50.86
N ARG B 483 -51.53 -17.60 50.60
CA ARG B 483 -51.50 -16.15 50.84
C ARG B 483 -52.02 -15.84 52.24
N MET B 501 -65.37 -16.43 47.75
CA MET B 501 -65.66 -17.69 48.43
C MET B 501 -66.55 -17.42 49.64
N GLY B 502 -67.56 -18.27 49.81
CA GLY B 502 -68.50 -18.10 50.91
C GLY B 502 -69.36 -19.32 51.14
N SER B 503 -70.64 -19.07 51.44
CA SER B 503 -71.60 -20.16 51.59
C SER B 503 -71.85 -20.84 50.26
N TRP B 504 -71.85 -20.07 49.17
CA TRP B 504 -72.24 -20.59 47.87
C TRP B 504 -71.29 -21.68 47.37
N VAL B 505 -70.02 -21.65 47.78
CA VAL B 505 -69.09 -22.72 47.42
C VAL B 505 -69.36 -23.97 48.24
N SER B 506 -69.63 -23.81 49.54
CA SER B 506 -70.01 -24.96 50.36
C SER B 506 -71.34 -25.54 49.91
N GLU B 507 -72.30 -24.68 49.57
CA GLU B 507 -73.56 -25.15 49.00
C GLU B 507 -73.30 -26.02 47.77
N LEU B 508 -72.30 -25.67 46.98
CA LEU B 508 -71.99 -26.39 45.74
C LEU B 508 -71.33 -27.73 46.01
N LEU B 509 -70.23 -27.73 46.77
CA LEU B 509 -69.52 -28.98 47.01
C LEU B 509 -70.42 -30.04 47.62
N GLY B 510 -71.34 -29.62 48.50
CA GLY B 510 -72.31 -30.56 49.04
C GLY B 510 -73.29 -31.02 47.98
N ARG B 511 -73.76 -30.08 47.16
CA ARG B 511 -74.61 -30.39 46.02
C ARG B 511 -73.87 -31.22 44.98
N ALA B 512 -72.56 -30.99 44.81
CA ALA B 512 -71.74 -31.82 43.95
C ALA B 512 -71.66 -33.26 44.45
N ASP B 513 -71.84 -33.46 45.75
CA ASP B 513 -71.78 -34.82 46.29
C ASP B 513 -73.02 -35.62 45.93
N GLN B 514 -74.19 -34.98 45.93
CA GLN B 514 -75.40 -35.65 45.47
C GLN B 514 -75.20 -36.24 44.09
N VAL B 515 -74.45 -35.54 43.24
CA VAL B 515 -74.20 -36.00 41.89
C VAL B 515 -73.43 -37.32 41.93
N LEU B 516 -72.44 -37.43 42.82
CA LEU B 516 -71.62 -38.63 42.85
C LEU B 516 -72.40 -39.83 43.37
N THR B 517 -73.34 -39.62 44.29
CA THR B 517 -74.19 -40.70 44.76
C THR B 517 -75.28 -41.01 43.75
N GLN B 518 -75.85 -39.97 43.15
CA GLN B 518 -76.84 -40.13 42.09
C GLN B 518 -76.27 -40.90 40.92
N ILE B 519 -74.94 -40.81 40.72
CA ILE B 519 -74.25 -41.55 39.66
C ILE B 519 -73.88 -42.97 40.12
N ALA B 520 -73.69 -43.17 41.42
CA ALA B 520 -73.38 -44.49 41.94
C ALA B 520 -74.60 -45.42 41.85
N ASP B 530 -65.62 -47.82 37.55
CA ASP B 530 -65.15 -46.62 38.25
C ASP B 530 -65.69 -46.59 39.67
N ALA B 531 -66.19 -47.73 40.16
CA ALA B 531 -66.81 -47.77 41.49
C ALA B 531 -65.90 -47.23 42.56
N GLU B 532 -64.59 -47.35 42.39
CA GLU B 532 -63.61 -46.87 43.36
C GLU B 532 -63.18 -45.44 43.10
N GLU B 533 -63.18 -45.02 41.83
CA GLU B 533 -62.88 -43.63 41.50
C GLU B 533 -63.88 -42.68 42.14
N ILE B 534 -65.19 -42.96 41.95
CA ILE B 534 -66.23 -42.14 42.57
C ILE B 534 -66.06 -42.12 44.09
N ALA B 535 -65.87 -43.30 44.69
CA ALA B 535 -65.73 -43.37 46.14
C ALA B 535 -64.55 -42.51 46.62
N SER B 536 -63.42 -42.58 45.92
CA SER B 536 -62.27 -41.76 46.29
C SER B 536 -62.53 -40.28 46.03
N LEU B 537 -63.37 -39.97 45.04
CA LEU B 537 -63.66 -38.59 44.71
C LEU B 537 -64.57 -37.94 45.75
N ARG B 538 -65.55 -38.69 46.27
CA ARG B 538 -66.43 -38.16 47.32
C ARG B 538 -65.62 -37.69 48.51
N ARG B 539 -64.56 -38.42 48.86
CA ARG B 539 -63.72 -38.07 49.99
C ARG B 539 -62.77 -36.92 49.68
N THR B 540 -62.62 -36.54 48.41
CA THR B 540 -61.91 -35.33 48.05
C THR B 540 -62.82 -34.11 48.11
N VAL B 541 -64.09 -34.30 47.80
CA VAL B 541 -65.07 -33.21 47.90
C VAL B 541 -65.31 -32.86 49.36
N LYS B 542 -65.71 -33.86 50.16
CA LYS B 542 -65.95 -33.64 51.58
C LYS B 542 -64.72 -33.08 52.29
N GLY B 543 -63.53 -33.29 51.74
CA GLY B 543 -62.34 -32.65 52.28
C GLY B 543 -62.32 -31.16 52.01
N LEU B 544 -62.74 -30.74 50.82
CA LEU B 544 -62.78 -29.32 50.50
C LEU B 544 -63.89 -28.60 51.25
N LYS B 545 -65.02 -29.28 51.51
CA LYS B 545 -66.10 -28.64 52.25
C LYS B 545 -65.63 -28.25 53.64
N ARG B 546 -64.81 -29.10 54.26
CA ARG B 546 -64.21 -28.75 55.54
C ARG B 546 -63.27 -27.56 55.42
N SER B 547 -62.46 -27.54 54.33
CA SER B 547 -61.46 -26.49 54.16
C SER B 547 -62.07 -25.10 53.99
N VAL B 548 -63.32 -25.02 53.55
CA VAL B 548 -63.96 -23.73 53.34
C VAL B 548 -64.75 -23.28 54.57
N ASP B 549 -65.48 -24.19 55.20
CA ASP B 549 -66.29 -23.86 56.35
C ASP B 549 -65.43 -23.46 57.55
N ASP C 1 2.06 81.43 -59.35
CA ASP C 1 3.11 80.61 -58.73
C ASP C 1 2.53 79.55 -57.80
N ASP C 2 3.33 78.54 -57.49
CA ASP C 2 2.90 77.45 -56.63
C ASP C 2 2.90 77.82 -55.15
N VAL C 3 3.61 78.88 -54.77
CA VAL C 3 3.54 79.35 -53.39
C VAL C 3 2.18 79.96 -53.11
N VAL C 4 1.64 80.71 -54.07
CA VAL C 4 0.32 81.32 -53.90
C VAL C 4 -0.73 80.24 -53.86
N THR C 5 -0.48 79.09 -54.50
CA THR C 5 -1.48 78.03 -54.58
C THR C 5 -1.64 77.34 -53.23
N PHE C 6 -0.53 77.03 -52.56
CA PHE C 6 -0.62 76.34 -51.28
C PHE C 6 -1.50 77.09 -50.30
N LYS C 7 -1.32 78.42 -50.22
CA LYS C 7 -2.17 79.24 -49.37
C LYS C 7 -3.65 79.07 -49.71
N ALA C 8 -3.96 78.88 -51.00
CA ALA C 8 -5.34 78.71 -51.41
C ALA C 8 -5.88 77.36 -50.96
N GLN C 9 -5.11 76.30 -51.17
CA GLN C 9 -5.50 74.98 -50.66
C GLN C 9 -5.57 75.00 -49.14
N GLU C 10 -4.75 75.84 -48.49
CA GLU C 10 -4.76 75.90 -47.03
C GLU C 10 -6.06 76.51 -46.51
N GLN C 11 -6.50 77.61 -47.12
CA GLN C 11 -7.74 78.24 -46.67
C GLN C 11 -8.94 77.34 -46.90
N LEU C 12 -8.88 76.52 -47.95
CA LEU C 12 -9.97 75.58 -48.22
C LEU C 12 -9.97 74.44 -47.22
N GLN C 13 -8.81 73.81 -47.01
CA GLN C 13 -8.69 72.79 -45.98
C GLN C 13 -9.05 73.34 -44.60
N ARG C 14 -8.80 74.63 -44.37
CA ARG C 14 -9.16 75.24 -43.09
C ARG C 14 -10.63 75.63 -43.05
N ALA C 15 -11.19 76.01 -44.19
CA ALA C 15 -12.65 76.19 -44.26
C ALA C 15 -13.36 74.88 -43.90
N SER C 16 -12.87 73.76 -44.42
CA SER C 16 -13.46 72.47 -44.10
C SER C 16 -13.39 72.21 -42.60
N GLU C 17 -12.19 72.33 -42.02
CA GLU C 17 -12.03 72.09 -40.58
C GLU C 17 -12.99 72.96 -39.76
N GLN C 18 -13.19 74.21 -40.17
CA GLN C 18 -14.06 75.09 -39.42
C GLN C 18 -15.51 74.64 -39.51
N ALA C 19 -15.99 74.39 -40.73
CA ALA C 19 -17.40 74.11 -40.94
C ALA C 19 -17.89 72.95 -40.09
N HIS C 20 -17.02 71.97 -39.81
CA HIS C 20 -17.38 70.73 -39.15
C HIS C 20 -17.12 70.75 -37.65
N ASN C 21 -16.08 71.44 -37.18
CA ASN C 21 -15.74 71.48 -35.77
C ASN C 21 -15.68 72.91 -35.25
N SER C 22 -16.54 73.78 -35.76
CA SER C 22 -16.55 75.17 -35.31
C SER C 22 -16.89 75.22 -33.83
N PRO C 23 -16.26 76.12 -33.06
CA PRO C 23 -16.61 76.28 -31.64
C PRO C 23 -18.10 76.48 -31.42
N VAL C 24 -18.80 76.98 -32.44
CA VAL C 24 -20.24 77.17 -32.30
C VAL C 24 -20.97 75.84 -32.41
N LEU C 25 -20.65 75.05 -33.43
CA LEU C 25 -21.28 73.75 -33.58
C LEU C 25 -21.06 72.91 -32.33
N ARG C 26 -19.80 72.63 -32.01
CA ARG C 26 -19.48 71.84 -30.83
C ARG C 26 -20.26 72.31 -29.62
N ALA C 27 -20.51 73.61 -29.52
CA ALA C 27 -21.26 74.16 -28.39
C ALA C 27 -22.76 73.96 -28.57
N LEU C 28 -23.27 74.27 -29.76
CA LEU C 28 -24.69 74.09 -30.02
C LEU C 28 -25.10 72.64 -29.85
N LEU C 29 -24.37 71.72 -30.49
CA LEU C 29 -24.68 70.30 -30.38
C LEU C 29 -24.66 69.86 -28.92
N ALA C 30 -23.62 70.26 -28.19
CA ALA C 30 -23.51 69.86 -26.78
C ALA C 30 -24.64 70.44 -25.95
N GLU C 31 -25.17 71.60 -26.35
CA GLU C 31 -26.25 72.23 -25.62
C GLU C 31 -27.58 71.56 -25.92
N SER C 32 -27.85 71.32 -27.20
CA SER C 32 -29.09 70.62 -27.58
C SER C 32 -29.16 69.25 -26.91
N LEU C 33 -28.02 68.56 -26.83
CA LEU C 33 -27.98 67.26 -26.14
C LEU C 33 -28.30 67.41 -24.66
N ARG C 34 -27.77 68.47 -24.02
CA ARG C 34 -28.06 68.69 -22.61
C ARG C 34 -29.54 68.90 -22.38
N LEU C 35 -30.22 69.58 -23.32
CA LEU C 35 -31.64 69.83 -23.17
C LEU C 35 -32.45 68.55 -23.38
N PHE C 36 -32.04 67.71 -24.32
CA PHE C 36 -32.79 66.48 -24.57
C PHE C 36 -32.72 65.54 -23.38
N GLU C 37 -31.54 65.36 -22.79
CA GLU C 37 -31.42 64.47 -21.63
C GLU C 37 -32.26 64.95 -20.45
N GLN C 38 -32.68 66.22 -20.46
CA GLN C 38 -33.64 66.68 -19.47
C GLN C 38 -34.97 65.97 -19.63
N VAL C 39 -35.58 66.12 -20.80
CA VAL C 39 -36.90 65.57 -21.09
C VAL C 39 -36.78 64.20 -21.75
N ALA C 40 -35.72 63.46 -21.40
CA ALA C 40 -35.50 62.14 -21.99
C ALA C 40 -36.69 61.22 -21.77
N GLY C 41 -37.15 61.10 -20.53
CA GLY C 41 -38.20 60.15 -20.18
C GLY C 41 -39.59 60.53 -20.66
N SER C 42 -39.70 61.51 -21.56
CA SER C 42 -40.98 61.92 -22.11
C SER C 42 -40.87 62.18 -23.61
N LEU C 43 -39.81 61.68 -24.23
CA LEU C 43 -39.56 61.92 -25.64
C LEU C 43 -40.34 60.93 -26.49
N THR C 44 -41.02 61.43 -27.51
CA THR C 44 -41.73 60.54 -28.41
C THR C 44 -40.75 59.82 -29.32
N PRO C 45 -41.01 58.56 -29.67
CA PRO C 45 -40.13 57.87 -30.64
C PRO C 45 -39.86 58.69 -31.88
N ALA C 46 -40.88 59.39 -32.38
CA ALA C 46 -40.70 60.19 -33.58
C ALA C 46 -39.64 61.25 -33.38
N ASN C 47 -39.65 61.91 -32.22
CA ASN C 47 -38.71 63.00 -31.98
C ASN C 47 -37.29 62.48 -31.85
N LEU C 48 -37.08 61.50 -30.96
CA LEU C 48 -35.73 60.96 -30.77
C LEU C 48 -35.13 60.50 -32.10
N THR C 49 -35.97 59.94 -32.97
CA THR C 49 -35.47 59.54 -34.29
C THR C 49 -35.04 60.76 -35.09
N THR C 50 -35.91 61.77 -35.20
CA THR C 50 -35.55 62.98 -35.94
C THR C 50 -34.33 63.67 -35.34
N ALA C 51 -34.10 63.48 -34.05
CA ALA C 51 -32.94 64.08 -33.41
C ALA C 51 -31.66 63.35 -33.81
N VAL C 52 -31.66 62.02 -33.70
CA VAL C 52 -30.47 61.24 -34.05
C VAL C 52 -30.12 61.42 -35.52
N GLU C 53 -31.13 61.51 -36.39
CA GLU C 53 -30.87 61.73 -37.80
C GLU C 53 -30.07 63.01 -38.02
N GLN C 54 -30.46 64.09 -37.34
CA GLN C 54 -29.75 65.35 -37.48
C GLN C 54 -28.35 65.27 -36.90
N TYR C 55 -28.20 64.60 -35.75
CA TYR C 55 -26.89 64.45 -35.13
C TYR C 55 -25.91 63.78 -36.09
N ILE C 56 -26.38 62.78 -36.83
CA ILE C 56 -25.50 62.06 -37.73
C ILE C 56 -25.10 62.92 -38.91
N SER C 57 -25.99 63.79 -39.37
CA SER C 57 -25.63 64.72 -40.43
C SER C 57 -24.45 65.58 -40.02
N LEU C 58 -24.37 65.94 -38.74
CA LEU C 58 -23.35 66.81 -38.22
C LEU C 58 -22.23 66.04 -37.52
N LYS C 59 -22.14 64.74 -37.79
CA LYS C 59 -21.05 63.88 -37.29
C LYS C 59 -21.03 63.79 -35.78
N TYR C 60 -22.15 64.11 -35.12
CA TYR C 60 -22.23 64.03 -33.65
C TYR C 60 -22.69 62.64 -33.24
N TYR C 61 -21.87 61.65 -33.61
CA TYR C 61 -22.22 60.26 -33.39
C TYR C 61 -22.30 59.95 -31.91
N ALA C 62 -21.16 60.04 -31.21
CA ALA C 62 -21.09 59.64 -29.81
C ALA C 62 -22.18 60.30 -28.98
N GLY C 63 -22.50 61.56 -29.29
CA GLY C 63 -23.51 62.26 -28.53
C GLY C 63 -24.90 61.71 -28.76
N ALA C 64 -25.24 61.43 -30.03
CA ALA C 64 -26.54 60.84 -30.32
C ALA C 64 -26.69 59.49 -29.62
N ILE C 65 -25.60 58.72 -29.55
CA ILE C 65 -25.62 57.45 -28.82
C ILE C 65 -25.94 57.69 -27.34
N GLN C 66 -25.26 58.67 -26.73
CA GLN C 66 -25.45 58.97 -25.32
C GLN C 66 -26.87 59.43 -25.03
N LEU C 67 -27.53 60.07 -26.02
CA LEU C 67 -28.91 60.50 -25.84
C LEU C 67 -29.85 59.31 -25.76
N CYS C 68 -29.71 58.37 -26.71
CA CYS C 68 -30.59 57.21 -26.74
C CYS C 68 -30.48 56.40 -25.46
N LEU C 69 -29.26 56.24 -24.94
CA LEU C 69 -29.06 55.51 -23.70
C LEU C 69 -29.81 56.17 -22.55
N THR C 70 -29.80 57.51 -22.50
CA THR C 70 -30.50 58.22 -21.44
C THR C 70 -32.02 58.04 -21.58
N VAL C 71 -32.55 58.15 -22.80
CA VAL C 71 -33.98 57.94 -23.01
C VAL C 71 -34.37 56.53 -22.58
N ALA C 72 -33.49 55.57 -22.81
CA ALA C 72 -33.75 54.20 -22.39
C ALA C 72 -33.91 54.13 -20.87
N GLN C 73 -32.89 54.61 -20.14
CA GLN C 73 -32.92 54.53 -18.68
C GLN C 73 -34.11 55.28 -18.10
N GLN C 74 -34.53 56.38 -18.74
CA GLN C 74 -35.60 57.20 -18.17
C GLN C 74 -36.98 56.62 -18.44
N LYS C 75 -37.12 55.74 -19.43
CA LYS C 75 -38.40 55.07 -19.66
C LYS C 75 -38.61 53.86 -18.76
N ASP C 76 -37.53 53.37 -18.13
CA ASP C 76 -37.59 52.20 -17.26
C ASP C 76 -36.51 52.38 -16.19
N ARG C 77 -36.78 53.26 -15.23
CA ARG C 77 -35.81 53.52 -14.17
C ARG C 77 -35.63 52.28 -13.29
N GLY C 78 -36.74 51.67 -12.87
CA GLY C 78 -36.67 50.51 -12.01
C GLY C 78 -35.90 49.34 -12.57
N ASN C 79 -35.52 49.41 -13.86
CA ASN C 79 -34.77 48.34 -14.53
C ASN C 79 -35.58 47.04 -14.56
N THR C 80 -36.73 47.12 -15.24
CA THR C 80 -37.58 45.95 -15.43
C THR C 80 -37.16 45.12 -16.64
N ALA C 81 -36.56 45.75 -17.65
CA ALA C 81 -36.05 45.01 -18.80
C ALA C 81 -34.89 44.11 -18.41
N LEU C 82 -34.24 44.37 -17.27
CA LEU C 82 -33.25 43.42 -16.75
C LEU C 82 -33.96 42.21 -16.12
N SER C 83 -34.89 42.47 -15.20
CA SER C 83 -35.66 41.39 -14.57
C SER C 83 -36.50 40.61 -15.59
N TRP C 84 -36.72 41.17 -16.77
CA TRP C 84 -37.38 40.44 -17.85
C TRP C 84 -36.42 39.46 -18.52
N VAL C 85 -35.28 39.97 -18.99
CA VAL C 85 -34.31 39.12 -19.67
C VAL C 85 -33.60 38.22 -18.68
N ASN C 86 -33.32 38.72 -17.47
CA ASN C 86 -32.62 37.89 -16.49
C ASN C 86 -33.48 36.69 -16.09
N ASP C 87 -34.77 36.91 -15.84
CA ASP C 87 -35.69 35.79 -15.63
C ASP C 87 -35.94 35.03 -16.91
N GLY C 88 -35.65 35.62 -18.07
CA GLY C 88 -35.60 34.88 -19.32
C GLY C 88 -36.91 34.81 -20.07
N LYS C 89 -37.20 35.81 -20.90
CA LYS C 89 -38.28 35.76 -21.87
C LYS C 89 -39.64 35.37 -21.26
N PRO C 90 -40.09 36.04 -20.19
CA PRO C 90 -41.48 35.83 -19.77
C PRO C 90 -42.44 36.39 -20.80
N ALA C 91 -42.91 35.53 -21.70
CA ALA C 91 -43.78 35.96 -22.78
C ALA C 91 -45.17 36.28 -22.24
N ASN C 92 -45.89 37.10 -22.99
CA ASN C 92 -47.21 37.60 -22.58
C ASN C 92 -47.13 38.26 -21.20
N ASP C 93 -46.50 39.44 -21.21
CA ASP C 93 -46.15 40.12 -19.97
C ASP C 93 -46.25 41.63 -20.17
N SER C 94 -46.42 42.33 -19.05
CA SER C 94 -46.50 43.78 -19.06
C SER C 94 -45.14 44.45 -19.18
N ARG C 95 -44.07 43.76 -18.77
CA ARG C 95 -42.73 44.29 -18.91
C ARG C 95 -42.23 44.32 -20.35
N LYS C 96 -43.05 43.90 -21.31
CA LYS C 96 -42.66 44.02 -22.71
C LYS C 96 -42.54 45.48 -23.11
N LYS C 97 -43.36 46.36 -22.53
CA LYS C 97 -43.27 47.79 -22.81
C LYS C 97 -41.86 48.30 -22.53
N ALA C 98 -41.33 47.98 -21.36
CA ALA C 98 -39.99 48.43 -21.00
C ALA C 98 -38.96 48.01 -22.04
N PHE C 99 -38.95 46.71 -22.38
CA PHE C 99 -37.97 46.21 -23.33
C PHE C 99 -38.19 46.81 -24.72
N ASP C 100 -39.44 46.86 -25.18
CA ASP C 100 -39.71 47.37 -26.53
C ASP C 100 -39.32 48.83 -26.66
N GLU C 101 -39.73 49.67 -25.69
CA GLU C 101 -39.34 51.08 -25.72
C GLU C 101 -37.83 51.23 -25.68
N ARG C 102 -37.15 50.42 -24.86
CA ARG C 102 -35.69 50.50 -24.80
C ARG C 102 -35.06 50.15 -26.15
N LYS C 103 -35.62 49.16 -26.85
CA LYS C 103 -35.02 48.70 -28.10
C LYS C 103 -35.09 49.78 -29.17
N ILE C 104 -36.19 50.52 -29.22
CA ILE C 104 -36.32 51.59 -30.22
C ILE C 104 -35.13 52.52 -30.12
N CYS C 105 -34.71 52.83 -28.89
CA CYS C 105 -33.51 53.64 -28.70
C CYS C 105 -32.26 52.89 -29.15
N TYR C 106 -32.17 51.60 -28.80
CA TYR C 106 -30.99 50.82 -29.15
C TYR C 106 -30.85 50.67 -30.66
N ASN C 107 -31.97 50.45 -31.35
CA ASN C 107 -31.92 50.32 -32.80
C ASN C 107 -31.40 51.59 -33.47
N LEU C 108 -31.66 52.75 -32.85
CA LEU C 108 -31.11 54.00 -33.38
C LEU C 108 -29.62 54.09 -33.13
N ILE C 109 -29.15 53.57 -31.99
CA ILE C 109 -27.71 53.49 -31.74
C ILE C 109 -27.04 52.65 -32.80
N HIS C 110 -27.63 51.49 -33.12
CA HIS C 110 -27.14 50.69 -34.24
C HIS C 110 -27.09 51.52 -35.50
N GLN C 111 -28.12 52.31 -35.75
CA GLN C 111 -28.17 53.17 -36.92
C GLN C 111 -26.95 54.10 -36.96
N VAL C 112 -26.61 54.70 -35.82
CA VAL C 112 -25.44 55.57 -35.75
C VAL C 112 -24.19 54.78 -36.11
N LEU C 113 -23.99 53.64 -35.44
CA LEU C 113 -22.79 52.82 -35.65
C LEU C 113 -22.70 52.34 -37.09
N ASP C 114 -23.83 52.26 -37.80
CA ASP C 114 -23.82 51.91 -39.21
C ASP C 114 -23.31 53.07 -40.06
N LYS C 115 -23.97 54.22 -39.95
CA LYS C 115 -23.54 55.40 -40.69
C LYS C 115 -22.15 55.84 -40.30
N LEU C 116 -21.67 55.45 -39.12
CA LEU C 116 -20.31 55.77 -38.73
C LEU C 116 -19.32 55.09 -39.67
N GLU C 117 -19.43 53.77 -39.81
CA GLU C 117 -18.47 53.02 -40.63
C GLU C 117 -18.53 53.47 -42.08
N SER C 118 -19.74 53.70 -42.60
CA SER C 118 -19.90 54.15 -43.98
C SER C 118 -19.13 55.45 -44.21
N ASP C 119 -19.35 56.44 -43.35
CA ASP C 119 -18.70 57.74 -43.52
C ASP C 119 -17.18 57.60 -43.41
N PHE C 120 -16.71 56.84 -42.41
CA PHE C 120 -15.29 56.60 -42.22
C PHE C 120 -14.89 55.21 -42.73
N ALA C 121 -15.40 54.85 -43.91
CA ALA C 121 -15.12 53.56 -44.50
C ALA C 121 -13.74 53.58 -45.16
N GLY C 122 -12.85 52.73 -44.67
CA GLY C 122 -11.54 52.57 -45.27
C GLY C 122 -10.54 53.67 -44.95
N GLU C 123 -10.95 54.71 -44.23
CA GLU C 123 -9.99 55.75 -43.84
C GLU C 123 -9.09 55.20 -42.72
N PRO C 124 -7.78 55.43 -42.80
CA PRO C 124 -6.87 54.88 -41.79
C PRO C 124 -6.90 55.66 -40.49
N GLU C 125 -6.42 55.02 -39.44
CA GLU C 125 -6.39 55.65 -38.12
C GLU C 125 -5.18 56.57 -37.93
N LEU C 126 -4.23 56.56 -38.87
CA LEU C 126 -3.05 57.41 -38.77
C LEU C 126 -2.60 57.83 -40.18
N PRO C 131 -3.36 61.04 -35.63
CA PRO C 131 -4.70 60.43 -35.58
C PRO C 131 -5.75 61.30 -36.27
N THR C 132 -6.72 60.66 -36.90
CA THR C 132 -7.71 61.38 -37.69
C THR C 132 -8.79 61.99 -36.79
N LEU C 133 -9.56 62.91 -37.39
CA LEU C 133 -10.81 63.35 -36.76
C LEU C 133 -11.90 62.31 -36.95
N ALA C 134 -11.82 61.53 -38.02
CA ALA C 134 -12.69 60.37 -38.16
C ALA C 134 -12.51 59.42 -36.97
N ALA C 135 -11.25 59.12 -36.63
CA ALA C 135 -10.97 58.18 -35.55
C ALA C 135 -11.30 58.78 -34.19
N THR C 136 -11.28 60.12 -34.08
CA THR C 136 -11.66 60.76 -32.83
C THR C 136 -13.15 60.58 -32.57
N LYS C 137 -13.99 60.97 -33.52
CA LYS C 137 -15.43 60.77 -33.40
C LYS C 137 -15.79 59.29 -33.32
N ARG C 138 -14.94 58.42 -33.87
CA ARG C 138 -15.19 56.99 -33.82
C ARG C 138 -14.90 56.45 -32.41
N MET C 139 -13.70 56.73 -31.89
CA MET C 139 -13.35 56.20 -30.58
C MET C 139 -14.20 56.82 -29.48
N GLU C 140 -14.50 58.12 -29.59
CA GLU C 140 -15.46 58.74 -28.69
C GLU C 140 -16.78 57.96 -28.70
N ALA C 141 -17.20 57.50 -29.88
CA ALA C 141 -18.48 56.82 -30.00
C ALA C 141 -18.45 55.45 -29.35
N TYR C 142 -17.39 54.67 -29.63
CA TYR C 142 -17.29 53.36 -29.00
C TYR C 142 -16.92 53.44 -27.52
N ASN C 143 -16.58 54.62 -27.02
CA ASN C 143 -16.39 54.79 -25.60
C ASN C 143 -17.72 55.00 -24.89
N VAL C 144 -18.64 55.73 -25.51
CA VAL C 144 -20.00 55.81 -24.98
C VAL C 144 -20.61 54.42 -24.88
N VAL C 145 -20.37 53.58 -25.91
CA VAL C 145 -21.03 52.29 -26.01
C VAL C 145 -20.42 51.29 -25.04
N ASN C 146 -19.08 51.20 -25.04
CA ASN C 146 -18.42 50.16 -24.25
C ASN C 146 -18.45 50.47 -22.75
N ASP C 147 -18.51 51.75 -22.39
CA ASP C 147 -18.49 52.15 -20.99
C ASP C 147 -19.88 52.14 -20.35
N SER C 148 -20.95 52.04 -21.13
CA SER C 148 -22.28 52.21 -20.58
C SER C 148 -22.55 51.23 -19.45
N SER C 149 -23.43 51.63 -18.53
CA SER C 149 -23.84 50.81 -17.41
C SER C 149 -25.11 50.02 -17.69
N ASP C 150 -25.84 50.37 -18.75
CA ASP C 150 -27.00 49.58 -19.15
C ASP C 150 -26.52 48.29 -19.80
N GLU C 151 -26.66 47.17 -19.09
CA GLU C 151 -26.17 45.90 -19.61
C GLU C 151 -27.18 45.23 -20.53
N VAL C 152 -28.48 45.51 -20.34
CA VAL C 152 -29.48 45.02 -21.29
C VAL C 152 -29.20 45.59 -22.67
N PHE C 153 -28.72 46.84 -22.72
CA PHE C 153 -28.28 47.41 -23.99
C PHE C 153 -27.08 46.64 -24.53
N HIS C 154 -26.18 46.21 -23.66
CA HIS C 154 -25.01 45.47 -24.12
C HIS C 154 -25.41 44.10 -24.67
N PHE C 155 -26.36 43.43 -24.03
CA PHE C 155 -26.85 42.16 -24.57
C PHE C 155 -27.39 42.35 -25.98
N ASP C 156 -28.35 43.27 -26.14
CA ASP C 156 -28.93 43.52 -27.45
C ASP C 156 -27.86 43.92 -28.46
N LEU C 157 -26.76 44.51 -27.97
CA LEU C 157 -25.68 44.92 -28.85
C LEU C 157 -24.75 43.76 -29.21
N TYR C 158 -24.47 42.88 -28.25
CA TYR C 158 -23.67 41.69 -28.56
C TYR C 158 -24.44 40.73 -29.46
N GLU C 159 -25.76 40.63 -29.26
CA GLU C 159 -26.63 39.90 -30.17
C GLU C 159 -26.52 40.46 -31.59
N TRP C 160 -26.47 41.79 -31.70
CA TRP C 160 -26.40 42.45 -33.00
C TRP C 160 -24.99 42.41 -33.59
N TYR C 161 -23.95 42.38 -32.74
CA TYR C 161 -22.59 42.23 -33.24
C TYR C 161 -22.39 40.85 -33.86
N ILE C 162 -23.00 39.83 -33.27
CA ILE C 162 -22.94 38.47 -33.82
C ILE C 162 -23.76 38.38 -35.09
N GLU C 163 -25.00 38.90 -35.05
CA GLU C 163 -25.88 38.89 -36.21
C GLU C 163 -25.22 39.54 -37.44
N LYS C 164 -24.23 40.41 -37.24
CA LYS C 164 -23.47 40.99 -38.33
C LYS C 164 -22.19 40.23 -38.63
N GLY C 165 -21.87 39.21 -37.85
CA GLY C 165 -20.65 38.46 -38.08
C GLY C 165 -19.40 39.13 -37.59
N TRP C 166 -19.51 40.13 -36.70
CA TRP C 166 -18.36 40.84 -36.15
C TRP C 166 -17.82 40.03 -34.98
N THR C 167 -17.02 39.00 -35.31
CA THR C 167 -16.45 38.13 -34.31
C THR C 167 -15.41 38.85 -33.45
N ASP C 168 -14.38 39.41 -34.11
CA ASP C 168 -13.26 40.01 -33.40
C ASP C 168 -13.68 41.20 -32.55
N ARG C 169 -14.90 41.71 -32.72
CA ARG C 169 -15.38 42.79 -31.89
C ARG C 169 -15.74 42.28 -30.49
N ILE C 170 -16.45 41.15 -30.41
CA ILE C 170 -16.82 40.58 -29.12
C ILE C 170 -15.57 40.22 -28.32
N LEU C 171 -14.55 39.69 -28.99
CA LEU C 171 -13.37 39.22 -28.29
C LEU C 171 -12.61 40.35 -27.61
N SER C 172 -12.56 41.52 -28.26
CA SER C 172 -11.78 42.63 -27.72
C SER C 172 -12.47 43.30 -26.53
N ILE C 173 -13.80 43.19 -26.44
CA ILE C 173 -14.53 43.83 -25.36
C ILE C 173 -14.01 43.33 -24.02
N ASP C 174 -13.69 44.28 -23.14
CA ASP C 174 -13.21 43.96 -21.80
C ASP C 174 -14.28 44.11 -20.73
N SER C 175 -15.52 44.43 -21.12
CA SER C 175 -16.61 44.55 -20.18
C SER C 175 -16.96 43.19 -19.58
N PRO C 176 -17.55 43.17 -18.37
CA PRO C 176 -18.00 41.90 -17.78
C PRO C 176 -19.48 41.59 -18.02
N HIS C 177 -20.19 42.45 -18.75
CA HIS C 177 -21.55 42.12 -19.17
C HIS C 177 -21.57 41.18 -20.37
N VAL C 178 -20.45 41.09 -21.11
CA VAL C 178 -20.38 40.19 -22.26
C VAL C 178 -20.31 38.75 -21.78
N ILE C 179 -19.56 38.52 -20.69
CA ILE C 179 -19.41 37.16 -20.18
C ILE C 179 -20.76 36.62 -19.70
N THR C 180 -21.58 37.49 -19.13
CA THR C 180 -22.91 37.07 -18.69
C THR C 180 -23.78 36.67 -19.88
N TYR C 181 -23.65 37.40 -21.00
CA TYR C 181 -24.47 37.12 -22.17
C TYR C 181 -24.10 35.78 -22.80
N LEU C 182 -22.82 35.58 -23.10
CA LEU C 182 -22.39 34.36 -23.79
C LEU C 182 -22.67 33.11 -22.96
N GLN C 183 -22.67 33.22 -21.64
CA GLN C 183 -22.98 32.06 -20.82
C GLN C 183 -24.43 31.62 -21.02
N ARG C 184 -25.37 32.57 -20.95
CA ARG C 184 -26.78 32.20 -21.12
C ARG C 184 -27.05 31.63 -22.50
N LEU C 185 -26.17 31.88 -23.47
CA LEU C 185 -26.32 31.36 -24.83
C LEU C 185 -25.45 30.13 -25.09
N ALA C 186 -24.35 29.98 -24.34
CA ALA C 186 -23.48 28.83 -24.54
C ALA C 186 -24.11 27.53 -24.08
N GLU C 187 -25.00 27.58 -23.08
CA GLU C 187 -25.60 26.39 -22.53
C GLU C 187 -26.55 25.69 -23.49
N THR C 188 -26.94 26.34 -24.59
CA THR C 188 -27.86 25.77 -25.55
C THR C 188 -27.40 25.94 -26.99
N ASP C 189 -26.27 26.59 -27.23
CA ASP C 189 -25.74 26.77 -28.58
C ASP C 189 -24.26 26.47 -28.55
N PHE C 190 -23.84 25.49 -29.36
CA PHE C 190 -22.43 25.12 -29.47
C PHE C 190 -21.60 26.23 -30.10
N ARG C 191 -22.20 27.00 -31.01
CA ARG C 191 -21.47 28.04 -31.73
C ARG C 191 -21.04 29.19 -30.82
N HIS C 192 -21.73 29.39 -29.69
CA HIS C 192 -21.43 30.49 -28.76
C HIS C 192 -20.41 30.09 -27.72
N ALA C 193 -20.52 28.87 -27.17
CA ALA C 193 -19.50 28.37 -26.25
C ALA C 193 -18.12 28.45 -26.88
N GLU C 194 -18.04 28.38 -28.22
CA GLU C 194 -16.77 28.54 -28.91
C GLU C 194 -16.15 29.90 -28.63
N LEU C 195 -16.93 30.97 -28.80
CA LEU C 195 -16.43 32.32 -28.53
C LEU C 195 -16.02 32.47 -27.07
N LEU C 196 -16.91 32.09 -26.16
CA LEU C 196 -16.65 32.23 -24.73
C LEU C 196 -15.34 31.56 -24.35
N CYS C 197 -15.01 30.44 -25.00
CA CYS C 197 -13.72 29.78 -24.76
C CYS C 197 -12.57 30.54 -25.40
N ARG C 198 -12.80 31.11 -26.59
CA ARG C 198 -11.76 31.92 -27.22
C ARG C 198 -11.54 33.21 -26.46
N PHE C 199 -12.63 33.79 -25.94
CA PHE C 199 -12.57 34.97 -25.10
C PHE C 199 -11.68 34.73 -23.88
N TYR C 200 -11.93 33.62 -23.16
CA TYR C 200 -11.15 33.30 -21.94
C TYR C 200 -9.68 33.03 -22.25
N THR C 201 -9.38 32.47 -23.42
CA THR C 201 -8.01 32.04 -23.71
C THR C 201 -7.11 33.17 -24.18
N THR C 202 -7.69 34.25 -24.69
CA THR C 202 -6.90 35.46 -24.99
C THR C 202 -6.58 36.23 -23.72
N ARG C 203 -7.48 36.23 -22.73
CA ARG C 203 -7.19 36.81 -21.42
C ARG C 203 -6.17 36.00 -20.63
N SER C 204 -5.82 34.80 -21.09
CA SER C 204 -4.99 33.86 -20.35
C SER C 204 -5.69 33.34 -19.10
N ARG C 205 -7.01 33.46 -19.03
CA ARG C 205 -7.82 32.75 -18.05
C ARG C 205 -8.14 31.35 -18.58
N PHE C 206 -7.08 30.54 -18.66
CA PHE C 206 -7.18 29.21 -19.25
C PHE C 206 -8.15 28.31 -18.50
N PHE C 207 -8.15 28.41 -17.17
CA PHE C 207 -9.03 27.56 -16.39
C PHE C 207 -10.50 27.77 -16.75
N GLU C 208 -10.91 29.03 -16.87
CA GLU C 208 -12.32 29.33 -17.16
C GLU C 208 -12.75 28.74 -18.50
N ALA C 209 -11.82 28.59 -19.44
CA ALA C 209 -12.14 27.95 -20.71
C ALA C 209 -12.26 26.44 -20.55
N ALA C 210 -11.24 25.80 -19.97
CA ALA C 210 -11.30 24.38 -19.68
C ALA C 210 -12.55 24.02 -18.89
N GLN C 211 -13.08 24.96 -18.11
CA GLN C 211 -14.32 24.71 -17.39
C GLN C 211 -15.50 24.62 -18.36
N VAL C 212 -15.45 25.36 -19.46
CA VAL C 212 -16.52 25.30 -20.46
C VAL C 212 -16.28 24.16 -21.44
N GLN C 213 -15.03 23.97 -21.87
CA GLN C 213 -14.72 22.86 -22.76
C GLN C 213 -15.14 21.52 -22.16
N THR C 214 -14.90 21.33 -20.86
CA THR C 214 -15.27 20.09 -20.19
C THR C 214 -16.78 19.98 -20.03
N ASN C 215 -17.41 21.03 -19.52
CA ASN C 215 -18.86 21.00 -19.36
C ASN C 215 -19.58 20.83 -20.70
N LEU C 216 -18.88 21.11 -21.81
CA LEU C 216 -19.46 21.01 -23.14
C LEU C 216 -19.44 19.59 -23.67
N ALA C 217 -18.36 18.84 -23.37
CA ALA C 217 -18.32 17.43 -23.72
C ALA C 217 -19.31 16.63 -22.89
N LYS C 218 -19.58 17.04 -21.65
CA LYS C 218 -20.58 16.39 -20.84
C LYS C 218 -21.99 16.89 -21.15
N SER C 219 -22.17 17.66 -22.21
CA SER C 219 -23.45 18.29 -22.50
C SER C 219 -24.37 17.32 -23.23
N ASP C 220 -25.63 17.73 -23.36
CA ASP C 220 -26.63 17.05 -24.16
C ASP C 220 -26.74 17.66 -25.56
N LEU C 221 -25.71 18.38 -25.99
CA LEU C 221 -25.71 19.04 -27.27
C LEU C 221 -25.17 18.11 -28.35
N ASN C 222 -25.56 18.38 -29.59
CA ASN C 222 -25.21 17.54 -30.73
C ASN C 222 -23.76 17.80 -31.11
N ILE C 223 -22.85 17.05 -30.46
CA ILE C 223 -21.42 17.15 -30.70
C ILE C 223 -20.86 15.75 -30.94
N SER C 224 -20.00 15.62 -31.95
CA SER C 224 -19.43 14.32 -32.30
C SER C 224 -18.46 13.85 -31.23
N LEU C 225 -18.30 12.52 -31.14
CA LEU C 225 -17.45 11.94 -30.11
C LEU C 225 -15.99 12.31 -30.34
N LYS C 226 -15.55 12.41 -31.59
CA LYS C 226 -14.16 12.76 -31.86
C LYS C 226 -13.91 14.23 -31.61
N ASP C 227 -14.95 15.07 -31.71
CA ASP C 227 -14.84 16.48 -31.32
C ASP C 227 -14.77 16.63 -29.81
N ARG C 228 -15.63 15.89 -29.09
CA ARG C 228 -15.58 15.90 -27.63
C ARG C 228 -14.20 15.48 -27.10
N ILE C 229 -13.52 14.59 -27.83
CA ILE C 229 -12.18 14.18 -27.42
C ILE C 229 -11.21 15.35 -27.54
N ILE C 230 -11.33 16.14 -28.60
CA ILE C 230 -10.49 17.32 -28.77
C ILE C 230 -10.78 18.34 -27.67
N LEU C 231 -12.06 18.61 -27.43
CA LEU C 231 -12.43 19.53 -26.36
C LEU C 231 -11.81 19.10 -25.04
N LEU C 232 -11.98 17.83 -24.69
CA LEU C 232 -11.37 17.33 -23.46
C LEU C 232 -9.86 17.40 -23.53
N SER C 233 -9.28 17.30 -24.72
CA SER C 233 -7.83 17.40 -24.85
C SER C 233 -7.36 18.84 -24.74
N ARG C 234 -8.17 19.80 -25.19
CA ARG C 234 -7.86 21.20 -24.95
C ARG C 234 -8.07 21.55 -23.49
N ALA C 235 -9.18 21.08 -22.90
CA ALA C 235 -9.40 21.24 -21.47
C ALA C 235 -8.29 20.58 -20.67
N LYS C 236 -7.83 19.41 -21.11
CA LYS C 236 -6.69 18.77 -20.45
C LYS C 236 -5.48 19.70 -20.44
N GLY C 237 -5.27 20.45 -21.52
CA GLY C 237 -4.14 21.34 -21.60
C GLY C 237 -4.33 22.63 -20.84
N ASN C 238 -5.47 23.29 -21.07
CA ASN C 238 -5.75 24.58 -20.44
C ASN C 238 -5.81 24.48 -18.93
N ALA C 239 -6.14 23.30 -18.40
CA ALA C 239 -6.18 23.07 -16.96
C ALA C 239 -4.92 22.39 -16.44
N SER C 240 -3.89 22.26 -17.28
CA SER C 240 -2.65 21.62 -16.86
C SER C 240 -1.64 22.61 -16.30
N VAL C 241 -1.61 23.83 -16.81
CA VAL C 241 -0.64 24.83 -16.38
C VAL C 241 -1.39 25.98 -15.71
N ASN C 242 -0.69 26.64 -14.79
CA ASN C 242 -1.30 27.58 -13.86
C ASN C 242 -1.92 28.77 -14.57
N THR C 243 -3.02 29.26 -13.99
CA THR C 243 -3.68 30.50 -14.38
C THR C 243 -3.99 31.28 -13.11
N ILE C 244 -3.74 32.60 -13.15
CA ILE C 244 -3.84 33.43 -11.96
C ILE C 244 -5.31 33.61 -11.56
N GLY C 245 -5.58 33.44 -10.27
CA GLY C 245 -6.90 33.70 -9.72
C GLY C 245 -7.56 32.48 -9.12
N ILE C 246 -7.61 31.40 -9.88
CA ILE C 246 -8.27 30.18 -9.41
C ILE C 246 -7.18 29.28 -8.82
N SER C 247 -7.61 28.49 -7.82
CA SER C 247 -6.70 27.80 -6.92
C SER C 247 -5.84 26.75 -7.62
N ARG C 248 -4.95 26.14 -6.84
CA ARG C 248 -4.18 25.00 -7.32
C ARG C 248 -5.00 23.74 -7.26
N GLN C 249 -5.86 23.62 -6.24
CA GLN C 249 -6.74 22.46 -6.15
C GLN C 249 -7.76 22.43 -7.27
N GLN C 250 -8.35 23.58 -7.59
CA GLN C 250 -9.32 23.65 -8.67
C GLN C 250 -8.67 23.31 -10.01
N GLN C 251 -7.39 23.64 -10.18
CA GLN C 251 -6.69 23.26 -11.40
C GLN C 251 -6.58 21.75 -11.53
N GLN C 252 -6.20 21.07 -10.45
CA GLN C 252 -6.06 19.62 -10.50
C GLN C 252 -7.43 18.94 -10.53
N GLN C 253 -8.41 19.49 -9.81
CA GLN C 253 -9.72 18.84 -9.74
C GLN C 253 -10.39 18.78 -11.10
N LEU C 254 -10.18 19.80 -11.94
CA LEU C 254 -10.74 19.81 -13.29
C LEU C 254 -9.84 19.06 -14.27
N ASN C 255 -8.52 19.21 -14.11
CA ASN C 255 -7.59 18.45 -14.93
C ASN C 255 -7.79 16.96 -14.75
N HIS C 256 -8.08 16.52 -13.53
CA HIS C 256 -8.32 15.10 -13.29
C HIS C 256 -9.59 14.64 -14.02
N GLU C 257 -10.67 15.42 -13.91
CA GLU C 257 -11.92 15.04 -14.56
C GLU C 257 -11.75 14.94 -16.08
N ALA C 258 -11.05 15.90 -16.67
CA ALA C 258 -10.88 15.88 -18.13
C ALA C 258 -10.15 14.63 -18.57
N SER C 259 -9.16 14.18 -17.79
CA SER C 259 -8.46 12.95 -18.13
C SER C 259 -9.38 11.74 -18.01
N GLU C 260 -10.20 11.67 -16.96
CA GLU C 260 -11.16 10.58 -16.84
C GLU C 260 -12.04 10.49 -18.08
N LEU C 261 -12.68 11.59 -18.44
CA LEU C 261 -13.54 11.59 -19.61
C LEU C 261 -12.74 11.33 -20.88
N LEU C 262 -11.55 11.94 -21.00
CA LEU C 262 -10.72 11.69 -22.17
C LEU C 262 -10.41 10.20 -22.29
N GLU C 263 -9.98 9.59 -21.19
CA GLU C 263 -9.63 8.17 -21.21
C GLU C 263 -10.80 7.33 -21.66
N ILE C 264 -11.99 7.59 -21.10
CA ILE C 264 -13.20 6.86 -21.48
C ILE C 264 -13.56 7.15 -22.93
N ALA C 265 -13.63 8.42 -23.30
CA ALA C 265 -14.03 8.79 -24.66
C ALA C 265 -13.10 8.17 -25.69
N HIS C 266 -11.81 8.11 -25.42
CA HIS C 266 -10.88 7.47 -26.35
C HIS C 266 -11.11 5.98 -26.43
N ILE C 267 -11.40 5.34 -25.30
CA ILE C 267 -11.80 3.94 -25.31
C ILE C 267 -13.03 3.76 -26.19
N GLN C 268 -14.08 4.52 -25.91
CA GLN C 268 -15.30 4.48 -26.72
C GLN C 268 -14.99 4.73 -28.20
N ASP C 269 -14.12 5.68 -28.50
CA ASP C 269 -13.77 5.96 -29.90
C ASP C 269 -13.11 4.75 -30.54
N ASP C 270 -12.04 4.22 -29.93
CA ASP C 270 -11.32 3.10 -30.51
C ASP C 270 -12.19 1.85 -30.58
N LEU C 271 -13.17 1.75 -29.70
CA LEU C 271 -14.09 0.62 -29.72
C LEU C 271 -15.02 0.69 -30.92
N LEU C 272 -15.71 1.81 -31.09
CA LEU C 272 -16.58 1.99 -32.26
C LEU C 272 -15.83 1.75 -33.56
N GLU C 273 -14.64 2.31 -33.68
CA GLU C 273 -13.86 2.12 -34.90
C GLU C 273 -13.67 0.64 -35.20
N ARG C 274 -13.40 -0.16 -34.17
CA ARG C 274 -13.17 -1.59 -34.35
C ARG C 274 -14.47 -2.35 -34.55
N LEU C 275 -15.54 -1.98 -33.84
CA LEU C 275 -16.83 -2.66 -33.99
C LEU C 275 -17.33 -2.58 -35.41
N VAL C 276 -17.24 -1.41 -36.03
CA VAL C 276 -17.71 -1.26 -37.40
C VAL C 276 -16.84 -2.08 -38.34
N ALA C 277 -15.54 -2.13 -38.09
CA ALA C 277 -14.60 -2.83 -38.96
C ALA C 277 -14.48 -4.32 -38.64
N ASP C 278 -15.42 -4.87 -37.88
CA ASP C 278 -15.38 -6.26 -37.45
C ASP C 278 -16.26 -7.10 -38.40
N PRO C 279 -15.70 -8.00 -39.21
CA PRO C 279 -16.54 -8.75 -40.16
C PRO C 279 -17.58 -9.60 -39.50
N ARG C 280 -17.43 -9.90 -38.20
CA ARG C 280 -18.37 -10.77 -37.50
C ARG C 280 -19.68 -10.08 -37.20
N ILE C 281 -19.76 -8.75 -37.34
CA ILE C 281 -20.95 -7.99 -36.97
C ILE C 281 -21.83 -7.80 -38.20
N PRO C 282 -23.16 -7.85 -38.05
CA PRO C 282 -24.04 -7.50 -39.17
C PRO C 282 -24.09 -6.00 -39.42
N GLU C 283 -24.22 -5.64 -40.71
CA GLU C 283 -24.29 -4.23 -41.09
C GLU C 283 -25.56 -3.57 -40.57
N GLU C 284 -26.60 -4.35 -40.30
CA GLU C 284 -27.82 -3.81 -39.73
C GLU C 284 -27.57 -3.29 -38.32
N ARG C 285 -26.85 -4.07 -37.51
CA ARG C 285 -26.53 -3.65 -36.15
C ARG C 285 -25.47 -2.56 -36.14
N LYS C 286 -24.50 -2.62 -37.05
CA LYS C 286 -23.42 -1.64 -37.06
C LYS C 286 -23.97 -0.23 -37.11
N ALA C 287 -25.04 0.00 -37.87
CA ALA C 287 -25.66 1.32 -37.90
C ALA C 287 -26.29 1.66 -36.55
N GLU C 288 -26.90 0.67 -35.91
CA GLU C 288 -27.49 0.87 -34.59
C GLU C 288 -26.42 1.21 -33.56
N ILE C 289 -25.25 0.59 -33.68
CA ILE C 289 -24.14 0.88 -32.77
C ILE C 289 -23.65 2.30 -32.98
N GLU C 290 -23.27 2.61 -34.23
CA GLU C 290 -22.66 3.89 -34.52
C GLU C 290 -23.55 5.05 -34.07
N GLU C 291 -24.87 4.91 -34.20
CA GLU C 291 -25.76 5.97 -33.75
C GLU C 291 -25.66 6.16 -32.23
N PHE C 292 -25.60 5.06 -31.49
CA PHE C 292 -25.49 5.15 -30.04
C PHE C 292 -24.10 5.64 -29.61
N LEU C 293 -23.04 5.05 -30.17
CA LEU C 293 -21.69 5.43 -29.75
C LEU C 293 -21.28 6.80 -30.27
N ASP C 294 -21.60 7.11 -31.53
CA ASP C 294 -21.11 8.34 -32.17
C ASP C 294 -21.89 9.54 -31.63
N GLY C 295 -21.55 9.93 -30.40
CA GLY C 295 -22.18 11.05 -29.76
C GLY C 295 -21.65 11.29 -28.35
N PRO C 296 -22.56 11.41 -27.38
CA PRO C 296 -22.11 11.65 -26.00
C PRO C 296 -21.23 10.53 -25.51
N ILE C 297 -20.48 10.81 -24.46
CA ILE C 297 -19.59 9.81 -23.86
C ILE C 297 -20.43 8.95 -22.93
N ARG C 298 -20.33 7.62 -23.11
CA ARG C 298 -21.17 6.65 -22.40
C ARG C 298 -20.43 6.07 -21.21
N THR C 299 -21.20 5.35 -20.37
CA THR C 299 -20.65 4.75 -19.18
C THR C 299 -19.75 3.58 -19.53
N LEU C 300 -18.72 3.35 -18.71
CA LEU C 300 -17.91 2.16 -18.91
C LEU C 300 -18.75 0.90 -18.86
N THR C 301 -19.81 0.90 -18.06
CA THR C 301 -20.72 -0.24 -18.01
C THR C 301 -21.30 -0.51 -19.39
N ASP C 302 -21.78 0.53 -20.07
CA ASP C 302 -22.32 0.36 -21.41
C ASP C 302 -21.25 -0.13 -22.37
N LEU C 303 -20.08 0.49 -22.32
CA LEU C 303 -19.01 0.13 -23.25
C LEU C 303 -18.62 -1.33 -23.06
N PHE C 304 -18.59 -1.80 -21.82
CA PHE C 304 -18.08 -3.14 -21.53
C PHE C 304 -19.06 -4.23 -21.94
N ASN C 305 -20.27 -4.17 -21.40
CA ASN C 305 -21.23 -5.26 -21.58
C ASN C 305 -21.69 -5.43 -23.03
N ASP C 306 -22.49 -4.50 -23.53
CA ASP C 306 -23.12 -4.71 -24.83
C ASP C 306 -22.13 -4.73 -26.00
N TYR C 307 -20.83 -4.54 -25.77
CA TYR C 307 -19.89 -4.42 -26.90
C TYR C 307 -18.55 -5.08 -26.61
N ALA C 308 -17.74 -4.46 -25.75
CA ALA C 308 -16.33 -4.85 -25.64
C ALA C 308 -16.19 -6.30 -25.20
N ASP C 309 -16.98 -6.73 -24.23
CA ASP C 309 -16.88 -8.09 -23.72
C ASP C 309 -17.45 -9.11 -24.69
N GLN C 310 -18.52 -8.74 -25.42
CA GLN C 310 -19.15 -9.66 -26.37
C GLN C 310 -18.24 -9.97 -27.54
N ALA C 311 -17.64 -8.93 -28.12
CA ALA C 311 -16.75 -9.13 -29.26
C ALA C 311 -15.41 -9.76 -28.86
N ASN C 312 -15.17 -9.99 -27.57
CA ASN C 312 -13.92 -10.56 -27.10
C ASN C 312 -12.73 -9.67 -27.49
N TYR C 313 -12.95 -8.35 -27.43
CA TYR C 313 -11.89 -7.36 -27.55
C TYR C 313 -11.16 -7.31 -26.21
N TYR C 314 -10.19 -8.21 -26.04
CA TYR C 314 -9.59 -8.40 -24.73
C TYR C 314 -8.80 -7.18 -24.30
N ASP C 315 -8.09 -6.53 -25.25
CA ASP C 315 -7.27 -5.39 -24.89
C ASP C 315 -8.11 -4.23 -24.38
N LEU C 316 -9.21 -3.92 -25.09
CA LEU C 316 -10.08 -2.84 -24.65
C LEU C 316 -10.80 -3.19 -23.35
N CYS C 317 -11.01 -4.48 -23.08
CA CYS C 317 -11.57 -4.87 -21.80
C CYS C 317 -10.64 -4.49 -20.66
N LEU C 318 -9.32 -4.62 -20.88
CA LEU C 318 -8.35 -4.22 -19.86
C LEU C 318 -8.36 -2.71 -19.67
N LEU C 319 -8.43 -1.94 -20.77
CA LEU C 319 -8.44 -0.49 -20.65
C LEU C 319 -9.66 0.00 -19.88
N ILE C 320 -10.79 -0.71 -20.00
CA ILE C 320 -11.97 -0.37 -19.21
C ILE C 320 -11.72 -0.67 -17.74
N PHE C 321 -11.06 -1.79 -17.44
CA PHE C 321 -10.73 -2.11 -16.06
C PHE C 321 -9.81 -1.05 -15.44
N HIS C 322 -8.80 -0.61 -16.20
CA HIS C 322 -7.93 0.47 -15.73
C HIS C 322 -8.71 1.76 -15.53
N ALA C 323 -9.47 2.18 -16.54
CA ALA C 323 -10.27 3.39 -16.43
C ALA C 323 -11.37 3.26 -15.38
N ALA C 324 -11.73 2.04 -14.99
CA ALA C 324 -12.76 1.83 -13.98
C ALA C 324 -12.19 1.51 -12.60
N ASP C 325 -10.87 1.64 -12.43
CA ASP C 325 -10.20 1.33 -11.16
C ASP C 325 -10.65 -0.04 -10.65
N PHE C 326 -10.73 -1.00 -11.57
CA PHE C 326 -11.33 -2.30 -11.32
C PHE C 326 -10.35 -3.18 -10.54
N HIS C 327 -10.65 -3.40 -9.26
CA HIS C 327 -9.80 -4.20 -8.37
C HIS C 327 -10.28 -5.64 -8.45
N ASN C 328 -9.54 -6.48 -9.17
CA ASN C 328 -9.81 -7.92 -9.17
C ASN C 328 -8.70 -8.70 -9.86
N PRO C 329 -7.83 -9.37 -9.10
CA PRO C 329 -6.63 -9.96 -9.74
C PRO C 329 -6.97 -11.07 -10.69
N ARG C 330 -8.01 -11.85 -10.41
CA ARG C 330 -8.28 -13.02 -11.25
C ARG C 330 -8.75 -12.62 -12.63
N THR C 331 -9.91 -11.94 -12.70
CA THR C 331 -10.45 -11.57 -14.00
C THR C 331 -9.46 -10.77 -14.82
N ILE C 332 -8.62 -9.95 -14.17
CA ILE C 332 -7.62 -9.19 -14.90
C ILE C 332 -6.62 -10.13 -15.57
N LEU C 333 -6.09 -11.09 -14.80
CA LEU C 333 -5.09 -11.98 -15.38
C LEU C 333 -5.71 -12.94 -16.38
N ASP C 334 -6.93 -13.41 -16.12
CA ASP C 334 -7.63 -14.24 -17.09
C ASP C 334 -7.78 -13.50 -18.41
N THR C 335 -8.13 -12.21 -18.35
CA THR C 335 -8.28 -11.42 -19.57
C THR C 335 -6.94 -11.17 -20.24
N TRP C 336 -5.88 -11.04 -19.46
CA TRP C 336 -4.54 -10.86 -20.03
C TRP C 336 -4.12 -12.10 -20.81
N ASN C 337 -4.41 -13.28 -20.28
CA ASN C 337 -4.00 -14.51 -20.94
C ASN C 337 -4.72 -14.67 -22.28
N ASN C 338 -6.04 -14.40 -22.31
CA ASN C 338 -6.79 -14.49 -23.55
C ASN C 338 -6.28 -13.51 -24.59
N LEU C 339 -5.91 -12.31 -24.15
CA LEU C 339 -5.37 -11.32 -25.07
C LEU C 339 -4.09 -11.82 -25.73
N ILE C 340 -3.25 -12.52 -24.97
CA ILE C 340 -2.01 -13.06 -25.53
C ILE C 340 -2.30 -14.22 -26.48
N ASN C 341 -3.27 -15.06 -26.13
CA ASN C 341 -3.56 -16.24 -26.96
C ASN C 341 -4.19 -15.84 -28.28
N GLN C 342 -5.25 -15.03 -28.25
CA GLN C 342 -5.81 -14.49 -29.48
C GLN C 342 -4.75 -13.78 -30.31
N SER C 343 -3.84 -13.06 -29.64
CA SER C 343 -2.79 -12.32 -30.37
C SER C 343 -1.79 -13.28 -30.99
N HIS C 344 -1.33 -14.27 -30.24
CA HIS C 344 -0.40 -15.24 -30.79
C HIS C 344 -1.00 -15.95 -31.99
N PHE C 345 -2.28 -16.27 -31.92
CA PHE C 345 -2.92 -17.01 -33.00
C PHE C 345 -3.05 -16.17 -34.27
N GLU C 346 -3.55 -14.94 -34.13
CA GLU C 346 -3.68 -14.07 -35.29
C GLU C 346 -2.33 -13.77 -35.92
N ALA C 347 -1.25 -13.81 -35.14
CA ALA C 347 0.08 -13.60 -35.69
C ALA C 347 0.60 -14.84 -36.39
N GLU C 348 0.19 -16.03 -35.94
CA GLU C 348 0.55 -17.27 -36.62
C GLU C 348 -0.28 -17.47 -37.88
N GLN C 349 -1.52 -16.98 -37.88
CA GLN C 349 -2.40 -17.15 -39.03
C GLN C 349 -1.89 -16.37 -40.23
N ARG C 350 -1.56 -15.09 -40.02
CA ARG C 350 -1.02 -14.28 -41.11
C ARG C 350 0.34 -14.80 -41.57
N ARG C 351 1.15 -15.31 -40.64
CA ARG C 351 2.39 -15.99 -41.03
C ARG C 351 2.11 -17.25 -41.83
N GLU C 352 1.02 -17.95 -41.51
CA GLU C 352 0.65 -19.15 -42.25
C GLU C 352 0.15 -18.79 -43.66
N TYR C 353 -0.50 -17.64 -43.82
CA TYR C 353 -0.93 -17.22 -45.15
C TYR C 353 0.23 -16.70 -45.98
N TRP C 354 1.21 -16.05 -45.34
CA TRP C 354 2.35 -15.51 -46.06
C TRP C 354 3.36 -16.58 -46.43
N GLU C 355 3.43 -17.67 -45.68
CA GLU C 355 4.29 -18.80 -46.04
C GLU C 355 3.55 -19.73 -47.01
N ILE C 356 2.70 -19.16 -47.86
CA ILE C 356 1.96 -19.90 -48.87
C ILE C 356 2.01 -19.11 -50.18
N VAL C 357 1.64 -17.83 -50.11
CA VAL C 357 1.68 -16.97 -51.29
C VAL C 357 3.10 -16.92 -51.85
N GLN C 358 4.10 -16.96 -50.98
CA GLN C 358 5.49 -16.94 -51.40
C GLN C 358 5.87 -18.26 -52.05
N LEU C 363 -6.16 -20.15 -51.31
CA LEU C 363 -6.70 -19.61 -50.06
C LEU C 363 -8.23 -19.60 -50.09
N PRO C 364 -8.88 -20.10 -49.02
CA PRO C 364 -10.35 -20.15 -49.00
C PRO C 364 -10.97 -18.77 -49.13
N ALA C 365 -12.29 -18.76 -49.27
CA ALA C 365 -13.03 -17.50 -49.45
C ALA C 365 -13.10 -16.73 -48.14
N GLY C 366 -13.07 -15.40 -48.26
CA GLY C 366 -12.98 -14.53 -47.11
C GLY C 366 -11.56 -14.25 -46.65
N VAL C 367 -10.56 -14.73 -47.38
CA VAL C 367 -9.16 -14.62 -46.99
C VAL C 367 -8.53 -13.42 -47.72
N ILE C 368 -8.04 -12.47 -46.95
CA ILE C 368 -7.24 -11.36 -47.46
C ILE C 368 -5.78 -11.78 -47.43
N ALA C 369 -4.96 -11.18 -48.30
CA ALA C 369 -3.54 -11.52 -48.37
C ALA C 369 -2.70 -10.47 -47.67
N PRO C 370 -1.52 -10.86 -47.14
CA PRO C 370 -0.60 -9.88 -46.56
C PRO C 370 0.41 -9.38 -47.57
N ILE C 371 0.46 -8.06 -47.80
CA ILE C 371 1.33 -7.52 -48.85
C ILE C 371 2.80 -7.79 -48.53
N ALA C 372 3.19 -7.66 -47.26
CA ALA C 372 4.57 -7.85 -46.85
C ALA C 372 4.61 -8.88 -45.72
N GLU C 373 5.82 -9.40 -45.50
CA GLU C 373 6.09 -10.41 -44.47
C GLU C 373 5.58 -9.95 -43.11
N PRO C 374 4.55 -10.59 -42.56
CA PRO C 374 4.05 -10.19 -41.23
C PRO C 374 5.02 -10.59 -40.15
N PRO C 375 4.82 -10.10 -38.93
CA PRO C 375 5.79 -10.35 -37.86
C PRO C 375 5.61 -11.71 -37.23
N LEU C 376 6.71 -12.24 -36.67
CA LEU C 376 6.63 -13.48 -35.92
C LEU C 376 5.74 -13.28 -34.70
N PRO C 377 5.21 -14.37 -34.14
CA PRO C 377 4.20 -14.21 -33.07
C PRO C 377 4.62 -13.30 -31.94
N TYR C 378 5.75 -13.59 -31.28
CA TYR C 378 6.12 -12.84 -30.08
C TYR C 378 6.27 -11.36 -30.38
N VAL C 379 6.60 -11.01 -31.62
CA VAL C 379 6.70 -9.59 -31.98
C VAL C 379 5.33 -8.93 -31.85
N TYR C 380 4.31 -9.57 -32.41
CA TYR C 380 2.98 -8.97 -32.37
C TYR C 380 2.41 -8.98 -30.95
N VAL C 381 2.68 -10.04 -30.19
CA VAL C 381 2.25 -10.07 -28.81
C VAL C 381 2.94 -8.96 -28.03
N SER C 382 4.24 -8.77 -28.26
CA SER C 382 4.98 -7.72 -27.57
C SER C 382 4.36 -6.36 -27.81
N GLN C 383 3.93 -6.10 -29.05
CA GLN C 383 3.26 -4.83 -29.36
C GLN C 383 1.99 -4.67 -28.56
N GLN C 384 1.20 -5.74 -28.43
CA GLN C 384 -0.06 -5.63 -27.71
C GLN C 384 0.16 -5.33 -26.23
N ILE C 385 1.32 -5.71 -25.69
CA ILE C 385 1.65 -5.34 -24.32
C ILE C 385 2.15 -3.90 -24.27
N GLN C 386 3.08 -3.53 -25.17
CA GLN C 386 3.54 -2.16 -25.23
C GLN C 386 2.39 -1.19 -25.42
N LEU C 387 1.41 -1.57 -26.25
CA LEU C 387 0.27 -0.69 -26.50
C LEU C 387 -0.53 -0.46 -25.23
N ILE C 388 -0.69 -1.49 -24.41
CA ILE C 388 -1.44 -1.34 -23.17
C ILE C 388 -0.56 -0.76 -22.07
N ALA C 389 0.76 -0.96 -22.14
CA ALA C 389 1.62 -0.43 -21.09
C ALA C 389 1.61 1.11 -21.10
N HIS C 390 1.84 1.72 -22.27
CA HIS C 390 1.91 3.17 -22.36
C HIS C 390 0.54 3.80 -22.10
N ARG C 391 -0.52 3.18 -22.62
CA ARG C 391 -1.86 3.76 -22.54
C ARG C 391 -2.44 3.67 -21.13
N THR C 392 -1.95 2.74 -20.31
CA THR C 392 -2.47 2.56 -18.96
C THR C 392 -1.52 3.06 -17.90
N SER C 393 -0.32 3.49 -18.27
CA SER C 393 0.63 4.09 -17.33
C SER C 393 1.10 3.08 -16.29
N LEU C 394 1.29 1.83 -16.72
CA LEU C 394 1.98 0.82 -15.92
C LEU C 394 1.39 0.69 -14.52
N ASP C 395 0.05 0.71 -14.46
CA ASP C 395 -0.66 0.51 -13.21
C ASP C 395 -0.27 -0.81 -12.55
N SER C 396 -0.22 -0.80 -11.22
CA SER C 396 0.14 -2.00 -10.47
C SER C 396 -0.99 -3.01 -10.40
N LEU C 397 -2.19 -2.68 -10.90
CA LEU C 397 -3.35 -3.55 -10.81
C LEU C 397 -3.62 -4.30 -12.11
N ILE C 398 -3.82 -3.57 -13.21
CA ILE C 398 -4.07 -4.22 -14.49
C ILE C 398 -2.78 -4.60 -15.21
N PHE C 399 -1.63 -4.16 -14.72
CA PHE C 399 -0.34 -4.55 -15.26
C PHE C 399 0.53 -5.15 -14.16
N PRO C 400 0.04 -6.22 -13.48
CA PRO C 400 0.80 -6.76 -12.35
C PRO C 400 2.00 -7.59 -12.79
N VAL C 401 3.19 -7.01 -12.68
CA VAL C 401 4.41 -7.74 -13.03
C VAL C 401 4.54 -9.01 -12.21
N ASN C 402 3.94 -9.03 -11.01
CA ASN C 402 4.02 -10.21 -10.15
C ASN C 402 3.43 -11.45 -10.81
N SER C 403 2.45 -11.26 -11.70
CA SER C 403 1.73 -12.34 -12.36
C SER C 403 1.84 -12.32 -13.88
N LEU C 404 1.85 -11.13 -14.47
CA LEU C 404 1.83 -11.03 -15.93
C LEU C 404 3.18 -11.39 -16.55
N LEU C 405 4.30 -11.13 -15.85
CA LEU C 405 5.60 -11.46 -16.40
C LEU C 405 5.80 -12.97 -16.46
N PRO C 406 5.42 -13.70 -15.41
CA PRO C 406 5.40 -15.17 -15.53
C PRO C 406 4.59 -15.67 -16.71
N VAL C 407 3.44 -15.05 -16.98
CA VAL C 407 2.59 -15.51 -18.08
C VAL C 407 3.32 -15.37 -19.41
N VAL C 408 3.92 -14.20 -19.64
CA VAL C 408 4.63 -13.99 -20.91
C VAL C 408 5.81 -14.93 -21.00
N CYS C 409 6.48 -15.18 -19.88
CA CYS C 409 7.59 -16.14 -19.91
C CYS C 409 7.08 -17.55 -20.18
N ALA C 410 5.88 -17.88 -19.70
CA ALA C 410 5.28 -19.18 -20.01
C ALA C 410 4.88 -19.27 -21.48
N TYR C 411 4.26 -18.21 -22.02
CA TYR C 411 3.96 -18.17 -23.43
C TYR C 411 5.22 -18.29 -24.28
N ALA C 412 6.33 -17.68 -23.85
CA ALA C 412 7.56 -17.74 -24.62
C ALA C 412 8.10 -19.15 -24.72
N ILE C 413 7.66 -20.05 -23.85
CA ILE C 413 8.08 -21.45 -23.87
C ILE C 413 7.06 -22.33 -24.55
N ASN C 414 5.80 -22.26 -24.08
CA ASN C 414 4.77 -23.16 -24.59
C ASN C 414 4.50 -22.96 -26.08
N ASN C 415 4.81 -21.78 -26.61
CA ASN C 415 4.62 -21.50 -28.03
C ASN C 415 5.95 -21.37 -28.77
N GLY C 416 7.04 -21.76 -28.12
CA GLY C 416 8.31 -21.88 -28.82
C GLY C 416 8.81 -20.59 -29.46
N GLN C 417 8.69 -19.48 -28.74
CA GLN C 417 9.19 -18.18 -29.22
C GLN C 417 10.61 -18.00 -28.68
N ASP C 418 11.56 -18.61 -29.38
CA ASP C 418 12.95 -18.66 -28.91
C ASP C 418 13.87 -18.70 -30.12
N ALA C 419 15.10 -19.20 -29.91
CA ALA C 419 16.10 -19.26 -30.97
C ALA C 419 15.62 -20.07 -32.17
N SER C 420 14.67 -20.98 -31.98
CA SER C 420 14.20 -21.83 -33.07
C SER C 420 13.75 -21.00 -34.27
N ILE C 421 13.07 -19.90 -34.02
CA ILE C 421 12.59 -19.01 -35.07
C ILE C 421 13.46 -17.77 -35.20
N GLY C 422 14.66 -17.79 -34.62
CA GLY C 422 15.57 -16.66 -34.69
C GLY C 422 15.27 -15.54 -33.72
N ALA C 423 14.38 -15.76 -32.75
CA ALA C 423 14.01 -14.75 -31.79
C ALA C 423 15.00 -14.72 -30.63
N ASP C 424 15.15 -13.54 -30.04
CA ASP C 424 15.98 -13.39 -28.85
C ASP C 424 15.35 -14.20 -27.71
N PRO C 425 16.02 -15.22 -27.18
CA PRO C 425 15.39 -16.00 -26.10
C PRO C 425 14.99 -15.15 -24.93
N CYS C 426 15.66 -14.02 -24.70
CA CYS C 426 15.36 -13.12 -23.60
C CYS C 426 14.44 -11.98 -24.03
N TRP C 427 13.50 -12.24 -24.94
CA TRP C 427 12.60 -11.19 -25.41
C TRP C 427 11.54 -10.84 -24.37
N PRO C 428 11.13 -11.76 -23.49
CA PRO C 428 10.19 -11.36 -22.44
C PRO C 428 10.82 -10.42 -21.41
N ILE C 429 12.09 -10.63 -21.09
CA ILE C 429 12.79 -9.72 -20.19
C ILE C 429 13.06 -8.39 -20.89
N GLN C 430 13.60 -8.45 -22.11
CA GLN C 430 13.80 -7.25 -22.90
C GLN C 430 12.52 -6.43 -23.01
N LEU C 431 11.37 -7.11 -23.06
CA LEU C 431 10.10 -6.41 -23.21
C LEU C 431 9.76 -5.58 -21.98
N PHE C 432 9.80 -6.20 -20.80
CA PHE C 432 9.37 -5.51 -19.59
C PHE C 432 10.36 -4.44 -19.15
N LEU C 433 11.66 -4.71 -19.28
CA LEU C 433 12.67 -3.72 -18.94
C LEU C 433 12.47 -2.44 -19.74
N ASN C 434 12.46 -2.56 -21.06
CA ASN C 434 12.34 -1.38 -21.94
C ASN C 434 11.04 -0.63 -21.70
N LEU C 435 10.02 -1.28 -21.15
CA LEU C 435 8.76 -0.61 -20.89
C LEU C 435 8.79 0.26 -19.64
N GLY C 436 9.87 0.19 -18.87
CA GLY C 436 10.00 0.96 -17.65
C GLY C 436 9.84 0.15 -16.38
N VAL C 437 9.85 -1.17 -16.47
CA VAL C 437 9.75 -1.99 -15.25
C VAL C 437 11.08 -1.96 -14.51
N PRO C 438 11.09 -1.76 -13.19
CA PRO C 438 12.38 -1.69 -12.47
C PRO C 438 13.13 -3.02 -12.51
N HIS C 439 14.44 -2.92 -12.74
CA HIS C 439 15.31 -4.09 -12.68
C HIS C 439 15.10 -4.87 -11.38
N ALA C 440 15.15 -4.16 -10.25
CA ALA C 440 15.08 -4.82 -8.95
C ALA C 440 13.82 -5.66 -8.83
N LEU C 441 12.76 -5.34 -9.57
CA LEU C 441 11.52 -6.10 -9.51
C LEU C 441 11.54 -7.29 -10.45
N VAL C 442 11.94 -7.07 -11.70
CA VAL C 442 12.05 -8.18 -12.65
C VAL C 442 12.90 -9.28 -12.07
N VAL C 443 14.06 -8.92 -11.50
CA VAL C 443 14.93 -9.93 -10.91
C VAL C 443 14.27 -10.56 -9.69
N GLN C 444 13.43 -9.80 -8.99
CA GLN C 444 12.73 -10.36 -7.84
C GLN C 444 11.75 -11.44 -8.26
N VAL C 445 11.20 -11.33 -9.48
CA VAL C 445 10.23 -12.32 -9.97
C VAL C 445 10.95 -13.53 -10.54
N LEU C 446 12.00 -13.33 -11.34
CA LEU C 446 12.75 -14.44 -11.88
C LEU C 446 13.29 -15.32 -10.76
N GLU C 447 13.68 -14.70 -9.64
CA GLU C 447 14.06 -15.47 -8.45
C GLU C 447 12.91 -16.37 -8.00
N ASN C 448 11.70 -15.82 -7.94
CA ASN C 448 10.53 -16.59 -7.58
C ASN C 448 10.22 -17.66 -8.64
N VAL C 449 10.59 -17.42 -9.89
CA VAL C 449 10.31 -18.39 -10.97
C VAL C 449 11.31 -19.54 -10.92
N LEU C 450 12.56 -19.25 -10.60
CA LEU C 450 13.61 -20.26 -10.65
C LEU C 450 13.51 -21.24 -9.49
N ASP C 451 12.97 -20.81 -8.35
CA ASP C 451 12.88 -21.64 -7.16
C ASP C 451 11.62 -22.50 -7.16
N THR C 452 10.45 -21.91 -7.45
CA THR C 452 9.19 -22.65 -7.42
C THR C 452 9.20 -23.81 -8.40
N GLN C 453 9.72 -23.58 -9.60
CA GLN C 453 9.78 -24.61 -10.64
C GLN C 453 8.38 -25.13 -11.00
N GLU C 454 7.42 -24.21 -11.10
CA GLU C 454 6.12 -24.55 -11.64
C GLU C 454 6.20 -24.54 -13.17
N ALA C 455 5.60 -25.53 -13.80
CA ALA C 455 5.68 -25.65 -15.24
C ALA C 455 5.10 -24.39 -15.87
N PRO C 456 5.58 -24.02 -17.07
CA PRO C 456 6.58 -24.71 -17.89
C PRO C 456 8.02 -24.43 -17.48
N PHE C 457 8.21 -23.83 -16.30
CA PHE C 457 9.57 -23.49 -15.84
C PHE C 457 10.21 -24.68 -15.14
N THR C 458 10.15 -25.85 -15.79
CA THR C 458 10.57 -27.12 -15.21
C THR C 458 11.63 -27.80 -16.07
N GLY C 459 12.31 -28.76 -15.45
CA GLY C 459 13.23 -29.60 -16.18
C GLY C 459 14.37 -28.83 -16.80
N ARG C 460 14.81 -29.28 -17.98
CA ARG C 460 15.95 -28.67 -18.62
C ARG C 460 15.64 -27.28 -19.16
N ARG C 461 14.38 -26.86 -19.11
CA ARG C 461 14.03 -25.53 -19.59
C ARG C 461 14.49 -24.44 -18.64
N ARG C 462 14.74 -24.77 -17.37
CA ARG C 462 15.32 -23.78 -16.46
C ARG C 462 16.68 -23.29 -16.92
N LYS C 463 17.30 -23.98 -17.88
CA LYS C 463 18.45 -23.43 -18.59
C LYS C 463 18.12 -22.05 -19.16
N LEU C 464 16.90 -21.90 -19.69
CA LEU C 464 16.46 -20.64 -20.27
C LEU C 464 16.12 -19.60 -19.21
N VAL C 465 15.70 -20.05 -18.01
CA VAL C 465 15.45 -19.11 -16.91
C VAL C 465 16.74 -18.45 -16.47
N VAL C 466 17.84 -19.22 -16.41
CA VAL C 466 19.12 -18.64 -16.01
C VAL C 466 19.58 -17.60 -17.02
N GLN C 467 19.33 -17.84 -18.32
CA GLN C 467 19.66 -16.86 -19.34
C GLN C 467 18.92 -15.56 -19.10
N TRP C 468 17.65 -15.64 -18.72
CA TRP C 468 16.87 -14.45 -18.37
C TRP C 468 17.49 -13.73 -17.17
N ILE C 469 17.79 -14.48 -16.11
CA ILE C 469 18.37 -13.88 -14.91
C ILE C 469 19.69 -13.19 -15.24
N ALA C 470 20.53 -13.86 -16.04
CA ALA C 470 21.77 -13.24 -16.46
C ALA C 470 21.51 -11.95 -17.21
N MET C 471 20.61 -11.99 -18.19
CA MET C 471 20.28 -10.81 -18.97
C MET C 471 19.75 -9.68 -18.09
N ALA C 472 18.90 -10.00 -17.12
CA ALA C 472 18.34 -8.96 -16.26
C ALA C 472 19.43 -8.34 -15.38
N VAL C 473 20.19 -9.19 -14.67
CA VAL C 473 21.28 -8.68 -13.86
C VAL C 473 22.34 -8.04 -14.74
N ASP C 474 22.67 -8.67 -15.88
CA ASP C 474 23.67 -8.08 -16.77
C ASP C 474 23.28 -6.68 -17.20
N MET C 475 22.02 -6.50 -17.61
CA MET C 475 21.51 -5.16 -17.87
C MET C 475 21.40 -4.34 -16.60
N TRP C 476 21.48 -4.98 -15.43
CA TRP C 476 21.44 -4.27 -14.16
C TRP C 476 22.83 -3.83 -13.70
N VAL C 477 23.81 -4.75 -13.70
CA VAL C 477 25.18 -4.38 -13.37
C VAL C 477 25.71 -3.35 -14.36
N ARG C 478 25.33 -3.49 -15.64
CA ARG C 478 25.67 -2.49 -16.63
C ARG C 478 24.96 -1.17 -16.38
N GLU C 479 23.89 -1.19 -15.58
CA GLU C 479 23.13 0.01 -15.25
C GLU C 479 23.56 0.64 -13.93
N VAL C 480 24.33 -0.07 -13.10
CA VAL C 480 24.91 0.56 -11.92
C VAL C 480 26.17 1.32 -12.29
N GLU C 481 27.05 0.70 -13.09
CA GLU C 481 28.20 1.42 -13.65
C GLU C 481 27.75 2.67 -14.39
N ARG C 482 26.52 2.66 -14.90
CA ARG C 482 25.96 3.82 -15.57
C ARG C 482 25.70 4.94 -14.55
N VAL C 500 16.58 -3.77 -4.47
CA VAL C 500 17.92 -3.22 -4.67
C VAL C 500 18.97 -4.33 -4.67
N MET C 501 19.98 -4.18 -5.52
CA MET C 501 21.05 -5.17 -5.58
C MET C 501 21.79 -5.19 -4.25
N GLY C 502 22.03 -6.40 -3.75
CA GLY C 502 22.70 -6.58 -2.48
C GLY C 502 23.14 -8.00 -2.30
N SER C 503 23.04 -8.53 -1.09
CA SER C 503 23.44 -9.91 -0.85
C SER C 503 22.50 -10.88 -1.56
N TRP C 504 21.20 -10.56 -1.60
CA TRP C 504 20.20 -11.49 -2.10
C TRP C 504 20.32 -11.76 -3.59
N VAL C 505 20.92 -10.84 -4.35
CA VAL C 505 21.12 -11.07 -5.77
C VAL C 505 22.29 -12.01 -6.01
N SER C 506 23.36 -11.87 -5.21
CA SER C 506 24.46 -12.83 -5.30
C SER C 506 23.99 -14.22 -4.89
N GLU C 507 23.15 -14.29 -3.86
CA GLU C 507 22.57 -15.57 -3.44
C GLU C 507 21.85 -16.26 -4.60
N LEU C 508 21.26 -15.49 -5.51
CA LEU C 508 20.52 -16.06 -6.62
C LEU C 508 21.46 -16.71 -7.63
N LEU C 509 22.49 -15.98 -8.08
CA LEU C 509 23.40 -16.52 -9.07
C LEU C 509 24.04 -17.82 -8.58
N GLY C 510 24.34 -17.90 -7.29
CA GLY C 510 24.87 -19.14 -6.75
C GLY C 510 23.89 -20.30 -6.88
N ARG C 511 22.62 -20.05 -6.57
CA ARG C 511 21.61 -21.07 -6.77
C ARG C 511 21.39 -21.36 -8.25
N ALA C 512 21.55 -20.34 -9.11
CA ALA C 512 21.37 -20.54 -10.53
C ALA C 512 22.46 -21.39 -11.15
N ASP C 513 23.64 -21.44 -10.54
CA ASP C 513 24.70 -22.30 -11.06
C ASP C 513 24.40 -23.77 -10.76
N GLN C 514 23.87 -24.04 -9.56
CA GLN C 514 23.43 -25.40 -9.24
C GLN C 514 22.44 -25.91 -10.28
N VAL C 515 21.60 -25.02 -10.81
CA VAL C 515 20.63 -25.43 -11.82
C VAL C 515 21.33 -25.87 -13.10
N LEU C 516 22.40 -25.18 -13.48
CA LEU C 516 23.10 -25.52 -14.71
C LEU C 516 23.80 -26.87 -14.61
N THR C 517 24.28 -27.22 -13.42
CA THR C 517 24.88 -28.53 -13.22
C THR C 517 23.82 -29.62 -13.12
N GLN C 518 22.72 -29.36 -12.41
CA GLN C 518 21.62 -30.31 -12.39
C GLN C 518 21.08 -30.55 -13.79
N ILE C 519 21.20 -29.55 -14.68
CA ILE C 519 20.76 -29.71 -16.06
C ILE C 519 21.85 -30.36 -16.90
N ALA C 520 23.12 -30.22 -16.52
CA ALA C 520 24.19 -30.87 -17.24
C ALA C 520 24.17 -32.39 -17.05
N GLY C 521 23.50 -32.88 -16.01
CA GLY C 521 23.43 -34.31 -15.75
C GLY C 521 22.29 -35.01 -16.47
N THR C 522 21.07 -34.48 -16.31
CA THR C 522 19.89 -35.10 -16.92
C THR C 522 19.94 -35.10 -18.44
N GLY C 523 20.77 -34.26 -19.05
CA GLY C 523 20.91 -34.23 -20.50
C GLY C 523 21.67 -35.42 -21.03
N SER C 529 23.17 -32.47 -26.53
CA SER C 529 24.04 -31.85 -27.52
C SER C 529 24.39 -30.41 -27.12
N ASP C 530 23.59 -29.84 -26.22
CA ASP C 530 23.84 -28.51 -25.69
C ASP C 530 24.91 -28.51 -24.60
N ALA C 531 25.72 -29.58 -24.52
CA ALA C 531 26.71 -29.72 -23.47
C ALA C 531 27.62 -28.51 -23.37
N GLU C 532 27.82 -27.79 -24.47
CA GLU C 532 28.67 -26.61 -24.46
C GLU C 532 27.91 -25.33 -24.16
N GLU C 533 26.63 -25.25 -24.53
CA GLU C 533 25.84 -24.10 -24.14
C GLU C 533 25.77 -23.97 -22.62
N ILE C 534 25.46 -25.09 -21.94
CA ILE C 534 25.52 -25.12 -20.49
C ILE C 534 26.90 -24.69 -20.02
N ALA C 535 27.94 -25.35 -20.53
CA ALA C 535 29.32 -25.02 -20.14
C ALA C 535 29.62 -23.55 -20.43
N SER C 536 29.22 -23.07 -21.61
CA SER C 536 29.47 -21.68 -21.95
C SER C 536 28.67 -20.73 -21.08
N LEU C 537 27.48 -21.14 -20.64
CA LEU C 537 26.66 -20.29 -19.79
C LEU C 537 27.15 -20.27 -18.35
N ARG C 538 27.56 -21.44 -17.83
CA ARG C 538 28.12 -21.52 -16.49
C ARG C 538 29.23 -20.51 -16.31
N ARG C 539 30.14 -20.45 -17.28
CA ARG C 539 31.26 -19.53 -17.23
C ARG C 539 30.86 -18.10 -17.61
N THR C 540 29.61 -17.89 -18.02
CA THR C 540 29.04 -16.56 -18.16
C THR C 540 28.42 -16.06 -16.86
N VAL C 541 27.85 -16.97 -16.06
CA VAL C 541 27.22 -16.59 -14.81
C VAL C 541 28.28 -16.18 -13.79
N LYS C 542 29.21 -17.09 -13.48
CA LYS C 542 30.22 -16.82 -12.47
C LYS C 542 31.02 -15.56 -12.76
N GLY C 543 31.09 -15.16 -14.03
CA GLY C 543 31.68 -13.87 -14.35
C GLY C 543 30.81 -12.71 -13.92
N LEU C 544 29.49 -12.86 -14.08
CA LEU C 544 28.56 -11.84 -13.59
C LEU C 544 28.49 -11.83 -12.07
N LYS C 545 28.71 -12.98 -11.44
CA LYS C 545 28.68 -13.05 -9.98
C LYS C 545 29.77 -12.16 -9.38
N ARG C 546 30.96 -12.16 -9.97
CA ARG C 546 32.03 -11.31 -9.46
C ARG C 546 31.69 -9.83 -9.59
N SER C 547 31.03 -9.45 -10.69
CA SER C 547 30.67 -8.05 -10.90
C SER C 547 29.72 -7.52 -9.82
N VAL C 548 28.97 -8.40 -9.17
CA VAL C 548 28.03 -7.99 -8.12
C VAL C 548 28.71 -7.95 -6.76
N ASP C 549 29.51 -8.97 -6.44
CA ASP C 549 30.15 -9.08 -5.14
C ASP C 549 31.18 -7.98 -4.92
N ASP D 1 -6.70 48.70 -2.79
CA ASP D 1 -7.39 47.51 -2.29
C ASP D 1 -6.56 46.22 -2.45
N ASP D 2 -5.90 46.08 -3.61
CA ASP D 2 -4.93 45.01 -3.77
C ASP D 2 -3.64 45.31 -3.02
N VAL D 3 -3.45 46.56 -2.61
CA VAL D 3 -2.31 46.91 -1.77
C VAL D 3 -2.52 46.36 -0.36
N VAL D 4 -3.76 46.40 0.13
CA VAL D 4 -4.07 45.87 1.44
C VAL D 4 -3.89 44.36 1.44
N THR D 5 -4.09 43.73 0.29
CA THR D 5 -3.95 42.28 0.20
C THR D 5 -2.49 41.88 0.38
N PHE D 6 -1.57 42.53 -0.34
CA PHE D 6 -0.17 42.17 -0.21
C PHE D 6 0.30 42.31 1.22
N LYS D 7 -0.15 43.38 1.89
CA LYS D 7 0.22 43.60 3.28
C LYS D 7 -0.28 42.48 4.17
N ALA D 8 -1.41 41.87 3.82
CA ALA D 8 -1.93 40.76 4.60
C ALA D 8 -1.08 39.51 4.38
N GLN D 9 -0.74 39.20 3.13
CA GLN D 9 0.14 38.08 2.84
C GLN D 9 1.52 38.30 3.45
N GLU D 10 1.91 39.57 3.57
CA GLU D 10 3.20 39.94 4.13
C GLU D 10 3.26 39.63 5.62
N GLN D 11 2.20 40.00 6.36
CA GLN D 11 2.16 39.75 7.80
C GLN D 11 2.15 38.25 8.07
N LEU D 12 1.37 37.50 7.30
CA LEU D 12 1.34 36.04 7.41
C LEU D 12 2.74 35.45 7.23
N GLN D 13 3.38 35.71 6.08
CA GLN D 13 4.74 35.25 5.85
C GLN D 13 5.68 35.63 6.99
N ARG D 14 5.37 36.70 7.71
CA ARG D 14 6.20 37.11 8.82
C ARG D 14 5.88 36.36 10.11
N ALA D 15 4.62 35.98 10.30
CA ALA D 15 4.25 35.20 11.47
C ALA D 15 5.01 33.88 11.52
N SER D 16 5.09 33.19 10.38
CA SER D 16 5.82 31.93 10.32
C SER D 16 7.29 32.13 10.67
N GLU D 17 7.93 33.15 10.08
CA GLU D 17 9.34 33.37 10.36
C GLU D 17 9.59 33.56 11.85
N GLN D 18 8.64 34.14 12.58
CA GLN D 18 8.80 34.29 14.03
C GLN D 18 8.73 32.93 14.72
N ALA D 19 7.66 32.19 14.48
CA ALA D 19 7.43 30.91 15.16
C ALA D 19 8.54 29.91 14.93
N HIS D 20 9.26 30.01 13.81
CA HIS D 20 10.28 29.03 13.49
C HIS D 20 11.64 29.36 14.11
N ASN D 21 12.02 30.63 14.19
CA ASN D 21 13.28 31.02 14.82
C ASN D 21 13.07 32.25 15.71
N SER D 22 12.06 32.17 16.58
CA SER D 22 11.80 33.17 17.61
C SER D 22 13.07 33.42 18.40
N PRO D 23 13.29 34.66 18.86
CA PRO D 23 14.50 34.93 19.66
C PRO D 23 14.45 34.26 21.03
N VAL D 24 13.25 33.90 21.51
CA VAL D 24 13.14 33.08 22.72
C VAL D 24 13.51 31.65 22.40
N LEU D 25 13.01 31.13 21.27
CA LEU D 25 13.28 29.76 20.84
C LEU D 25 14.78 29.52 20.77
N ARG D 26 15.44 30.29 19.92
CA ARG D 26 16.88 30.23 19.77
C ARG D 26 17.57 30.28 21.13
N ALA D 27 16.97 31.02 22.07
CA ALA D 27 17.52 31.17 23.42
C ALA D 27 17.15 30.01 24.34
N LEU D 28 15.86 29.65 24.39
CA LEU D 28 15.43 28.52 25.23
C LEU D 28 16.16 27.25 24.84
N LEU D 29 16.10 26.90 23.54
CA LEU D 29 16.75 25.69 23.06
C LEU D 29 18.25 25.73 23.31
N ALA D 30 18.89 26.87 23.06
CA ALA D 30 20.32 27.00 23.30
C ALA D 30 20.65 26.80 24.76
N GLU D 31 19.75 27.21 25.67
CA GLU D 31 20.02 27.05 27.10
C GLU D 31 19.79 25.61 27.54
N SER D 32 18.69 25.00 27.09
CA SER D 32 18.46 23.59 27.40
C SER D 32 19.64 22.75 26.95
N LEU D 33 20.20 23.07 25.79
CA LEU D 33 21.42 22.40 25.35
C LEU D 33 22.58 22.68 26.31
N ARG D 34 22.67 23.92 26.81
CA ARG D 34 23.76 24.28 27.72
C ARG D 34 23.69 23.45 28.99
N LEU D 35 22.49 23.19 29.50
CA LEU D 35 22.33 22.44 30.74
C LEU D 35 22.58 20.95 30.52
N PHE D 36 22.12 20.38 29.40
CA PHE D 36 22.35 18.96 29.15
C PHE D 36 23.84 18.66 29.03
N GLU D 37 24.58 19.52 28.33
CA GLU D 37 26.02 19.31 28.15
C GLU D 37 26.76 19.36 29.48
N GLN D 38 26.15 19.94 30.51
CA GLN D 38 26.73 19.90 31.85
C GLN D 38 26.71 18.49 32.41
N VAL D 39 25.53 17.88 32.47
CA VAL D 39 25.33 16.56 33.05
C VAL D 39 25.43 15.49 31.97
N ALA D 40 26.22 15.75 30.93
CA ALA D 40 26.34 14.80 29.81
C ALA D 40 26.77 13.41 30.28
N GLY D 41 27.85 13.34 31.06
CA GLY D 41 28.42 12.07 31.46
C GLY D 41 27.64 11.29 32.50
N SER D 42 26.36 11.65 32.70
CA SER D 42 25.49 10.93 33.61
C SER D 42 24.06 10.86 33.06
N LEU D 43 23.88 11.04 31.77
CA LEU D 43 22.56 11.06 31.17
C LEU D 43 22.08 9.65 30.87
N THR D 44 20.80 9.40 31.16
CA THR D 44 20.23 8.10 30.86
C THR D 44 19.86 8.03 29.38
N PRO D 45 20.05 6.87 28.74
CA PRO D 45 19.60 6.70 27.34
C PRO D 45 18.16 7.12 27.12
N ALA D 46 17.29 6.99 28.12
CA ALA D 46 15.89 7.37 27.96
C ALA D 46 15.72 8.89 27.88
N ASN D 47 16.53 9.64 28.65
CA ASN D 47 16.40 11.09 28.66
C ASN D 47 16.92 11.71 27.36
N LEU D 48 18.14 11.33 26.96
CA LEU D 48 18.74 11.86 25.73
C LEU D 48 17.82 11.63 24.53
N THR D 49 17.16 10.46 24.49
CA THR D 49 16.21 10.20 23.41
C THR D 49 15.05 11.17 23.45
N THR D 50 14.38 11.29 24.61
CA THR D 50 13.27 12.23 24.72
C THR D 50 13.69 13.63 24.34
N ALA D 51 14.93 14.00 24.65
CA ALA D 51 15.44 15.32 24.27
C ALA D 51 15.56 15.44 22.77
N VAL D 52 16.17 14.45 22.11
CA VAL D 52 16.30 14.47 20.66
C VAL D 52 14.94 14.46 20.01
N GLU D 53 13.99 13.71 20.57
CA GLU D 53 12.63 13.71 20.04
C GLU D 53 12.03 15.12 20.06
N GLN D 54 12.27 15.87 21.14
CA GLN D 54 11.79 17.25 21.23
C GLN D 54 12.58 18.17 20.32
N TYR D 55 13.91 18.01 20.31
CA TYR D 55 14.75 18.86 19.46
C TYR D 55 14.35 18.75 18.00
N ILE D 56 13.99 17.53 17.56
CA ILE D 56 13.64 17.32 16.16
C ILE D 56 12.28 17.94 15.85
N SER D 57 11.34 17.88 16.79
CA SER D 57 10.04 18.52 16.60
C SER D 57 10.19 20.01 16.36
N LEU D 58 11.20 20.63 16.97
CA LEU D 58 11.44 22.06 16.87
C LEU D 58 12.57 22.40 15.89
N LYS D 59 12.89 21.48 14.99
CA LYS D 59 13.86 21.74 13.92
C LYS D 59 15.24 22.09 14.49
N TYR D 60 15.54 21.64 15.70
CA TYR D 60 16.84 21.91 16.30
C TYR D 60 17.81 20.77 16.00
N TYR D 61 18.01 20.56 14.68
CA TYR D 61 18.77 19.40 14.22
C TYR D 61 20.22 19.47 14.65
N ALA D 62 20.94 20.49 14.19
CA ALA D 62 22.37 20.59 14.47
C ALA D 62 22.65 20.52 15.96
N GLY D 63 21.76 21.09 16.77
CA GLY D 63 21.99 21.11 18.21
C GLY D 63 21.94 19.72 18.82
N ALA D 64 20.88 18.97 18.49
CA ALA D 64 20.75 17.62 19.05
C ALA D 64 21.95 16.76 18.70
N ILE D 65 22.50 16.93 17.50
CA ILE D 65 23.70 16.16 17.10
C ILE D 65 24.86 16.49 18.01
N GLN D 66 25.06 17.77 18.33
CA GLN D 66 26.18 18.15 19.18
C GLN D 66 26.01 17.59 20.59
N LEU D 67 24.77 17.46 21.05
CA LEU D 67 24.53 16.89 22.37
C LEU D 67 24.95 15.43 22.43
N CYS D 68 24.53 14.63 21.44
CA CYS D 68 24.87 13.22 21.42
C CYS D 68 26.37 12.99 21.40
N LEU D 69 27.09 13.78 20.61
CA LEU D 69 28.55 13.65 20.57
C LEU D 69 29.15 13.92 21.94
N THR D 70 28.63 14.93 22.65
CA THR D 70 29.15 15.28 23.97
C THR D 70 28.86 14.16 24.98
N VAL D 71 27.64 13.62 24.95
CA VAL D 71 27.31 12.49 25.82
C VAL D 71 28.24 11.31 25.54
N ALA D 72 28.60 11.10 24.28
CA ALA D 72 29.51 10.02 23.94
C ALA D 72 30.87 10.23 24.61
N GLN D 73 31.49 11.38 24.33
CA GLN D 73 32.85 11.64 24.82
C GLN D 73 32.91 11.61 26.35
N GLN D 74 31.83 11.99 27.02
CA GLN D 74 31.82 12.06 28.48
C GLN D 74 31.50 10.72 29.15
N LYS D 75 31.07 9.73 28.38
CA LYS D 75 30.96 8.36 28.88
C LYS D 75 32.28 7.63 28.80
N ASP D 76 33.18 8.06 27.91
CA ASP D 76 34.47 7.42 27.65
C ASP D 76 35.48 8.52 27.32
N ARG D 77 36.04 9.12 28.39
CA ARG D 77 37.03 10.18 28.18
C ARG D 77 38.37 9.61 27.76
N GLY D 78 38.88 8.62 28.51
CA GLY D 78 40.12 7.95 28.17
C GLY D 78 40.15 7.34 26.79
N ASN D 79 39.01 7.33 26.09
CA ASN D 79 38.90 6.78 24.75
C ASN D 79 39.25 5.29 24.73
N THR D 80 38.45 4.51 25.46
CA THR D 80 38.57 3.07 25.40
C THR D 80 37.86 2.54 24.16
N ALA D 81 36.80 3.21 23.75
CA ALA D 81 36.15 2.91 22.48
C ALA D 81 37.09 3.15 21.31
N LEU D 82 38.10 4.00 21.49
CA LEU D 82 39.13 4.17 20.48
C LEU D 82 39.98 2.91 20.37
N SER D 83 40.48 2.42 21.51
CA SER D 83 41.28 1.20 21.53
C SER D 83 40.54 -0.01 20.97
N TRP D 84 39.23 0.10 20.76
CA TRP D 84 38.47 -1.01 20.18
C TRP D 84 38.73 -1.13 18.67
N VAL D 85 38.43 -0.08 17.90
CA VAL D 85 38.67 -0.15 16.46
C VAL D 85 40.16 -0.08 16.16
N ASN D 86 40.92 0.64 16.98
CA ASN D 86 42.36 0.76 16.73
C ASN D 86 43.07 -0.57 16.91
N ASP D 87 42.85 -1.24 18.05
CA ASP D 87 43.32 -2.62 18.20
C ASP D 87 42.55 -3.58 17.32
N GLY D 88 41.34 -3.22 16.92
CA GLY D 88 40.54 -4.00 16.00
C GLY D 88 39.71 -5.06 16.70
N LYS D 89 38.53 -4.67 17.18
CA LYS D 89 37.53 -5.60 17.67
C LYS D 89 38.06 -6.56 18.74
N PRO D 90 38.63 -6.03 19.84
CA PRO D 90 38.99 -6.93 20.95
C PRO D 90 37.76 -7.59 21.54
N ALA D 91 37.48 -8.81 21.09
CA ALA D 91 36.31 -9.53 21.57
C ALA D 91 36.54 -10.00 22.99
N ASN D 92 35.43 -10.31 23.67
CA ASN D 92 35.45 -10.68 25.08
C ASN D 92 36.24 -9.64 25.90
N ASP D 93 35.63 -8.46 26.00
CA ASP D 93 36.25 -7.31 26.60
C ASP D 93 35.19 -6.46 27.29
N SER D 94 35.62 -5.73 28.33
CA SER D 94 34.71 -4.83 29.01
C SER D 94 34.43 -3.57 28.19
N ARG D 95 35.24 -3.29 27.17
CA ARG D 95 35.01 -2.12 26.33
C ARG D 95 33.78 -2.25 25.45
N LYS D 96 33.08 -3.39 25.50
CA LYS D 96 31.77 -3.46 24.86
C LYS D 96 30.84 -2.39 25.40
N LYS D 97 31.02 -1.99 26.66
CA LYS D 97 30.23 -0.90 27.23
C LYS D 97 30.51 0.41 26.50
N ALA D 98 31.79 0.74 26.31
CA ALA D 98 32.15 2.00 25.66
C ALA D 98 31.56 2.09 24.26
N PHE D 99 31.78 1.07 23.43
CA PHE D 99 31.29 1.10 22.06
C PHE D 99 29.77 1.04 22.00
N ASP D 100 29.16 0.16 22.80
CA ASP D 100 27.70 -0.01 22.73
C ASP D 100 26.99 1.28 23.14
N GLU D 101 27.43 1.89 24.24
CA GLU D 101 26.82 3.14 24.69
C GLU D 101 27.05 4.27 23.70
N ARG D 102 28.26 4.37 23.16
CA ARG D 102 28.53 5.41 22.16
C ARG D 102 27.65 5.25 20.92
N LYS D 103 27.35 4.01 20.53
CA LYS D 103 26.58 3.80 19.31
C LYS D 103 25.12 4.20 19.50
N ILE D 104 24.59 4.02 20.71
CA ILE D 104 23.23 4.48 21.02
C ILE D 104 23.13 5.98 20.74
N CYS D 105 24.19 6.72 21.06
CA CYS D 105 24.21 8.14 20.74
C CYS D 105 24.37 8.37 19.25
N TYR D 106 25.26 7.62 18.61
CA TYR D 106 25.48 7.78 17.18
C TYR D 106 24.22 7.44 16.40
N ASN D 107 23.52 6.37 16.81
CA ASN D 107 22.28 5.99 16.14
C ASN D 107 21.22 7.08 16.26
N LEU D 108 21.27 7.86 17.34
CA LEU D 108 20.37 9.01 17.45
C LEU D 108 20.80 10.11 16.48
N ILE D 109 22.12 10.31 16.31
CA ILE D 109 22.59 11.27 15.31
C ILE D 109 22.11 10.85 13.93
N HIS D 110 22.22 9.56 13.63
CA HIS D 110 21.69 9.03 12.37
C HIS D 110 20.20 9.30 12.27
N GLN D 111 19.48 9.12 13.38
CA GLN D 111 18.05 9.37 13.41
C GLN D 111 17.73 10.82 13.07
N VAL D 112 18.54 11.76 13.58
CA VAL D 112 18.36 13.16 13.23
C VAL D 112 18.59 13.37 11.74
N LEU D 113 19.74 12.89 11.25
CA LEU D 113 20.11 13.12 9.86
C LEU D 113 19.06 12.56 8.89
N ASP D 114 18.27 11.57 9.34
CA ASP D 114 17.18 11.05 8.51
C ASP D 114 16.00 12.01 8.49
N LYS D 115 15.53 12.41 9.67
CA LYS D 115 14.42 13.35 9.72
C LYS D 115 14.80 14.69 9.13
N LEU D 116 16.11 14.98 9.03
CA LEU D 116 16.56 16.20 8.39
C LEU D 116 16.19 16.17 6.91
N GLU D 117 16.61 15.11 6.21
CA GLU D 117 16.36 15.01 4.78
C GLU D 117 14.87 14.88 4.49
N SER D 118 14.16 14.10 5.31
CA SER D 118 12.73 13.90 5.09
C SER D 118 11.97 15.21 5.07
N ASP D 119 12.15 16.03 6.10
CA ASP D 119 11.38 17.27 6.24
C ASP D 119 11.73 18.26 5.12
N PHE D 120 13.01 18.43 4.82
CA PHE D 120 13.47 19.38 3.80
C PHE D 120 13.89 18.67 2.51
N ALA D 121 13.05 17.73 2.06
CA ALA D 121 13.32 16.99 0.84
C ALA D 121 12.94 17.83 -0.37
N GLY D 122 13.93 18.17 -1.19
CA GLY D 122 13.72 19.00 -2.37
C GLY D 122 13.41 20.44 -1.99
N THR D 132 17.63 30.05 2.49
CA THR D 132 16.52 29.61 3.32
C THR D 132 17.01 29.19 4.69
N LEU D 133 16.11 29.20 5.68
CA LEU D 133 16.45 28.65 6.98
C LEU D 133 16.48 27.12 6.94
N ALA D 134 15.72 26.51 6.03
CA ALA D 134 15.81 25.07 5.84
C ALA D 134 17.22 24.64 5.41
N ALA D 135 17.80 25.37 4.45
CA ALA D 135 19.17 25.05 4.02
C ALA D 135 20.19 25.42 5.09
N THR D 136 19.86 26.40 5.96
CA THR D 136 20.76 26.76 7.04
C THR D 136 20.83 25.65 8.09
N LYS D 137 19.67 25.19 8.57
CA LYS D 137 19.64 24.11 9.55
C LYS D 137 20.28 22.85 9.00
N ARG D 138 20.35 22.70 7.69
CA ARG D 138 21.04 21.55 7.09
C ARG D 138 22.54 21.69 7.20
N MET D 139 23.09 22.84 6.78
CA MET D 139 24.53 23.03 6.83
C MET D 139 25.02 23.08 8.26
N GLU D 140 24.23 23.68 9.15
CA GLU D 140 24.57 23.70 10.57
C GLU D 140 24.72 22.29 11.11
N ALA D 141 23.86 21.38 10.66
CA ALA D 141 23.90 20.02 11.17
C ALA D 141 25.14 19.28 10.66
N TYR D 142 25.42 19.41 9.36
CA TYR D 142 26.55 18.71 8.78
C TYR D 142 27.87 19.40 9.10
N ASN D 143 27.83 20.55 9.80
CA ASN D 143 29.05 21.15 10.31
C ASN D 143 29.45 20.52 11.65
N VAL D 144 28.46 20.24 12.50
CA VAL D 144 28.75 19.53 13.75
C VAL D 144 29.41 18.21 13.45
N VAL D 145 28.94 17.53 12.39
CA VAL D 145 29.41 16.19 12.08
C VAL D 145 30.82 16.23 11.49
N ASN D 146 31.06 17.15 10.55
CA ASN D 146 32.32 17.17 9.81
C ASN D 146 33.47 17.72 10.64
N ASP D 147 33.18 18.51 11.68
CA ASP D 147 34.22 19.13 12.48
C ASP D 147 34.59 18.30 13.70
N SER D 148 33.78 17.31 14.07
CA SER D 148 34.00 16.57 15.30
C SER D 148 35.38 15.90 15.32
N SER D 149 35.91 15.75 16.53
CA SER D 149 37.18 15.08 16.77
C SER D 149 37.01 13.61 17.09
N ASP D 150 35.78 13.17 17.36
CA ASP D 150 35.46 11.78 17.59
C ASP D 150 35.57 11.02 16.27
N GLU D 151 36.65 10.26 16.10
CA GLU D 151 36.84 9.46 14.90
C GLU D 151 36.17 8.10 15.04
N VAL D 152 35.95 7.61 16.26
CA VAL D 152 35.12 6.42 16.45
C VAL D 152 33.70 6.70 15.99
N PHE D 153 33.23 7.94 16.15
CA PHE D 153 31.94 8.34 15.62
C PHE D 153 31.96 8.40 14.09
N HIS D 154 33.06 8.88 13.52
CA HIS D 154 33.17 8.95 12.06
C HIS D 154 33.08 7.57 11.43
N PHE D 155 33.79 6.59 12.01
CA PHE D 155 33.75 5.24 11.47
C PHE D 155 32.33 4.68 11.47
N ASP D 156 31.67 4.72 12.62
CA ASP D 156 30.29 4.24 12.68
C ASP D 156 29.38 5.05 11.78
N LEU D 157 29.73 6.32 11.52
CA LEU D 157 28.94 7.16 10.63
C LEU D 157 29.17 6.80 9.16
N TYR D 158 30.43 6.55 8.78
CA TYR D 158 30.72 6.14 7.40
C TYR D 158 30.17 4.74 7.13
N GLU D 159 30.24 3.86 8.13
CA GLU D 159 29.63 2.54 8.02
C GLU D 159 28.14 2.65 7.74
N TRP D 160 27.49 3.67 8.32
CA TRP D 160 26.05 3.88 8.12
C TRP D 160 25.76 4.65 6.84
N TYR D 161 26.69 5.48 6.37
CA TYR D 161 26.52 6.13 5.07
C TYR D 161 26.55 5.11 3.95
N ILE D 162 27.45 4.12 4.04
CA ILE D 162 27.49 3.04 3.07
C ILE D 162 26.21 2.22 3.15
N GLU D 163 25.83 1.83 4.37
CA GLU D 163 24.63 1.03 4.57
C GLU D 163 23.38 1.70 4.01
N LYS D 164 23.39 3.01 3.83
CA LYS D 164 22.29 3.73 3.22
C LYS D 164 22.54 4.07 1.76
N GLY D 165 23.71 3.75 1.23
CA GLY D 165 23.99 4.01 -0.16
C GLY D 165 24.28 5.47 -0.48
N TRP D 166 24.57 6.28 0.53
CA TRP D 166 24.95 7.67 0.31
C TRP D 166 26.42 7.70 -0.11
N THR D 167 26.66 7.29 -1.36
CA THR D 167 28.02 7.17 -1.88
C THR D 167 28.68 8.54 -1.99
N ASP D 168 28.06 9.45 -2.74
CA ASP D 168 28.64 10.76 -3.01
C ASP D 168 28.84 11.59 -1.76
N ARG D 169 28.23 11.21 -0.64
CA ARG D 169 28.37 11.97 0.60
C ARG D 169 29.77 11.77 1.20
N ILE D 170 30.23 10.52 1.28
CA ILE D 170 31.53 10.25 1.87
C ILE D 170 32.64 11.02 1.15
N LEU D 171 32.56 11.07 -0.18
CA LEU D 171 33.63 11.68 -0.97
C LEU D 171 33.74 13.18 -0.69
N SER D 172 32.61 13.87 -0.54
CA SER D 172 32.62 15.32 -0.39
C SER D 172 33.20 15.76 0.95
N ILE D 173 33.17 14.90 1.97
CA ILE D 173 33.73 15.25 3.28
C ILE D 173 35.20 15.59 3.13
N ASP D 174 35.61 16.72 3.70
CA ASP D 174 36.98 17.21 3.61
C ASP D 174 37.79 16.92 4.87
N SER D 175 37.21 16.23 5.86
CA SER D 175 37.93 15.81 7.03
C SER D 175 39.02 14.79 6.64
N PRO D 176 40.07 14.67 7.45
CA PRO D 176 41.10 13.64 7.19
C PRO D 176 40.91 12.33 7.92
N HIS D 177 39.82 12.16 8.68
CA HIS D 177 39.49 10.86 9.26
C HIS D 177 38.75 9.97 8.27
N VAL D 178 38.11 10.56 7.26
CA VAL D 178 37.48 9.76 6.22
C VAL D 178 38.55 9.13 5.33
N ILE D 179 39.66 9.83 5.13
CA ILE D 179 40.74 9.30 4.29
C ILE D 179 41.38 8.10 4.97
N THR D 180 41.49 8.14 6.30
CA THR D 180 42.06 7.03 7.04
C THR D 180 41.13 5.82 7.05
N TYR D 181 39.82 6.06 7.12
CA TYR D 181 38.86 4.97 7.14
C TYR D 181 38.93 4.13 5.88
N LEU D 182 38.88 4.77 4.71
CA LEU D 182 38.84 4.03 3.46
C LEU D 182 40.09 3.17 3.27
N GLN D 183 41.25 3.64 3.73
CA GLN D 183 42.45 2.80 3.68
C GLN D 183 42.29 1.58 4.57
N ARG D 184 41.70 1.77 5.76
CA ARG D 184 41.49 0.65 6.68
C ARG D 184 40.52 -0.37 6.10
N LEU D 185 39.66 0.06 5.17
CA LEU D 185 38.63 -0.79 4.57
C LEU D 185 38.93 -1.22 3.14
N ALA D 186 39.58 -0.38 2.34
CA ALA D 186 39.81 -0.73 0.93
C ALA D 186 40.64 -1.98 0.76
N GLU D 187 41.59 -2.24 1.66
CA GLU D 187 42.43 -3.42 1.55
C GLU D 187 41.60 -4.70 1.71
N THR D 188 40.60 -4.66 2.59
CA THR D 188 39.77 -5.84 2.81
C THR D 188 38.83 -6.10 1.64
N ASP D 189 38.42 -5.06 0.92
CA ASP D 189 37.30 -5.15 0.00
C ASP D 189 37.60 -4.37 -1.28
N PHE D 190 37.55 -5.04 -2.42
CA PHE D 190 37.65 -4.36 -3.70
C PHE D 190 36.49 -3.39 -3.91
N ARG D 191 35.29 -3.76 -3.47
CA ARG D 191 34.11 -2.92 -3.71
C ARG D 191 34.26 -1.54 -3.09
N HIS D 192 35.12 -1.38 -2.09
CA HIS D 192 35.33 -0.12 -1.39
C HIS D 192 36.58 0.61 -1.88
N ALA D 193 37.62 -0.14 -2.25
CA ALA D 193 38.76 0.46 -2.93
C ALA D 193 38.32 1.25 -4.15
N GLU D 194 37.13 0.99 -4.69
CA GLU D 194 36.58 1.82 -5.76
C GLU D 194 36.49 3.27 -5.31
N LEU D 195 35.99 3.49 -4.08
CA LEU D 195 35.86 4.86 -3.56
C LEU D 195 37.21 5.48 -3.22
N LEU D 196 38.07 4.74 -2.52
CA LEU D 196 39.39 5.25 -2.21
C LEU D 196 40.06 5.78 -3.47
N CYS D 197 39.95 5.05 -4.59
CA CYS D 197 40.45 5.51 -5.88
C CYS D 197 39.61 6.63 -6.46
N ARG D 198 38.30 6.59 -6.22
CA ARG D 198 37.43 7.68 -6.66
C ARG D 198 37.66 8.92 -5.83
N PHE D 199 37.99 8.74 -4.56
CA PHE D 199 38.24 9.86 -3.67
C PHE D 199 39.47 10.64 -4.10
N TYR D 200 40.59 9.96 -4.33
CA TYR D 200 41.81 10.63 -4.74
C TYR D 200 41.61 11.46 -6.00
N THR D 201 40.77 11.01 -6.93
CA THR D 201 40.67 11.66 -8.24
C THR D 201 39.83 12.92 -8.21
N THR D 202 38.88 13.03 -7.27
CA THR D 202 38.16 14.28 -7.12
C THR D 202 39.03 15.34 -6.45
N ARG D 203 39.90 14.92 -5.53
CA ARG D 203 40.89 15.83 -4.94
C ARG D 203 42.07 16.07 -5.88
N SER D 204 42.11 15.40 -7.04
CA SER D 204 43.14 15.53 -8.06
C SER D 204 44.44 14.86 -7.67
N ARG D 205 44.41 13.89 -6.74
CA ARG D 205 45.58 13.06 -6.44
C ARG D 205 45.62 11.85 -7.37
N PHE D 206 45.80 12.16 -8.66
CA PHE D 206 45.65 11.14 -9.69
C PHE D 206 46.69 10.03 -9.55
N PHE D 207 47.95 10.37 -9.28
CA PHE D 207 48.97 9.34 -9.12
C PHE D 207 48.62 8.40 -7.98
N GLU D 208 48.21 8.96 -6.83
CA GLU D 208 47.87 8.11 -5.69
C GLU D 208 46.74 7.16 -6.01
N ALA D 209 45.86 7.54 -6.95
CA ALA D 209 44.79 6.64 -7.38
C ALA D 209 45.34 5.53 -8.25
N ALA D 210 46.03 5.90 -9.33
CA ALA D 210 46.69 4.92 -10.19
C ALA D 210 47.61 3.99 -9.40
N GLN D 211 48.22 4.51 -8.34
CA GLN D 211 49.09 3.69 -7.50
C GLN D 211 48.31 2.56 -6.85
N VAL D 212 47.07 2.82 -6.45
CA VAL D 212 46.23 1.81 -5.81
C VAL D 212 45.58 0.92 -6.85
N GLN D 213 45.12 1.51 -7.97
CA GLN D 213 44.54 0.73 -9.05
C GLN D 213 45.53 -0.32 -9.55
N THR D 214 46.80 0.04 -9.69
CA THR D 214 47.82 -0.91 -10.11
C THR D 214 48.07 -1.98 -9.06
N ASN D 215 48.26 -1.57 -7.80
CA ASN D 215 48.52 -2.54 -6.73
C ASN D 215 47.37 -3.51 -6.53
N LEU D 216 46.19 -3.20 -7.07
CA LEU D 216 45.03 -4.08 -7.00
C LEU D 216 45.01 -5.11 -8.12
N ALA D 217 45.39 -4.72 -9.34
CA ALA D 217 45.48 -5.69 -10.43
C ALA D 217 46.60 -6.70 -10.17
N LYS D 218 47.68 -6.28 -9.51
CA LYS D 218 48.77 -7.18 -9.17
C LYS D 218 48.49 -8.01 -7.92
N SER D 219 47.29 -7.91 -7.35
CA SER D 219 47.00 -8.49 -6.05
C SER D 219 46.75 -9.99 -6.16
N ASP D 220 46.51 -10.64 -5.01
CA ASP D 220 46.06 -12.02 -4.96
C ASP D 220 44.57 -12.14 -4.67
N LEU D 221 43.82 -11.06 -4.85
CA LEU D 221 42.41 -11.08 -4.52
C LEU D 221 41.59 -11.68 -5.66
N ASN D 222 40.41 -12.18 -5.31
CA ASN D 222 39.54 -12.80 -6.29
C ASN D 222 38.89 -11.71 -7.14
N ILE D 223 39.59 -11.28 -8.19
CA ILE D 223 39.12 -10.23 -9.08
C ILE D 223 39.20 -10.76 -10.51
N SER D 224 38.13 -10.55 -11.27
CA SER D 224 38.09 -11.02 -12.64
C SER D 224 39.20 -10.38 -13.47
N LEU D 225 39.57 -11.07 -14.55
CA LEU D 225 40.58 -10.52 -15.45
C LEU D 225 40.06 -9.25 -16.11
N LYS D 226 38.78 -9.24 -16.48
CA LYS D 226 38.22 -8.06 -17.13
C LYS D 226 38.11 -6.89 -16.15
N ASP D 227 37.97 -7.18 -14.85
CA ASP D 227 38.05 -6.12 -13.84
C ASP D 227 39.46 -5.58 -13.74
N ARG D 228 40.46 -6.47 -13.71
CA ARG D 228 41.85 -6.03 -13.70
C ARG D 228 42.20 -5.24 -14.96
N ILE D 229 41.48 -5.47 -16.07
CA ILE D 229 41.69 -4.69 -17.28
C ILE D 229 41.18 -3.27 -17.08
N ILE D 230 40.03 -3.14 -16.40
CA ILE D 230 39.50 -1.81 -16.09
C ILE D 230 40.49 -1.05 -15.20
N LEU D 231 40.94 -1.69 -14.12
CA LEU D 231 41.87 -1.06 -13.19
C LEU D 231 43.10 -0.51 -13.91
N LEU D 232 43.78 -1.37 -14.67
CA LEU D 232 45.00 -0.94 -15.34
C LEU D 232 44.74 0.09 -16.43
N SER D 233 43.57 0.02 -17.07
CA SER D 233 43.26 1.00 -18.11
C SER D 233 42.96 2.37 -17.50
N ARG D 234 42.36 2.39 -16.31
CA ARG D 234 42.20 3.64 -15.58
C ARG D 234 43.53 4.12 -15.03
N ALA D 235 44.36 3.18 -14.54
CA ALA D 235 45.66 3.55 -13.99
C ALA D 235 46.54 4.21 -15.04
N LYS D 236 46.51 3.72 -16.28
CA LYS D 236 47.30 4.35 -17.33
C LYS D 236 46.82 5.78 -17.57
N GLY D 237 45.53 6.03 -17.44
CA GLY D 237 45.03 7.38 -17.64
C GLY D 237 45.35 8.29 -16.46
N ASN D 238 45.08 7.82 -15.24
CA ASN D 238 45.36 8.62 -14.05
C ASN D 238 46.85 8.91 -13.92
N ALA D 239 47.71 8.06 -14.47
CA ALA D 239 49.14 8.26 -14.44
C ALA D 239 49.68 8.90 -15.72
N SER D 240 48.79 9.30 -16.64
CA SER D 240 49.22 9.97 -17.87
C SER D 240 49.31 11.47 -17.70
N VAL D 241 48.53 12.04 -16.79
CA VAL D 241 48.49 13.47 -16.53
C VAL D 241 49.14 13.72 -15.18
N ASN D 242 49.91 14.80 -15.11
CA ASN D 242 50.63 15.12 -13.88
C ASN D 242 49.64 15.32 -12.74
N THR D 243 50.11 15.01 -11.53
CA THR D 243 49.40 15.29 -10.31
C THR D 243 50.29 16.11 -9.40
N ILE D 244 49.69 17.07 -8.69
CA ILE D 244 50.45 17.99 -7.87
C ILE D 244 51.22 17.20 -6.82
N GLY D 245 52.53 17.42 -6.77
CA GLY D 245 53.37 16.86 -5.72
C GLY D 245 54.29 15.72 -6.13
N ILE D 246 53.86 14.88 -7.06
CA ILE D 246 54.65 13.72 -7.46
C ILE D 246 55.42 14.07 -8.72
N SER D 247 56.64 13.53 -8.81
CA SER D 247 57.59 13.91 -9.83
C SER D 247 57.11 13.50 -11.22
N ARG D 248 57.91 13.88 -12.22
CA ARG D 248 57.71 13.44 -13.59
C ARG D 248 58.22 12.01 -13.81
N GLN D 249 59.37 11.68 -13.24
CA GLN D 249 59.91 10.33 -13.40
C GLN D 249 59.04 9.30 -12.67
N GLN D 250 58.59 9.63 -11.47
CA GLN D 250 57.75 8.71 -10.71
C GLN D 250 56.41 8.50 -11.38
N GLN D 251 55.92 9.51 -12.09
CA GLN D 251 54.68 9.39 -12.85
C GLN D 251 54.83 8.39 -13.98
N GLN D 252 55.89 8.51 -14.77
CA GLN D 252 56.13 7.61 -15.89
C GLN D 252 56.48 6.20 -15.42
N GLN D 253 57.18 6.08 -14.30
CA GLN D 253 57.49 4.76 -13.76
C GLN D 253 56.23 3.93 -13.53
N LEU D 254 55.12 4.59 -13.17
CA LEU D 254 53.87 3.91 -12.92
C LEU D 254 53.05 3.75 -14.20
N ASN D 255 53.08 4.75 -15.08
CA ASN D 255 52.38 4.62 -16.35
C ASN D 255 52.98 3.51 -17.20
N HIS D 256 54.30 3.38 -17.21
CA HIS D 256 54.95 2.30 -17.95
C HIS D 256 54.55 0.95 -17.38
N GLU D 257 54.55 0.82 -16.05
CA GLU D 257 54.13 -0.44 -15.44
C GLU D 257 52.70 -0.78 -15.81
N ALA D 258 51.80 0.21 -15.78
CA ALA D 258 50.41 -0.03 -16.14
C ALA D 258 50.28 -0.42 -17.60
N SER D 259 51.01 0.26 -18.49
CA SER D 259 50.94 -0.06 -19.91
C SER D 259 51.42 -1.48 -20.19
N GLU D 260 52.55 -1.87 -19.59
CA GLU D 260 53.05 -3.23 -19.75
C GLU D 260 51.97 -4.25 -19.39
N LEU D 261 51.45 -4.17 -18.16
CA LEU D 261 50.45 -5.12 -17.71
C LEU D 261 49.17 -5.00 -18.54
N LEU D 262 48.77 -3.78 -18.89
CA LEU D 262 47.57 -3.62 -19.70
C LEU D 262 47.72 -4.33 -21.04
N GLU D 263 48.89 -4.21 -21.66
CA GLU D 263 49.15 -4.89 -22.92
C GLU D 263 49.03 -6.40 -22.76
N ILE D 264 49.63 -6.95 -21.69
CA ILE D 264 49.57 -8.39 -21.44
C ILE D 264 48.13 -8.81 -21.15
N ALA D 265 47.47 -8.13 -20.22
CA ALA D 265 46.11 -8.51 -19.84
C ALA D 265 45.16 -8.49 -21.03
N HIS D 266 45.35 -7.55 -21.97
CA HIS D 266 44.52 -7.51 -23.16
C HIS D 266 44.72 -8.76 -24.00
N ILE D 267 45.99 -9.14 -24.21
CA ILE D 267 46.31 -10.38 -24.92
C ILE D 267 45.66 -11.56 -24.22
N GLN D 268 45.92 -11.71 -22.91
CA GLN D 268 45.36 -12.81 -22.15
C GLN D 268 43.84 -12.86 -22.27
N ASP D 269 43.19 -11.71 -22.21
CA ASP D 269 41.73 -11.68 -22.38
C ASP D 269 41.34 -12.12 -23.78
N ASP D 270 41.93 -11.50 -24.81
CA ASP D 270 41.60 -11.88 -26.17
C ASP D 270 41.93 -13.34 -26.43
N LEU D 271 42.91 -13.88 -25.72
CA LEU D 271 43.24 -15.29 -25.84
C LEU D 271 42.12 -16.15 -25.26
N LEU D 272 41.78 -15.92 -23.99
CA LEU D 272 40.69 -16.66 -23.34
C LEU D 272 39.39 -16.54 -24.13
N GLU D 273 39.06 -15.34 -24.61
CA GLU D 273 37.85 -15.15 -25.40
C GLU D 273 37.84 -16.07 -26.61
N ARG D 274 39.00 -16.25 -27.26
CA ARG D 274 39.11 -17.07 -28.46
C ARG D 274 39.18 -18.55 -28.14
N LEU D 275 39.95 -18.91 -27.10
CA LEU D 275 40.08 -20.32 -26.71
C LEU D 275 38.75 -20.94 -26.35
N VAL D 276 37.93 -20.23 -25.58
CA VAL D 276 36.64 -20.79 -25.19
C VAL D 276 35.71 -20.91 -26.39
N ALA D 277 35.77 -19.96 -27.31
CA ALA D 277 34.91 -19.95 -28.48
C ALA D 277 35.50 -20.71 -29.66
N ASP D 278 36.55 -21.49 -29.44
CA ASP D 278 37.22 -22.22 -30.51
C ASP D 278 36.67 -23.63 -30.56
N PRO D 279 35.98 -24.04 -31.64
CA PRO D 279 35.44 -25.42 -31.68
C PRO D 279 36.53 -26.47 -31.63
N ARG D 280 37.77 -26.10 -31.95
CA ARG D 280 38.87 -27.06 -32.05
C ARG D 280 39.29 -27.60 -30.69
N ILE D 281 38.87 -26.94 -29.60
CA ILE D 281 39.33 -27.28 -28.25
C ILE D 281 38.29 -28.17 -27.58
N PRO D 282 38.68 -29.17 -26.80
CA PRO D 282 37.69 -30.00 -26.11
C PRO D 282 37.02 -29.20 -25.01
N GLU D 283 35.73 -29.51 -24.81
CA GLU D 283 34.91 -28.76 -23.87
C GLU D 283 35.35 -28.98 -22.43
N GLU D 284 36.08 -30.06 -22.16
CA GLU D 284 36.61 -30.35 -20.83
C GLU D 284 37.86 -29.53 -20.52
N ARG D 285 38.74 -29.36 -21.51
CA ARG D 285 39.95 -28.57 -21.30
C ARG D 285 39.60 -27.10 -21.15
N LYS D 286 38.59 -26.63 -21.88
CA LYS D 286 38.19 -25.23 -21.81
C LYS D 286 37.91 -24.79 -20.39
N ALA D 287 37.32 -25.68 -19.58
CA ALA D 287 37.07 -25.35 -18.18
C ALA D 287 38.36 -25.18 -17.41
N GLU D 288 39.36 -26.00 -17.72
CA GLU D 288 40.68 -25.88 -17.08
C GLU D 288 41.37 -24.58 -17.46
N ILE D 289 41.13 -24.09 -18.68
CA ILE D 289 41.72 -22.82 -19.11
C ILE D 289 41.08 -21.66 -18.36
N GLU D 290 39.75 -21.53 -18.49
CA GLU D 290 39.06 -20.36 -17.97
C GLU D 290 39.27 -20.19 -16.47
N GLU D 291 39.33 -21.30 -15.73
CA GLU D 291 39.62 -21.18 -14.30
C GLU D 291 41.02 -20.58 -14.08
N PHE D 292 41.98 -21.00 -14.90
CA PHE D 292 43.36 -20.51 -14.81
C PHE D 292 43.51 -19.09 -15.39
N LEU D 293 42.88 -18.81 -16.53
CA LEU D 293 43.11 -17.54 -17.23
C LEU D 293 42.28 -16.40 -16.65
N ASP D 294 41.03 -16.66 -16.28
CA ASP D 294 40.10 -15.62 -15.88
C ASP D 294 40.36 -15.26 -14.42
N GLY D 295 41.45 -14.53 -14.20
CA GLY D 295 41.82 -14.10 -12.87
C GLY D 295 43.06 -13.22 -12.87
N PRO D 296 44.11 -13.63 -12.16
CA PRO D 296 45.36 -12.85 -12.17
C PRO D 296 46.02 -12.88 -13.54
N ILE D 297 46.92 -11.92 -13.77
CA ILE D 297 47.57 -11.79 -15.08
C ILE D 297 48.78 -12.70 -15.10
N ARG D 298 48.77 -13.64 -16.05
CA ARG D 298 49.84 -14.63 -16.16
C ARG D 298 50.98 -14.10 -17.01
N THR D 299 52.09 -14.84 -16.97
CA THR D 299 53.29 -14.50 -17.72
C THR D 299 53.14 -14.81 -19.19
N LEU D 300 53.88 -14.06 -20.02
CA LEU D 300 53.85 -14.31 -21.45
C LEU D 300 54.32 -15.72 -21.76
N THR D 301 55.21 -16.26 -20.94
CA THR D 301 55.62 -17.64 -21.11
C THR D 301 54.42 -18.58 -21.01
N ASP D 302 53.61 -18.42 -19.96
CA ASP D 302 52.43 -19.27 -19.80
C ASP D 302 51.45 -19.04 -20.93
N LEU D 303 51.25 -17.78 -21.31
CA LEU D 303 50.27 -17.47 -22.34
C LEU D 303 50.69 -18.01 -23.70
N PHE D 304 51.99 -18.01 -23.97
CA PHE D 304 52.50 -18.38 -25.29
C PHE D 304 52.51 -19.89 -25.48
N ASN D 305 53.19 -20.61 -24.60
CA ASN D 305 53.44 -22.02 -24.84
C ASN D 305 52.17 -22.86 -24.77
N ASP D 306 51.65 -23.08 -23.57
CA ASP D 306 50.56 -24.03 -23.42
C ASP D 306 49.29 -23.62 -24.14
N TYR D 307 49.23 -22.45 -24.80
CA TYR D 307 47.98 -21.97 -25.36
C TYR D 307 48.15 -21.30 -26.72
N ALA D 308 48.77 -20.13 -26.75
CA ALA D 308 48.76 -19.33 -27.97
C ALA D 308 49.47 -20.03 -29.11
N ASP D 309 50.64 -20.63 -28.82
CA ASP D 309 51.43 -21.26 -29.87
C ASP D 309 50.82 -22.60 -30.30
N GLN D 310 50.30 -23.38 -29.35
CA GLN D 310 49.70 -24.66 -29.69
C GLN D 310 48.53 -24.49 -30.65
N ALA D 311 47.62 -23.58 -30.33
CA ALA D 311 46.44 -23.35 -31.15
C ALA D 311 46.77 -22.70 -32.48
N ASN D 312 48.03 -22.37 -32.73
CA ASN D 312 48.43 -21.72 -33.97
C ASN D 312 47.71 -20.39 -34.13
N TYR D 313 47.51 -19.69 -33.02
CA TYR D 313 47.02 -18.31 -33.03
C TYR D 313 48.22 -17.42 -33.38
N TYR D 314 48.51 -17.32 -34.68
CA TYR D 314 49.74 -16.65 -35.09
C TYR D 314 49.70 -15.16 -34.80
N ASP D 315 48.53 -14.52 -34.91
CA ASP D 315 48.45 -13.10 -34.66
C ASP D 315 48.77 -12.78 -33.20
N LEU D 316 48.15 -13.52 -32.27
CA LEU D 316 48.43 -13.30 -30.86
C LEU D 316 49.84 -13.73 -30.48
N CYS D 317 50.43 -14.65 -31.25
CA CYS D 317 51.82 -15.03 -31.01
C CYS D 317 52.75 -13.86 -31.29
N LEU D 318 52.45 -13.05 -32.31
CA LEU D 318 53.25 -11.87 -32.60
C LEU D 318 53.11 -10.82 -31.49
N LEU D 319 51.88 -10.59 -31.03
CA LEU D 319 51.68 -9.62 -29.96
C LEU D 319 52.48 -9.98 -28.73
N ILE D 320 52.65 -11.28 -28.46
CA ILE D 320 53.46 -11.71 -27.33
C ILE D 320 54.92 -11.39 -27.57
N PHE D 321 55.40 -11.58 -28.80
CA PHE D 321 56.78 -11.24 -29.12
C PHE D 321 57.04 -9.77 -28.85
N HIS D 322 56.12 -8.90 -29.27
CA HIS D 322 56.25 -7.47 -29.01
C HIS D 322 56.25 -7.18 -27.53
N ALA D 323 55.21 -7.65 -26.83
CA ALA D 323 55.08 -7.40 -25.40
C ALA D 323 56.26 -7.96 -24.62
N ALA D 324 57.00 -8.90 -25.21
CA ALA D 324 58.18 -9.47 -24.60
C ALA D 324 59.46 -8.92 -25.20
N ASP D 325 59.38 -7.92 -26.08
CA ASP D 325 60.53 -7.38 -26.78
C ASP D 325 61.40 -8.52 -27.30
N PHE D 326 60.75 -9.44 -28.02
CA PHE D 326 61.36 -10.67 -28.49
C PHE D 326 62.26 -10.36 -29.68
N HIS D 327 63.58 -10.44 -29.46
CA HIS D 327 64.57 -10.09 -30.47
C HIS D 327 64.94 -11.34 -31.25
N ASN D 328 64.32 -11.51 -32.41
CA ASN D 328 64.71 -12.57 -33.34
C ASN D 328 64.08 -12.31 -34.69
N PRO D 329 64.82 -11.74 -35.65
CA PRO D 329 64.18 -11.36 -36.92
C PRO D 329 63.60 -12.54 -37.67
N ARG D 330 64.21 -13.73 -37.52
CA ARG D 330 63.82 -14.90 -38.29
C ARG D 330 62.49 -15.46 -37.82
N THR D 331 62.40 -15.85 -36.55
CA THR D 331 61.13 -16.36 -36.02
C THR D 331 60.00 -15.36 -36.18
N ILE D 332 60.30 -14.06 -36.07
CA ILE D 332 59.27 -13.05 -36.28
C ILE D 332 58.73 -13.13 -37.70
N LEU D 333 59.61 -13.31 -38.68
CA LEU D 333 59.17 -13.35 -40.07
C LEU D 333 58.45 -14.63 -40.39
N ASP D 334 58.92 -15.76 -39.84
CA ASP D 334 58.23 -17.03 -40.04
C ASP D 334 56.79 -16.95 -39.55
N THR D 335 56.57 -16.29 -38.41
CA THR D 335 55.21 -16.16 -37.89
C THR D 335 54.37 -15.27 -38.78
N TRP D 336 54.97 -14.22 -39.34
CA TRP D 336 54.23 -13.34 -40.23
C TRP D 336 53.80 -14.08 -41.48
N ASN D 337 54.66 -14.97 -41.98
CA ASN D 337 54.32 -15.74 -43.17
C ASN D 337 53.17 -16.71 -42.88
N ASN D 338 53.23 -17.42 -41.75
CA ASN D 338 52.14 -18.32 -41.38
C ASN D 338 50.85 -17.56 -41.11
N LEU D 339 50.96 -16.39 -40.50
CA LEU D 339 49.76 -15.59 -40.23
C LEU D 339 49.08 -15.19 -41.53
N ILE D 340 49.87 -14.85 -42.54
CA ILE D 340 49.32 -14.46 -43.83
C ILE D 340 48.69 -15.65 -44.52
N ASN D 341 49.36 -16.79 -44.51
CA ASN D 341 48.87 -17.96 -45.23
C ASN D 341 47.57 -18.49 -44.62
N GLN D 342 47.56 -18.73 -43.30
CA GLN D 342 46.36 -19.21 -42.65
C GLN D 342 45.19 -18.25 -42.88
N SER D 343 45.46 -16.95 -42.94
CA SER D 343 44.40 -15.99 -43.22
C SER D 343 43.93 -16.12 -44.66
N HIS D 344 44.87 -16.25 -45.60
CA HIS D 344 44.50 -16.43 -47.00
C HIS D 344 43.68 -17.69 -47.20
N PHE D 345 44.06 -18.78 -46.52
CA PHE D 345 43.33 -20.04 -46.67
C PHE D 345 41.93 -19.93 -46.09
N GLU D 346 41.80 -19.40 -44.87
CA GLU D 346 40.49 -19.22 -44.26
C GLU D 346 39.62 -18.31 -45.10
N ALA D 347 40.22 -17.32 -45.77
CA ALA D 347 39.44 -16.38 -46.57
C ALA D 347 39.03 -17.00 -47.89
N GLU D 348 39.85 -17.90 -48.43
CA GLU D 348 39.51 -18.56 -49.68
C GLU D 348 38.41 -19.59 -49.46
N GLN D 349 38.43 -20.27 -48.31
CA GLN D 349 37.38 -21.23 -47.98
C GLN D 349 36.03 -20.55 -47.81
N ARG D 350 35.99 -19.38 -47.16
CA ARG D 350 34.74 -18.64 -47.02
C ARG D 350 34.15 -18.30 -48.39
N ARG D 351 34.98 -17.73 -49.28
CA ARG D 351 34.51 -17.38 -50.62
C ARG D 351 34.04 -18.61 -51.38
N GLU D 352 34.64 -19.77 -51.09
CA GLU D 352 34.21 -21.02 -51.72
C GLU D 352 32.81 -21.41 -51.26
N TYR D 353 32.49 -21.16 -49.99
CA TYR D 353 31.18 -21.53 -49.47
C TYR D 353 30.10 -20.60 -50.00
N TRP D 354 30.41 -19.32 -50.14
CA TRP D 354 29.46 -18.34 -50.65
C TRP D 354 29.26 -18.49 -52.15
N ALA D 372 26.48 -12.57 -45.53
CA ALA D 372 26.79 -11.52 -46.50
C ALA D 372 27.99 -11.90 -47.35
N GLU D 373 28.15 -11.24 -48.49
CA GLU D 373 29.26 -11.52 -49.40
C GLU D 373 30.58 -11.34 -48.65
N PRO D 374 31.36 -12.40 -48.45
CA PRO D 374 32.59 -12.30 -47.67
C PRO D 374 33.68 -11.59 -48.46
N PRO D 375 34.76 -11.22 -47.79
CA PRO D 375 35.82 -10.44 -48.46
C PRO D 375 36.78 -11.33 -49.24
N LEU D 376 37.38 -10.73 -50.28
CA LEU D 376 38.44 -11.42 -51.01
C LEU D 376 39.64 -11.66 -50.09
N PRO D 377 40.53 -12.59 -50.46
CA PRO D 377 41.61 -12.98 -49.52
C PRO D 377 42.44 -11.81 -49.00
N TYR D 378 42.95 -10.96 -49.90
CA TYR D 378 43.82 -9.87 -49.46
C TYR D 378 43.10 -8.91 -48.54
N VAL D 379 41.78 -8.78 -48.69
CA VAL D 379 41.00 -7.90 -47.81
C VAL D 379 41.10 -8.38 -46.38
N TYR D 380 40.91 -9.69 -46.17
CA TYR D 380 41.00 -10.23 -44.82
C TYR D 380 42.43 -10.15 -44.30
N VAL D 381 43.42 -10.36 -45.17
CA VAL D 381 44.81 -10.22 -44.76
C VAL D 381 45.13 -8.79 -44.37
N SER D 382 44.64 -7.82 -45.15
CA SER D 382 44.89 -6.41 -44.83
C SER D 382 44.37 -6.06 -43.44
N GLN D 383 43.19 -6.57 -43.08
CA GLN D 383 42.64 -6.32 -41.74
C GLN D 383 43.55 -6.88 -40.66
N GLN D 384 44.03 -8.12 -40.84
CA GLN D 384 44.85 -8.76 -39.81
C GLN D 384 46.17 -8.03 -39.60
N ILE D 385 46.64 -7.27 -40.59
CA ILE D 385 47.84 -6.48 -40.40
C ILE D 385 47.51 -5.17 -39.69
N GLN D 386 46.49 -4.46 -40.18
CA GLN D 386 46.03 -3.26 -39.49
C GLN D 386 45.79 -3.53 -38.01
N LEU D 387 45.21 -4.69 -37.69
CA LEU D 387 44.96 -5.04 -36.31
C LEU D 387 46.25 -5.08 -35.50
N ILE D 388 47.32 -5.65 -36.06
CA ILE D 388 48.60 -5.67 -35.36
C ILE D 388 49.24 -4.29 -35.40
N ALA D 389 49.20 -3.62 -36.55
CA ALA D 389 49.83 -2.31 -36.67
C ALA D 389 49.22 -1.34 -35.68
N HIS D 390 47.88 -1.27 -35.62
CA HIS D 390 47.22 -0.39 -34.66
C HIS D 390 47.46 -0.86 -33.23
N ARG D 391 47.39 -2.18 -33.00
CA ARG D 391 47.53 -2.67 -31.64
C ARG D 391 48.97 -2.57 -31.17
N THR D 392 49.93 -2.75 -32.08
CA THR D 392 51.34 -2.61 -31.76
C THR D 392 51.86 -1.18 -31.94
N SER D 393 51.27 -0.42 -32.86
CA SER D 393 51.78 0.91 -33.23
C SER D 393 53.15 0.85 -33.93
N LEU D 394 53.33 -0.09 -34.86
CA LEU D 394 54.42 -0.02 -35.84
C LEU D 394 55.80 -0.14 -35.20
N ASP D 395 55.94 -1.11 -34.30
CA ASP D 395 57.26 -1.47 -33.79
C ASP D 395 58.16 -1.91 -34.93
N SER D 396 59.42 -1.44 -34.90
CA SER D 396 60.36 -1.77 -35.96
C SER D 396 60.82 -3.22 -35.90
N LEU D 397 60.64 -3.88 -34.76
CA LEU D 397 61.13 -5.24 -34.56
C LEU D 397 60.15 -6.31 -35.02
N ILE D 398 58.89 -6.22 -34.59
CA ILE D 398 57.88 -7.21 -35.00
C ILE D 398 57.10 -6.74 -36.22
N PHE D 399 57.43 -5.57 -36.77
CA PHE D 399 56.82 -5.07 -38.00
C PHE D 399 57.92 -4.64 -38.95
N PRO D 400 58.82 -5.55 -39.31
CA PRO D 400 59.99 -5.18 -40.11
C PRO D 400 59.64 -4.93 -41.57
N VAL D 401 59.42 -3.66 -41.93
CA VAL D 401 59.08 -3.33 -43.31
C VAL D 401 60.17 -3.78 -44.26
N ASN D 402 61.42 -3.87 -43.76
CA ASN D 402 62.54 -4.27 -44.59
C ASN D 402 62.31 -5.63 -45.23
N SER D 403 61.59 -6.52 -44.53
CA SER D 403 61.35 -7.89 -44.97
C SER D 403 59.87 -8.19 -45.13
N LEU D 404 59.02 -7.65 -44.26
CA LEU D 404 57.60 -7.98 -44.30
C LEU D 404 56.94 -7.46 -45.57
N LEU D 405 57.28 -6.24 -45.99
CA LEU D 405 56.67 -5.68 -47.19
C LEU D 405 56.99 -6.52 -48.42
N PRO D 406 58.23 -6.95 -48.65
CA PRO D 406 58.49 -7.92 -49.72
C PRO D 406 57.65 -9.18 -49.60
N VAL D 407 57.45 -9.68 -48.38
CA VAL D 407 56.65 -10.90 -48.21
C VAL D 407 55.21 -10.64 -48.65
N VAL D 408 54.64 -9.51 -48.22
CA VAL D 408 53.27 -9.18 -48.61
C VAL D 408 53.18 -8.96 -50.12
N CYS D 409 54.18 -8.30 -50.70
CA CYS D 409 54.18 -8.08 -52.14
C CYS D 409 54.34 -9.40 -52.90
N ALA D 410 55.09 -10.35 -52.36
CA ALA D 410 55.19 -11.66 -53.01
C ALA D 410 53.87 -12.40 -52.94
N TYR D 411 53.24 -12.43 -51.75
CA TYR D 411 51.94 -13.06 -51.60
C TYR D 411 50.91 -12.44 -52.53
N ALA D 412 50.96 -11.12 -52.73
CA ALA D 412 50.01 -10.47 -53.60
C ALA D 412 50.15 -10.94 -55.04
N ILE D 413 51.28 -11.55 -55.37
CA ILE D 413 51.55 -12.06 -56.72
C ILE D 413 51.34 -13.58 -56.78
N ASN D 414 51.99 -14.33 -55.89
CA ASN D 414 51.90 -15.78 -55.92
C ASN D 414 50.47 -16.29 -55.70
N ASN D 415 49.60 -15.47 -55.09
CA ASN D 415 48.21 -15.81 -54.90
C ASN D 415 47.28 -14.98 -55.78
N GLY D 416 47.84 -14.26 -56.74
CA GLY D 416 47.04 -13.53 -57.71
C GLY D 416 46.01 -12.56 -57.14
N GLN D 417 46.44 -11.75 -56.17
CA GLN D 417 45.59 -10.71 -55.60
C GLN D 417 45.88 -9.39 -56.32
N ASP D 418 45.22 -9.19 -57.46
CA ASP D 418 45.53 -8.05 -58.33
C ASP D 418 44.25 -7.63 -59.05
N ALA D 419 44.43 -6.91 -60.18
CA ALA D 419 43.30 -6.45 -60.98
C ALA D 419 42.42 -7.58 -61.47
N SER D 420 42.94 -8.81 -61.52
CA SER D 420 42.15 -9.93 -62.01
C SER D 420 40.88 -10.13 -61.19
N ILE D 421 40.96 -9.93 -59.88
CA ILE D 421 39.83 -10.11 -58.98
C ILE D 421 39.19 -8.78 -58.59
N GLY D 422 39.54 -7.69 -59.29
CA GLY D 422 39.00 -6.39 -58.98
C GLY D 422 39.71 -5.66 -57.86
N ALA D 423 40.90 -6.11 -57.47
CA ALA D 423 41.66 -5.46 -56.42
C ALA D 423 42.55 -4.36 -57.00
N ASP D 424 42.79 -3.32 -56.19
CA ASP D 424 43.73 -2.28 -56.55
C ASP D 424 45.12 -2.90 -56.66
N PRO D 425 45.74 -2.91 -57.85
CA PRO D 425 47.05 -3.56 -57.98
C PRO D 425 48.09 -3.05 -57.00
N CYS D 426 47.92 -1.83 -56.50
CA CYS D 426 48.84 -1.23 -55.53
C CYS D 426 48.33 -1.34 -54.11
N TRP D 427 47.58 -2.41 -53.79
CA TRP D 427 47.00 -2.56 -52.47
C TRP D 427 48.02 -2.89 -51.38
N PRO D 428 49.14 -3.56 -51.71
CA PRO D 428 50.17 -3.75 -50.68
C PRO D 428 50.86 -2.45 -50.31
N ILE D 429 51.07 -1.56 -51.28
CA ILE D 429 51.66 -0.26 -51.01
C ILE D 429 50.68 0.64 -50.26
N GLN D 430 49.46 0.77 -50.78
CA GLN D 430 48.45 1.56 -50.11
C GLN D 430 48.29 1.16 -48.66
N LEU D 431 48.45 -0.13 -48.36
CA LEU D 431 48.25 -0.62 -46.99
C LEU D 431 49.28 -0.04 -46.03
N PHE D 432 50.57 -0.16 -46.37
CA PHE D 432 51.62 0.27 -45.46
C PHE D 432 51.63 1.79 -45.33
N LEU D 433 51.47 2.50 -46.45
CA LEU D 433 51.45 3.96 -46.41
C LEU D 433 50.37 4.47 -45.46
N ASN D 434 49.12 4.04 -45.69
CA ASN D 434 47.99 4.52 -44.89
C ASN D 434 48.09 4.11 -43.43
N LEU D 435 48.89 3.09 -43.12
CA LEU D 435 49.04 2.68 -41.73
C LEU D 435 49.97 3.57 -40.94
N GLY D 436 50.67 4.51 -41.59
CA GLY D 436 51.60 5.39 -40.94
C GLY D 436 53.06 5.07 -41.19
N VAL D 437 53.35 4.17 -42.11
CA VAL D 437 54.74 3.87 -42.46
C VAL D 437 55.30 5.06 -43.25
N PRO D 438 56.51 5.53 -42.96
CA PRO D 438 57.03 6.68 -43.70
C PRO D 438 57.14 6.37 -45.18
N HIS D 439 56.68 7.33 -46.00
CA HIS D 439 56.84 7.21 -47.45
C HIS D 439 58.29 6.96 -47.82
N ALA D 440 59.21 7.67 -47.17
CA ALA D 440 60.63 7.55 -47.47
C ALA D 440 61.16 6.13 -47.28
N LEU D 441 60.51 5.33 -46.43
CA LEU D 441 60.96 3.96 -46.20
C LEU D 441 60.38 2.97 -47.20
N VAL D 442 59.09 3.10 -47.53
CA VAL D 442 58.48 2.21 -48.52
C VAL D 442 59.25 2.26 -49.83
N VAL D 443 59.56 3.48 -50.31
CA VAL D 443 60.34 3.60 -51.52
C VAL D 443 61.75 3.07 -51.30
N GLN D 444 62.23 3.11 -50.06
CA GLN D 444 63.57 2.60 -49.75
C GLN D 444 63.62 1.08 -49.87
N VAL D 445 62.49 0.41 -49.65
CA VAL D 445 62.39 -1.06 -49.76
C VAL D 445 62.12 -1.50 -51.19
N LEU D 446 61.14 -0.88 -51.86
CA LEU D 446 60.85 -1.25 -53.24
C LEU D 446 62.08 -1.10 -54.13
N GLU D 447 62.94 -0.13 -53.82
CA GLU D 447 64.21 0.00 -54.53
C GLU D 447 65.00 -1.29 -54.44
N ASN D 448 65.09 -1.86 -53.24
CA ASN D 448 65.86 -3.09 -53.05
C ASN D 448 65.23 -4.28 -53.77
N VAL D 449 63.90 -4.26 -53.96
CA VAL D 449 63.22 -5.35 -54.65
C VAL D 449 63.47 -5.28 -56.14
N LEU D 450 63.52 -4.06 -56.67
CA LEU D 450 63.64 -3.88 -58.12
C LEU D 450 65.03 -4.22 -58.63
N ASP D 451 66.04 -4.11 -57.78
CA ASP D 451 67.42 -4.35 -58.20
C ASP D 451 67.78 -5.84 -58.11
N THR D 452 67.54 -6.44 -56.94
CA THR D 452 67.87 -7.85 -56.74
C THR D 452 67.16 -8.76 -57.74
N GLN D 453 65.86 -8.51 -57.97
CA GLN D 453 65.06 -9.32 -58.88
C GLN D 453 65.03 -10.79 -58.45
N GLU D 454 64.82 -11.01 -57.15
CA GLU D 454 64.56 -12.36 -56.64
C GLU D 454 63.08 -12.69 -56.80
N ALA D 455 62.79 -13.93 -57.15
CA ALA D 455 61.40 -14.35 -57.38
C ALA D 455 60.60 -14.16 -56.12
N PRO D 456 59.28 -13.90 -56.25
CA PRO D 456 58.49 -13.81 -57.47
C PRO D 456 58.59 -12.49 -58.21
N PHE D 457 59.48 -11.59 -57.75
CA PHE D 457 59.62 -10.28 -58.36
C PHE D 457 60.55 -10.35 -59.56
N THR D 458 60.25 -11.25 -60.49
CA THR D 458 61.12 -11.56 -61.62
C THR D 458 60.38 -11.36 -62.94
N GLY D 459 61.18 -11.31 -64.01
CA GLY D 459 60.63 -11.30 -65.35
C GLY D 459 59.71 -10.13 -65.59
N ARG D 460 58.65 -10.39 -66.37
CA ARG D 460 57.73 -9.35 -66.78
C ARG D 460 56.82 -8.90 -65.64
N ARG D 461 56.89 -9.55 -64.47
CA ARG D 461 56.10 -9.11 -63.32
C ARG D 461 56.67 -7.84 -62.72
N ARG D 462 57.92 -7.50 -63.02
CA ARG D 462 58.51 -6.26 -62.52
C ARG D 462 57.75 -5.04 -63.01
N LYS D 463 56.91 -5.21 -64.04
CA LYS D 463 55.96 -4.17 -64.42
C LYS D 463 55.11 -3.73 -63.24
N LEU D 464 54.72 -4.68 -62.39
CA LEU D 464 53.93 -4.34 -61.21
C LEU D 464 54.77 -3.65 -60.15
N VAL D 465 56.06 -3.99 -60.06
CA VAL D 465 56.93 -3.32 -59.10
C VAL D 465 57.05 -1.84 -59.42
N VAL D 466 57.15 -1.50 -60.71
CA VAL D 466 57.23 -0.09 -61.09
C VAL D 466 55.92 0.61 -60.75
N GLN D 467 54.78 -0.05 -60.99
CA GLN D 467 53.50 0.52 -60.58
C GLN D 467 53.49 0.83 -59.09
N TRP D 468 54.01 -0.10 -58.28
CA TRP D 468 54.13 0.15 -56.84
C TRP D 468 55.03 1.35 -56.57
N ILE D 469 56.18 1.40 -57.25
CA ILE D 469 57.12 2.51 -57.04
C ILE D 469 56.47 3.82 -57.46
N ALA D 470 55.72 3.81 -58.56
CA ALA D 470 55.06 5.03 -59.02
C ALA D 470 54.01 5.49 -58.02
N MET D 471 53.19 4.56 -57.55
CA MET D 471 52.16 4.89 -56.56
C MET D 471 52.80 5.41 -55.27
N ALA D 472 53.87 4.75 -54.80
CA ALA D 472 54.49 5.13 -53.52
C ALA D 472 55.07 6.54 -53.60
N VAL D 473 55.91 6.80 -54.60
CA VAL D 473 56.49 8.13 -54.77
C VAL D 473 55.39 9.15 -55.00
N ASP D 474 54.38 8.80 -55.79
CA ASP D 474 53.27 9.72 -56.07
C ASP D 474 52.56 10.14 -54.78
N MET D 475 52.28 9.18 -53.90
CA MET D 475 51.67 9.52 -52.62
C MET D 475 52.61 10.31 -51.72
N TRP D 476 53.90 10.32 -52.04
CA TRP D 476 54.89 11.06 -51.25
C TRP D 476 54.98 12.52 -51.69
N VAL D 477 55.06 12.77 -53.00
CA VAL D 477 55.13 14.15 -53.48
C VAL D 477 53.84 14.89 -53.19
N ARG D 478 52.70 14.19 -53.25
CA ARG D 478 51.43 14.79 -52.87
C ARG D 478 51.37 15.09 -51.37
N GLU D 479 52.17 14.39 -50.57
CA GLU D 479 52.25 14.63 -49.14
C GLU D 479 53.27 15.69 -48.76
N VAL D 480 54.18 16.05 -49.68
CA VAL D 480 55.14 17.13 -49.44
C VAL D 480 54.58 18.47 -49.92
N GLU D 481 53.94 18.48 -51.10
CA GLU D 481 53.29 19.71 -51.56
C GLU D 481 52.20 20.16 -50.59
N ARG D 482 51.64 19.22 -49.83
CA ARG D 482 50.70 19.56 -48.77
C ARG D 482 51.42 20.05 -47.52
N ARG D 483 52.58 19.47 -47.20
CA ARG D 483 53.29 19.80 -45.98
C ARG D 483 54.74 19.31 -46.03
N VAL D 500 66.06 10.38 -46.71
CA VAL D 500 65.58 11.66 -47.21
C VAL D 500 65.58 11.69 -48.74
N MET D 501 64.56 12.31 -49.32
CA MET D 501 64.47 12.38 -50.78
C MET D 501 65.66 13.15 -51.33
N GLY D 502 66.23 12.63 -52.41
CA GLY D 502 67.38 13.23 -53.04
C GLY D 502 67.62 12.69 -54.44
N SER D 503 68.89 12.50 -54.79
CA SER D 503 69.21 11.94 -56.11
C SER D 503 68.71 10.51 -56.22
N TRP D 504 68.78 9.75 -55.13
CA TRP D 504 68.50 8.31 -55.20
C TRP D 504 67.07 8.03 -55.61
N VAL D 505 66.13 8.95 -55.33
CA VAL D 505 64.75 8.75 -55.77
C VAL D 505 64.64 9.01 -57.27
N SER D 506 65.29 10.06 -57.76
CA SER D 506 65.33 10.27 -59.19
C SER D 506 66.13 9.15 -59.87
N GLU D 507 67.25 8.75 -59.26
CA GLU D 507 68.00 7.62 -59.77
C GLU D 507 67.14 6.37 -59.90
N LEU D 508 66.21 6.18 -58.97
CA LEU D 508 65.37 4.97 -58.99
C LEU D 508 64.39 5.03 -60.15
N LEU D 509 63.64 6.13 -60.26
CA LEU D 509 62.73 6.28 -61.38
C LEU D 509 63.47 6.12 -62.69
N GLY D 510 64.75 6.46 -62.72
CA GLY D 510 65.55 6.28 -63.92
C GLY D 510 65.72 4.80 -64.28
N ARG D 511 66.03 3.97 -63.29
CA ARG D 511 66.07 2.53 -63.55
C ARG D 511 64.68 2.00 -63.85
N ALA D 512 63.65 2.57 -63.23
CA ALA D 512 62.29 2.13 -63.50
C ALA D 512 61.94 2.27 -64.97
N ASP D 513 62.58 3.21 -65.66
CA ASP D 513 62.28 3.38 -67.07
C ASP D 513 62.99 2.32 -67.92
N GLN D 514 64.24 1.99 -67.57
CA GLN D 514 64.93 0.88 -68.24
C GLN D 514 64.15 -0.40 -68.11
N VAL D 515 63.50 -0.62 -66.96
CA VAL D 515 62.74 -1.84 -66.72
C VAL D 515 61.57 -1.94 -67.68
N LEU D 516 60.87 -0.82 -67.92
CA LEU D 516 59.70 -0.87 -68.77
C LEU D 516 60.07 -1.11 -70.23
N THR D 517 61.25 -0.65 -70.65
CA THR D 517 61.72 -0.89 -72.02
C THR D 517 62.25 -2.30 -72.20
N GLN D 518 63.04 -2.80 -71.24
CA GLN D 518 63.54 -4.16 -71.35
C GLN D 518 62.41 -5.18 -71.39
N ILE D 519 61.30 -4.86 -70.75
CA ILE D 519 60.13 -5.75 -70.76
C ILE D 519 59.24 -5.51 -71.98
N ALA D 520 59.26 -4.30 -72.53
CA ALA D 520 58.48 -4.01 -73.73
C ALA D 520 59.01 -4.73 -74.96
N GLY D 521 60.29 -5.12 -74.95
CA GLY D 521 60.88 -5.82 -76.07
C GLY D 521 60.56 -7.29 -76.09
N THR D 522 60.91 -8.00 -75.01
CA THR D 522 60.65 -9.44 -74.93
C THR D 522 59.17 -9.78 -75.03
N GLY D 523 58.28 -8.82 -74.73
CA GLY D 523 56.85 -9.05 -74.79
C GLY D 523 56.36 -9.14 -76.22
N SER D 529 49.68 -8.05 -74.94
CA SER D 529 48.57 -7.19 -75.33
C SER D 529 48.52 -5.94 -74.46
N ASP D 530 49.18 -6.00 -73.30
CA ASP D 530 49.32 -4.85 -72.42
C ASP D 530 50.42 -3.89 -72.90
N ALA D 531 50.83 -4.01 -74.16
CA ALA D 531 51.92 -3.21 -74.70
C ALA D 531 51.68 -1.70 -74.50
N GLU D 532 50.42 -1.28 -74.46
CA GLU D 532 50.10 0.14 -74.31
C GLU D 532 49.97 0.57 -72.86
N GLU D 533 49.56 -0.34 -71.98
CA GLU D 533 49.57 -0.03 -70.55
C GLU D 533 50.98 0.31 -70.10
N ILE D 534 51.95 -0.52 -70.51
CA ILE D 534 53.36 -0.27 -70.21
C ILE D 534 53.76 1.12 -70.72
N ALA D 535 53.40 1.41 -71.97
CA ALA D 535 53.76 2.70 -72.56
C ALA D 535 53.19 3.85 -71.74
N SER D 536 51.93 3.73 -71.30
CA SER D 536 51.33 4.80 -70.51
C SER D 536 52.01 4.96 -69.17
N LEU D 537 52.55 3.87 -68.63
CA LEU D 537 53.25 3.95 -67.35
C LEU D 537 54.62 4.60 -67.53
N ARG D 538 55.31 4.28 -68.64
CA ARG D 538 56.58 4.92 -68.93
C ARG D 538 56.45 6.43 -68.95
N ARG D 539 55.34 6.92 -69.51
CA ARG D 539 55.11 8.35 -69.63
C ARG D 539 54.61 8.96 -68.32
N THR D 540 54.25 8.15 -67.33
CA THR D 540 53.94 8.62 -65.98
C THR D 540 55.17 8.70 -65.08
N VAL D 541 56.15 7.81 -65.28
CA VAL D 541 57.37 7.84 -64.48
C VAL D 541 58.20 9.07 -64.81
N LYS D 542 58.51 9.27 -66.10
CA LYS D 542 59.26 10.45 -66.51
C LYS D 542 58.57 11.74 -66.07
N GLY D 543 57.26 11.68 -65.83
CA GLY D 543 56.58 12.81 -65.23
C GLY D 543 56.92 12.98 -63.76
N LEU D 544 57.02 11.88 -63.02
CA LEU D 544 57.40 11.94 -61.62
C LEU D 544 58.87 12.34 -61.47
N LYS D 545 59.70 11.93 -62.42
CA LYS D 545 61.12 12.27 -62.36
C LYS D 545 61.33 13.78 -62.40
N ARG D 546 60.52 14.48 -63.22
CA ARG D 546 60.59 15.94 -63.25
C ARG D 546 60.20 16.55 -61.92
N SER D 547 59.18 15.98 -61.26
CA SER D 547 58.70 16.55 -60.01
C SER D 547 59.76 16.52 -58.91
N VAL D 548 60.76 15.65 -59.03
CA VAL D 548 61.79 15.52 -58.01
C VAL D 548 62.99 16.40 -58.31
N ASP D 549 63.40 16.48 -59.58
CA ASP D 549 64.58 17.26 -59.96
C ASP D 549 64.37 18.77 -59.74
N LYS E 4 14.53 -13.97 6.11
CA LYS E 4 14.34 -14.22 4.69
C LYS E 4 14.15 -15.72 4.41
N LEU E 5 13.56 -16.03 3.26
CA LEU E 5 13.25 -17.39 2.85
C LEU E 5 13.83 -17.66 1.47
N VAL E 6 14.35 -18.86 1.29
CA VAL E 6 14.95 -19.28 0.01
C VAL E 6 14.52 -20.69 -0.31
N ILE E 7 13.59 -20.84 -1.27
CA ILE E 7 13.17 -22.17 -1.71
C ILE E 7 14.22 -22.73 -2.66
N ASN E 8 14.49 -24.03 -2.52
CA ASN E 8 15.50 -24.72 -3.33
C ASN E 8 15.04 -26.16 -3.48
N LYS E 9 14.11 -26.39 -4.41
CA LYS E 9 13.62 -27.75 -4.62
C LYS E 9 14.66 -28.67 -5.25
N ASP E 10 15.79 -28.12 -5.70
CA ASP E 10 16.80 -28.91 -6.40
C ASP E 10 17.40 -29.96 -5.49
N MET E 11 18.23 -29.53 -4.53
CA MET E 11 19.02 -30.45 -3.72
C MET E 11 18.46 -30.44 -2.30
N ARG E 12 17.85 -31.56 -1.90
CA ARG E 12 17.34 -31.75 -0.56
C ARG E 12 17.79 -33.11 -0.01
N THR E 13 17.17 -33.56 1.07
CA THR E 13 17.40 -34.88 1.64
C THR E 13 16.06 -35.60 1.72
N ASP E 14 15.98 -36.77 1.11
CA ASP E 14 14.72 -37.49 1.01
C ASP E 14 14.12 -37.68 2.40
N LEU E 15 13.01 -36.99 2.68
CA LEU E 15 12.36 -37.07 3.97
C LEU E 15 11.75 -38.44 4.25
N PHE E 16 11.53 -39.28 3.23
CA PHE E 16 10.87 -40.56 3.40
C PHE E 16 11.79 -41.75 3.15
N SER E 17 13.06 -41.66 3.58
CA SER E 17 13.96 -42.79 3.51
C SER E 17 15.12 -42.56 4.46
N PRO E 18 15.65 -43.60 5.10
CA PRO E 18 16.87 -43.46 5.89
C PRO E 18 18.10 -43.24 5.01
N PRO E 19 19.24 -42.93 5.61
CA PRO E 19 20.42 -42.54 4.82
C PRO E 19 21.27 -43.70 4.33
N ASN E 20 21.89 -43.48 3.18
CA ASN E 20 22.78 -44.47 2.55
C ASN E 20 23.97 -44.82 3.43
N LYS F 4 -62.48 1.06 14.34
CA LYS F 4 -63.59 1.11 13.40
C LYS F 4 -63.53 -0.07 12.45
N LEU F 5 -64.46 -1.02 12.62
CA LEU F 5 -64.53 -2.20 11.78
C LEU F 5 -65.93 -2.33 11.19
N VAL F 6 -65.98 -2.72 9.92
CA VAL F 6 -67.22 -2.87 9.17
C VAL F 6 -67.09 -4.13 8.32
N ILE F 7 -67.79 -5.18 8.69
CA ILE F 7 -67.79 -6.42 7.91
C ILE F 7 -68.73 -6.25 6.72
N ASN F 8 -68.27 -6.66 5.54
CA ASN F 8 -69.06 -6.59 4.31
C ASN F 8 -68.73 -7.82 3.48
N LYS F 9 -69.44 -8.91 3.73
CA LYS F 9 -69.25 -10.15 2.98
C LYS F 9 -69.71 -10.03 1.52
N ASP F 10 -70.39 -8.95 1.16
CA ASP F 10 -71.05 -8.86 -0.12
C ASP F 10 -70.05 -8.82 -1.26
N MET F 11 -69.32 -7.70 -1.39
CA MET F 11 -68.42 -7.48 -2.51
C MET F 11 -67.00 -7.46 -1.99
N ARG F 12 -66.23 -8.50 -2.35
CA ARG F 12 -64.84 -8.62 -1.96
C ARG F 12 -64.01 -8.85 -3.22
N THR F 13 -62.84 -9.45 -3.03
CA THR F 13 -61.97 -9.88 -4.12
C THR F 13 -61.59 -11.32 -3.85
N ASP F 14 -61.89 -12.21 -4.79
CA ASP F 14 -61.61 -13.63 -4.61
C ASP F 14 -60.14 -13.81 -4.28
N LEU F 15 -59.86 -14.14 -3.01
CA LEU F 15 -58.49 -14.36 -2.56
C LEU F 15 -57.85 -15.56 -3.24
N PHE F 16 -58.64 -16.42 -3.91
CA PHE F 16 -58.16 -17.65 -4.52
C PHE F 16 -58.24 -17.62 -6.04
N SER F 17 -58.26 -16.43 -6.64
CA SER F 17 -58.25 -16.27 -8.08
C SER F 17 -57.33 -15.12 -8.45
N PRO F 18 -56.55 -15.27 -9.52
CA PRO F 18 -55.64 -14.20 -9.94
C PRO F 18 -56.40 -12.99 -10.44
N PRO F 19 -55.69 -11.87 -10.66
CA PRO F 19 -56.34 -10.63 -11.10
C PRO F 19 -56.42 -10.53 -12.62
N ASN F 20 -57.34 -9.67 -13.07
CA ASN F 20 -57.52 -9.41 -14.50
C ASN F 20 -57.76 -10.68 -15.30
N HIS G 2 -19.68 7.25 -16.50
CA HIS G 2 -19.45 6.69 -15.16
C HIS G 2 -18.09 6.01 -15.08
N LYS G 3 -17.32 6.34 -14.04
CA LYS G 3 -16.07 5.68 -13.72
C LYS G 3 -16.27 4.59 -12.68
N LYS G 4 -17.30 3.78 -12.85
CA LYS G 4 -17.57 2.63 -11.99
C LYS G 4 -18.14 1.53 -12.87
N LEU G 5 -17.52 0.36 -12.83
CA LEU G 5 -17.84 -0.74 -13.73
C LEU G 5 -18.82 -1.72 -13.10
N VAL G 6 -19.75 -2.20 -13.91
CA VAL G 6 -20.75 -3.17 -13.47
C VAL G 6 -20.88 -4.23 -14.55
N ILE G 7 -20.29 -5.39 -14.33
CA ILE G 7 -20.41 -6.50 -15.28
C ILE G 7 -21.77 -7.13 -15.10
N ASN G 8 -22.43 -7.47 -16.21
CA ASN G 8 -23.76 -8.09 -16.11
C ASN G 8 -24.01 -8.90 -17.39
N LYS G 9 -23.44 -10.10 -17.43
CA LYS G 9 -23.59 -10.97 -18.58
C LYS G 9 -25.00 -11.55 -18.67
N ASP G 10 -25.84 -11.33 -17.65
CA ASP G 10 -27.14 -11.98 -17.58
C ASP G 10 -28.02 -11.57 -18.74
N MET G 11 -28.27 -10.27 -18.88
CA MET G 11 -29.21 -9.73 -19.86
C MET G 11 -28.51 -8.64 -20.68
N ARG G 12 -27.93 -9.03 -21.80
CA ARG G 12 -27.33 -8.08 -22.73
C ARG G 12 -28.18 -8.05 -24.00
N THR G 13 -27.62 -7.45 -25.06
CA THR G 13 -28.27 -7.43 -26.37
C THR G 13 -27.30 -8.06 -27.37
N ASP G 14 -27.75 -9.11 -28.04
CA ASP G 14 -26.87 -9.86 -28.93
C ASP G 14 -26.22 -8.93 -29.94
N LEU G 15 -24.90 -8.77 -29.80
CA LEU G 15 -24.14 -7.89 -30.68
C LEU G 15 -24.11 -8.39 -32.12
N PHE G 16 -24.42 -9.67 -32.34
CA PHE G 16 -24.30 -10.33 -33.65
C PHE G 16 -25.66 -10.74 -34.21
N SER G 17 -26.64 -9.84 -34.21
CA SER G 17 -27.96 -10.16 -34.71
C SER G 17 -28.67 -8.88 -35.11
N PRO G 18 -29.56 -8.92 -36.10
CA PRO G 18 -30.41 -7.75 -36.36
C PRO G 18 -31.42 -7.58 -35.24
N PRO G 19 -32.04 -6.41 -35.11
CA PRO G 19 -32.94 -6.17 -33.96
C PRO G 19 -34.38 -6.57 -34.24
N ASN G 20 -35.07 -6.92 -33.16
CA ASN G 20 -36.46 -7.36 -33.23
C ASN G 20 -37.36 -6.27 -33.81
N LYS H 4 60.69 -11.65 -19.06
CA LYS H 4 60.94 -11.92 -20.47
C LYS H 4 60.06 -13.06 -20.98
N LEU H 5 60.48 -13.69 -22.08
CA LEU H 5 59.77 -14.80 -22.70
C LEU H 5 60.73 -15.98 -22.86
N VAL H 6 60.21 -17.18 -22.64
CA VAL H 6 61.00 -18.41 -22.72
C VAL H 6 60.14 -19.43 -23.46
N ILE H 7 60.50 -19.71 -24.72
CA ILE H 7 59.79 -20.72 -25.50
C ILE H 7 60.28 -22.10 -25.08
N ASN H 8 59.35 -23.03 -24.88
CA ASN H 8 59.68 -24.42 -24.51
C ASN H 8 58.67 -25.31 -25.23
N LYS H 9 58.99 -25.66 -26.48
CA LYS H 9 58.15 -26.56 -27.25
C LYS H 9 58.22 -28.00 -26.75
N ASP H 10 59.15 -28.33 -25.87
CA ASP H 10 59.39 -29.73 -25.51
C ASP H 10 58.24 -30.30 -24.70
N MET H 11 58.07 -29.84 -23.45
CA MET H 11 57.11 -30.43 -22.52
C MET H 11 55.99 -29.42 -22.27
N ARG H 12 54.81 -29.73 -22.78
CA ARG H 12 53.64 -28.87 -22.62
C ARG H 12 52.49 -29.70 -22.06
N THR H 13 51.27 -29.23 -22.29
CA THR H 13 50.05 -29.94 -21.94
C THR H 13 49.16 -29.95 -23.17
N ASP H 14 48.80 -31.15 -23.61
CA ASP H 14 48.02 -31.28 -24.83
C ASP H 14 46.74 -30.47 -24.74
N LEU H 15 46.70 -29.34 -25.46
CA LEU H 15 45.55 -28.46 -25.46
C LEU H 15 44.32 -29.08 -26.10
N PHE H 16 44.46 -30.20 -26.82
CA PHE H 16 43.36 -30.79 -27.58
C PHE H 16 42.92 -32.14 -27.02
N SER H 17 43.18 -32.40 -25.74
CA SER H 17 42.73 -33.59 -25.04
C SER H 17 42.33 -33.17 -23.62
N PRO H 18 41.30 -33.80 -23.05
CA PRO H 18 40.94 -33.46 -21.67
C PRO H 18 42.07 -33.82 -20.72
N PRO H 19 42.03 -33.34 -19.49
CA PRO H 19 43.15 -33.58 -18.57
C PRO H 19 43.02 -34.87 -17.77
N ASN H 20 44.19 -35.46 -17.50
CA ASN H 20 44.27 -36.69 -16.71
C ASN H 20 44.92 -36.41 -15.36
#